data_8DDJ
#
_entry.id   8DDJ
#
_cell.length_a   1.00
_cell.length_b   1.00
_cell.length_c   1.00
_cell.angle_alpha   90.00
_cell.angle_beta   90.00
_cell.angle_gamma   90.00
#
_symmetry.space_group_name_H-M   'P 1'
#
_entity_poly.entity_id   1
_entity_poly.type   'polypeptide(L)'
_entity_poly.pdbx_seq_one_letter_code
;MEDLNVVDSINGAGSWLVANQALLLSYAVNIVAALAIIIVGLIIARMISNAVNRLMISRKIDATVADFLSALVRYGIIAF
TLIAALGRVGVQTASVIAVLGAAGLAVGLALQGSLSNLAAGVLLVMFRPFRAGEYVDLGGVAGTVLSVQIFSTTMRTADG
KIIVIPNGKIIAGNIINFSREPVRRNEFIIGVAYDSDIDQVKQILTNIIQSEDRILKDREMTVRLNELGASSINFVVRVW
SNSGDLQNVYWDVLERIKREFDAAGISFPYPQMDVNFKRV
;
_entity_poly.pdbx_strand_id   A,B,C,D,E,F,G
#
# COMPACT_ATOMS: atom_id res chain seq x y z
N MET A 1 -51.84 27.13 14.90
CA MET A 1 -52.59 27.03 16.15
C MET A 1 -53.17 28.39 16.55
N GLU A 2 -54.38 28.67 16.05
CA GLU A 2 -55.07 29.94 16.26
C GLU A 2 -54.12 31.13 16.15
N ASP A 3 -53.87 31.79 17.27
CA ASP A 3 -53.04 32.99 17.30
C ASP A 3 -51.65 32.75 17.87
N LEU A 4 -51.23 31.49 18.03
CA LEU A 4 -49.90 31.22 18.58
C LEU A 4 -48.81 31.55 17.57
N ASN A 5 -49.09 31.40 16.28
CA ASN A 5 -48.10 31.62 15.22
C ASN A 5 -48.24 32.99 14.56
N VAL A 6 -48.85 33.96 15.24
CA VAL A 6 -49.14 35.28 14.65
C VAL A 6 -48.57 36.32 15.61
N VAL A 7 -48.89 37.59 15.36
CA VAL A 7 -48.32 38.76 16.05
C VAL A 7 -48.23 38.57 17.55
N ASP A 8 -49.07 37.70 18.12
CA ASP A 8 -48.93 37.33 19.52
C ASP A 8 -47.57 36.73 19.85
N SER A 9 -46.85 36.20 18.85
CA SER A 9 -45.51 35.70 19.04
C SER A 9 -44.46 36.43 18.21
N ILE A 10 -44.80 36.87 16.99
CA ILE A 10 -43.84 37.56 16.15
C ILE A 10 -43.89 39.06 16.40
N ASN A 11 -42.86 39.76 15.93
CA ASN A 11 -42.74 41.21 16.08
C ASN A 11 -42.69 41.62 17.56
N GLY A 12 -42.16 40.71 18.39
CA GLY A 12 -41.99 40.99 19.80
C GLY A 12 -43.28 41.06 20.58
N ALA A 13 -44.40 40.71 19.93
CA ALA A 13 -45.73 40.71 20.55
C ALA A 13 -46.10 42.05 21.16
N GLY A 14 -45.48 43.14 20.69
CA GLY A 14 -45.77 44.46 21.21
C GLY A 14 -45.08 44.73 22.54
N SER A 15 -45.51 44.05 23.59
CA SER A 15 -44.97 44.27 24.93
C SER A 15 -44.05 43.16 25.41
N TRP A 16 -44.08 41.98 24.76
CA TRP A 16 -43.20 40.89 25.18
C TRP A 16 -41.74 41.24 24.99
N LEU A 17 -41.41 41.89 23.87
CA LEU A 17 -40.04 42.34 23.65
C LEU A 17 -39.65 43.42 24.65
N VAL A 18 -40.57 44.34 24.94
CA VAL A 18 -40.29 45.42 25.88
C VAL A 18 -40.05 44.85 27.28
N ALA A 19 -40.87 43.88 27.69
CA ALA A 19 -40.69 43.27 29.01
C ALA A 19 -39.37 42.53 29.12
N ASN A 20 -38.81 42.10 28.00
CA ASN A 20 -37.53 41.39 27.98
C ASN A 20 -36.37 42.29 27.61
N GLN A 21 -36.53 43.61 27.76
CA GLN A 21 -35.48 44.55 27.36
C GLN A 21 -34.21 44.34 28.19
N ALA A 22 -34.37 44.09 29.49
CA ALA A 22 -33.20 43.88 30.34
C ALA A 22 -32.41 42.64 29.92
N LEU A 23 -33.12 41.55 29.58
CA LEU A 23 -32.44 40.35 29.12
C LEU A 23 -31.69 40.61 27.81
N LEU A 24 -32.31 41.34 26.89
CA LEU A 24 -31.64 41.68 25.64
C LEU A 24 -30.40 42.53 25.88
N LEU A 25 -30.49 43.48 26.81
CA LEU A 25 -29.32 44.30 27.16
C LEU A 25 -28.21 43.45 27.75
N SER A 26 -28.57 42.51 28.63
CA SER A 26 -27.56 41.63 29.22
C SER A 26 -26.89 40.76 28.16
N TYR A 27 -27.69 40.23 27.22
CA TYR A 27 -27.13 39.42 26.15
C TYR A 27 -26.21 40.26 25.26
N ALA A 28 -26.60 41.49 24.95
CA ALA A 28 -25.76 42.37 24.15
C ALA A 28 -24.44 42.66 24.86
N VAL A 29 -24.50 42.91 26.17
CA VAL A 29 -23.29 43.15 26.94
C VAL A 29 -22.39 41.92 26.90
N ASN A 30 -22.97 40.73 27.05
CA ASN A 30 -22.19 39.50 26.99
C ASN A 30 -21.52 39.34 25.62
N ILE A 31 -22.26 39.62 24.55
CA ILE A 31 -21.69 39.50 23.21
C ILE A 31 -20.55 40.50 23.01
N VAL A 32 -20.73 41.74 23.48
CA VAL A 32 -19.69 42.74 23.34
C VAL A 32 -18.45 42.33 24.11
N ALA A 33 -18.64 41.81 25.34
CA ALA A 33 -17.51 41.34 26.13
C ALA A 33 -16.79 40.19 25.44
N ALA A 34 -17.56 39.26 24.85
CA ALA A 34 -16.95 38.13 24.15
C ALA A 34 -16.12 38.61 22.96
N LEU A 35 -16.66 39.55 22.19
CA LEU A 35 -15.92 40.07 21.03
C LEU A 35 -14.65 40.81 21.47
N ALA A 36 -14.74 41.59 22.54
CA ALA A 36 -13.55 42.25 23.07
C ALA A 36 -12.52 41.23 23.53
N ILE A 37 -12.96 40.15 24.17
CA ILE A 37 -12.05 39.09 24.59
C ILE A 37 -11.38 38.46 23.37
N ILE A 38 -12.16 38.25 22.29
CA ILE A 38 -11.58 37.68 21.07
C ILE A 38 -10.50 38.58 20.51
N ILE A 39 -10.78 39.89 20.45
CA ILE A 39 -9.81 40.83 19.89
C ILE A 39 -8.54 40.85 20.75
N VAL A 40 -8.71 40.94 22.07
CA VAL A 40 -7.55 40.98 22.97
C VAL A 40 -6.75 39.69 22.85
N GLY A 41 -7.44 38.56 22.77
CA GLY A 41 -6.75 37.28 22.64
C GLY A 41 -5.97 37.18 21.35
N LEU A 42 -6.55 37.63 20.24
CA LEU A 42 -5.82 37.63 18.97
C LEU A 42 -4.57 38.50 19.06
N ILE A 43 -4.71 39.70 19.64
CA ILE A 43 -3.57 40.61 19.74
C ILE A 43 -2.47 40.00 20.59
N ILE A 44 -2.85 39.47 21.76
CA ILE A 44 -1.84 38.90 22.66
C ILE A 44 -1.22 37.64 22.06
N ALA A 45 -2.00 36.86 21.32
CA ALA A 45 -1.45 35.68 20.66
C ALA A 45 -0.41 36.06 19.63
N ARG A 46 -0.71 37.08 18.80
CA ARG A 46 0.26 37.54 17.83
C ARG A 46 1.53 38.06 18.52
N MET A 47 1.35 38.84 19.59
CA MET A 47 2.49 39.40 20.30
C MET A 47 3.36 38.30 20.91
N ILE A 48 2.74 37.28 21.51
CA ILE A 48 3.49 36.21 22.14
C ILE A 48 4.20 35.37 21.09
N SER A 49 3.49 35.02 20.01
CA SER A 49 4.11 34.21 18.95
C SER A 49 5.29 34.93 18.32
N ASN A 50 5.16 36.24 18.11
CA ASN A 50 6.31 37.00 17.60
C ASN A 50 7.46 36.99 18.60
N ALA A 51 7.15 37.09 19.90
CA ALA A 51 8.21 37.16 20.90
C ALA A 51 8.91 35.82 21.08
N VAL A 52 8.14 34.73 21.17
CA VAL A 52 8.74 33.43 21.46
C VAL A 52 9.62 32.97 20.29
N ASN A 53 9.20 33.28 19.06
CA ASN A 53 10.02 32.94 17.90
C ASN A 53 11.37 33.65 17.97
N ARG A 54 11.36 34.95 18.28
CA ARG A 54 12.61 35.69 18.42
C ARG A 54 13.43 35.13 19.58
N LEU A 55 12.77 34.73 20.66
CA LEU A 55 13.48 34.22 21.83
C LEU A 55 14.22 32.93 21.50
N MET A 56 13.54 31.97 20.88
CA MET A 56 14.17 30.68 20.63
C MET A 56 15.12 30.73 19.43
N ILE A 57 14.90 31.67 18.49
CA ILE A 57 15.86 31.86 17.42
C ILE A 57 17.22 32.23 17.97
N SER A 58 17.25 33.07 19.01
CA SER A 58 18.50 33.43 19.64
C SER A 58 19.18 32.23 20.30
N ARG A 59 18.40 31.23 20.71
CA ARG A 59 18.95 30.06 21.38
C ARG A 59 19.29 28.95 20.39
N LYS A 60 20.06 29.30 19.35
CA LYS A 60 20.58 28.39 18.34
C LYS A 60 19.56 27.35 17.86
N ILE A 61 18.30 27.75 17.74
CA ILE A 61 17.25 26.88 17.22
C ILE A 61 17.03 27.20 15.75
N ASP A 62 16.78 26.17 14.95
CA ASP A 62 16.60 26.35 13.52
C ASP A 62 15.37 27.22 13.26
N ALA A 63 15.44 28.01 12.18
CA ALA A 63 14.36 28.94 11.86
C ALA A 63 13.05 28.22 11.56
N THR A 64 13.11 27.10 10.84
CA THR A 64 11.89 26.42 10.42
C THR A 64 11.12 25.88 11.63
N VAL A 65 11.82 25.15 12.51
CA VAL A 65 11.17 24.58 13.68
C VAL A 65 10.72 25.68 14.63
N ALA A 66 11.49 26.76 14.73
CA ALA A 66 11.09 27.88 15.57
C ALA A 66 9.80 28.52 15.06
N ASP A 67 9.71 28.72 13.75
CA ASP A 67 8.48 29.26 13.16
C ASP A 67 7.31 28.29 13.38
N PHE A 68 7.57 26.99 13.24
CA PHE A 68 6.51 26.01 13.43
C PHE A 68 5.97 26.06 14.87
N LEU A 69 6.87 26.11 15.85
CA LEU A 69 6.41 26.14 17.24
C LEU A 69 5.75 27.48 17.56
N SER A 70 6.22 28.57 16.96
CA SER A 70 5.57 29.85 17.17
C SER A 70 4.15 29.83 16.62
N ALA A 71 3.96 29.25 15.44
CA ALA A 71 2.62 29.11 14.89
C ALA A 71 1.76 28.22 15.76
N LEU A 72 2.34 27.14 16.30
CA LEU A 72 1.60 26.28 17.20
C LEU A 72 1.14 27.04 18.45
N VAL A 73 2.03 27.85 19.02
CA VAL A 73 1.65 28.64 20.20
C VAL A 73 0.57 29.65 19.86
N ARG A 74 0.69 30.29 18.69
CA ARG A 74 -0.33 31.26 18.28
C ARG A 74 -1.69 30.59 18.14
N TYR A 75 -1.73 29.43 17.47
CA TYR A 75 -2.99 28.70 17.31
C TYR A 75 -3.53 28.25 18.66
N GLY A 76 -2.66 27.80 19.55
CA GLY A 76 -3.10 27.42 20.88
C GLY A 76 -3.73 28.57 21.63
N ILE A 77 -3.09 29.75 21.59
CA ILE A 77 -3.61 30.90 22.33
C ILE A 77 -4.92 31.37 21.73
N ILE A 78 -5.05 31.37 20.40
CA ILE A 78 -6.32 31.78 19.83
C ILE A 78 -7.41 30.75 20.15
N ALA A 79 -7.06 29.47 20.23
CA ALA A 79 -8.03 28.46 20.67
C ALA A 79 -8.46 28.70 22.11
N PHE A 80 -7.50 29.05 22.98
CA PHE A 80 -7.83 29.38 24.36
C PHE A 80 -8.77 30.58 24.43
N THR A 81 -8.50 31.60 23.61
CA THR A 81 -9.36 32.77 23.58
C THR A 81 -10.76 32.42 23.09
N LEU A 82 -10.85 31.54 22.10
CA LEU A 82 -12.16 31.08 21.62
C LEU A 82 -12.91 30.34 22.72
N ILE A 83 -12.21 29.48 23.47
CA ILE A 83 -12.83 28.79 24.60
C ILE A 83 -13.37 29.80 25.60
N ALA A 84 -12.56 30.81 25.94
CA ALA A 84 -12.99 31.79 26.91
C ALA A 84 -14.21 32.57 26.42
N ALA A 85 -14.20 33.01 25.16
CA ALA A 85 -15.30 33.80 24.63
C ALA A 85 -16.58 32.98 24.58
N LEU A 86 -16.49 31.73 24.09
CA LEU A 86 -17.69 30.90 23.99
C LEU A 86 -18.15 30.40 25.35
N GLY A 87 -17.28 30.38 26.35
CA GLY A 87 -17.75 30.21 27.71
C GLY A 87 -18.49 31.44 28.20
N ARG A 88 -18.01 32.63 27.87
CA ARG A 88 -18.69 33.86 28.27
C ARG A 88 -20.09 33.94 27.67
N VAL A 89 -20.22 33.60 26.38
CA VAL A 89 -21.56 33.57 25.78
C VAL A 89 -22.39 32.42 26.32
N GLY A 90 -21.76 31.40 26.91
CA GLY A 90 -22.48 30.36 27.61
C GLY A 90 -22.81 29.13 26.77
N VAL A 91 -21.81 28.50 26.19
CA VAL A 91 -22.01 27.32 25.36
C VAL A 91 -21.40 26.07 26.03
N GLN A 92 -21.36 26.07 27.36
CA GLN A 92 -21.04 24.93 28.22
C GLN A 92 -19.56 24.56 28.18
N THR A 93 -18.74 25.16 27.31
CA THR A 93 -17.29 25.01 27.29
C THR A 93 -16.88 23.58 26.91
N ALA A 94 -17.86 22.69 26.75
CA ALA A 94 -17.58 21.31 26.37
C ALA A 94 -17.88 21.06 24.90
N SER A 95 -19.06 21.45 24.43
CA SER A 95 -19.34 21.39 23.01
C SER A 95 -18.37 22.27 22.22
N VAL A 96 -17.91 23.36 22.84
CA VAL A 96 -16.94 24.23 22.17
C VAL A 96 -15.64 23.49 21.90
N ILE A 97 -15.10 22.83 22.93
CA ILE A 97 -13.84 22.12 22.75
C ILE A 97 -14.04 20.90 21.85
N ALA A 98 -15.23 20.30 21.87
CA ALA A 98 -15.51 19.19 20.96
C ALA A 98 -15.49 19.66 19.51
N VAL A 99 -16.14 20.80 19.23
CA VAL A 99 -16.15 21.33 17.88
C VAL A 99 -14.75 21.72 17.43
N LEU A 100 -13.99 22.37 18.32
CA LEU A 100 -12.62 22.73 17.96
C LEU A 100 -11.76 21.50 17.72
N GLY A 101 -11.96 20.44 18.51
CA GLY A 101 -11.22 19.21 18.27
C GLY A 101 -11.58 18.55 16.95
N ALA A 102 -12.87 18.59 16.59
CA ALA A 102 -13.29 18.05 15.30
C ALA A 102 -12.65 18.85 14.16
N ALA A 103 -12.64 20.18 14.28
CA ALA A 103 -12.02 21.01 13.26
C ALA A 103 -10.52 20.74 13.17
N GLY A 104 -9.85 20.59 14.32
CA GLY A 104 -8.43 20.28 14.30
C GLY A 104 -8.14 18.92 13.70
N LEU A 105 -9.00 17.94 13.95
CA LEU A 105 -8.85 16.63 13.35
C LEU A 105 -9.02 16.70 11.84
N ALA A 106 -10.00 17.47 11.36
CA ALA A 106 -10.16 17.66 9.92
C ALA A 106 -8.93 18.33 9.33
N VAL A 107 -8.41 19.36 10.00
CA VAL A 107 -7.22 20.05 9.50
C VAL A 107 -6.02 19.10 9.47
N GLY A 108 -5.88 18.25 10.49
CA GLY A 108 -4.79 17.30 10.51
C GLY A 108 -4.89 16.29 9.39
N LEU A 109 -6.11 15.78 9.14
CA LEU A 109 -6.30 14.89 8.00
C LEU A 109 -6.00 15.60 6.69
N ALA A 110 -6.26 16.90 6.63
CA ALA A 110 -5.98 17.68 5.43
C ALA A 110 -4.48 17.79 5.19
N LEU A 111 -3.76 18.41 6.13
CA LEU A 111 -2.33 18.62 5.99
C LEU A 111 -1.58 17.30 5.96
N GLN A 112 -1.82 16.46 6.96
CA GLN A 112 -1.22 15.14 7.15
C GLN A 112 0.14 15.01 6.47
N GLY A 113 0.13 14.72 5.17
CA GLY A 113 1.36 14.54 4.41
C GLY A 113 2.24 15.78 4.37
N SER A 114 1.63 16.95 4.18
CA SER A 114 2.39 18.19 4.11
C SER A 114 3.14 18.45 5.40
N LEU A 115 2.51 18.22 6.55
CA LEU A 115 3.21 18.37 7.82
C LEU A 115 4.35 17.38 7.93
N SER A 116 4.13 16.15 7.46
CA SER A 116 5.21 15.17 7.40
C SER A 116 6.33 15.65 6.50
N ASN A 117 5.98 16.34 5.41
CA ASN A 117 7.00 16.92 4.54
C ASN A 117 7.82 17.96 5.28
N LEU A 118 7.16 18.79 6.10
CA LEU A 118 7.89 19.78 6.89
C LEU A 118 8.82 19.10 7.88
N ALA A 119 8.34 18.05 8.55
CA ALA A 119 9.18 17.32 9.49
C ALA A 119 10.39 16.72 8.79
N ALA A 120 10.18 16.13 7.61
CA ALA A 120 11.29 15.56 6.86
C ALA A 120 12.28 16.64 6.45
N GLY A 121 11.78 17.82 6.04
CA GLY A 121 12.68 18.90 5.69
C GLY A 121 13.50 19.37 6.88
N VAL A 122 12.88 19.43 8.06
CA VAL A 122 13.62 19.78 9.27
C VAL A 122 14.70 18.74 9.56
N LEU A 123 14.36 17.47 9.39
CA LEU A 123 15.34 16.41 9.61
C LEU A 123 16.51 16.52 8.64
N LEU A 124 16.22 16.83 7.37
CA LEU A 124 17.26 16.85 6.35
C LEU A 124 18.30 17.93 6.63
N VAL A 125 17.86 19.11 7.05
CA VAL A 125 18.77 20.24 7.14
C VAL A 125 19.80 20.03 8.27
N MET A 126 19.39 19.41 9.37
CA MET A 126 20.30 19.24 10.49
C MET A 126 21.33 18.14 10.25
N PHE A 127 20.92 17.01 9.67
CA PHE A 127 21.85 15.93 9.39
C PHE A 127 22.57 16.08 8.07
N ARG A 128 22.05 16.94 7.18
CA ARG A 128 22.55 17.23 5.84
C ARG A 128 23.17 16.02 5.16
N PRO A 129 22.39 14.97 4.87
CA PRO A 129 22.93 13.89 4.03
C PRO A 129 23.38 14.38 2.67
N PHE A 130 22.73 15.42 2.15
CA PHE A 130 23.17 16.11 0.95
C PHE A 130 23.04 17.61 1.18
N ARG A 131 23.72 18.39 0.34
CA ARG A 131 23.71 19.83 0.48
C ARG A 131 23.72 20.46 -0.90
N ALA A 132 23.45 21.77 -0.93
CA ALA A 132 23.35 22.49 -2.20
C ALA A 132 24.63 22.37 -3.01
N GLY A 133 24.48 22.08 -4.29
CA GLY A 133 25.59 21.91 -5.20
C GLY A 133 26.16 20.51 -5.23
N GLU A 134 25.67 19.62 -4.39
CA GLU A 134 26.21 18.27 -4.31
C GLU A 134 25.35 17.30 -5.10
N TYR A 135 25.99 16.52 -5.96
CA TYR A 135 25.29 15.68 -6.92
C TYR A 135 24.90 14.35 -6.26
N VAL A 136 23.60 14.10 -6.15
CA VAL A 136 23.09 12.92 -5.45
C VAL A 136 21.92 12.35 -6.23
N ASP A 137 21.50 11.15 -5.80
CA ASP A 137 20.37 10.45 -6.39
C ASP A 137 19.27 10.33 -5.34
N LEU A 138 18.03 10.54 -5.75
CA LEU A 138 16.92 10.57 -4.81
C LEU A 138 15.93 9.43 -5.07
N GLY A 139 16.45 8.26 -5.43
CA GLY A 139 15.58 7.13 -5.67
C GLY A 139 15.02 7.09 -7.08
N GLY A 140 15.90 7.11 -8.07
CA GLY A 140 15.49 7.10 -9.47
C GLY A 140 15.67 8.40 -10.19
N VAL A 141 15.88 9.51 -9.47
CA VAL A 141 16.13 10.80 -10.07
C VAL A 141 17.46 11.33 -9.55
N ALA A 142 18.37 11.65 -10.47
CA ALA A 142 19.71 12.08 -10.12
C ALA A 142 19.96 13.47 -10.68
N GLY A 143 20.61 14.30 -9.88
CA GLY A 143 20.88 15.67 -10.28
C GLY A 143 21.56 16.43 -9.16
N THR A 144 21.91 17.66 -9.48
CA THR A 144 22.57 18.55 -8.53
C THR A 144 21.53 19.27 -7.70
N VAL A 145 21.66 19.19 -6.37
CA VAL A 145 20.70 19.82 -5.48
C VAL A 145 20.91 21.33 -5.49
N LEU A 146 19.84 22.08 -5.73
CA LEU A 146 19.89 23.54 -5.72
C LEU A 146 19.60 24.11 -4.34
N SER A 147 18.49 23.71 -3.72
CA SER A 147 18.13 24.21 -2.40
C SER A 147 17.15 23.24 -1.77
N VAL A 148 17.01 23.36 -0.45
CA VAL A 148 16.11 22.53 0.33
C VAL A 148 15.10 23.45 0.98
N GLN A 149 13.91 23.55 0.40
CA GLN A 149 12.85 24.34 1.00
C GLN A 149 12.22 23.56 2.14
N ILE A 150 11.25 24.21 2.80
CA ILE A 150 10.63 23.61 3.98
C ILE A 150 9.77 22.41 3.64
N PHE A 151 9.08 22.42 2.50
CA PHE A 151 8.29 21.26 2.09
C PHE A 151 8.90 20.45 0.96
N SER A 152 9.78 21.03 0.15
CA SER A 152 10.28 20.33 -1.01
C SER A 152 11.71 20.76 -1.30
N THR A 153 12.37 20.01 -2.19
CA THR A 153 13.71 20.34 -2.64
C THR A 153 13.72 20.51 -4.16
N THR A 154 14.54 21.45 -4.63
CA THR A 154 14.73 21.67 -6.05
C THR A 154 16.12 21.16 -6.44
N MET A 155 16.15 20.28 -7.44
CA MET A 155 17.39 19.66 -7.88
C MET A 155 17.46 19.68 -9.39
N ARG A 156 18.64 19.94 -9.92
CA ARG A 156 18.85 20.09 -11.35
C ARG A 156 19.54 18.86 -11.91
N THR A 157 18.87 18.16 -12.83
CA THR A 157 19.48 17.04 -13.52
C THR A 157 20.55 17.56 -14.48
N ALA A 158 21.49 16.67 -14.84
CA ALA A 158 22.65 17.09 -15.61
C ALA A 158 22.28 17.66 -16.98
N ASP A 159 21.08 17.39 -17.46
CA ASP A 159 20.65 17.85 -18.78
C ASP A 159 19.90 19.17 -18.73
N GLY A 160 19.89 19.85 -17.58
CA GLY A 160 19.20 21.11 -17.45
C GLY A 160 17.80 21.00 -16.89
N LYS A 161 17.42 19.83 -16.40
CA LYS A 161 16.08 19.63 -15.86
C LYS A 161 15.92 20.39 -14.54
N ILE A 162 14.68 20.72 -14.22
CA ILE A 162 14.33 21.21 -12.89
C ILE A 162 13.40 20.20 -12.25
N ILE A 163 13.81 19.65 -11.12
CA ILE A 163 13.12 18.53 -10.50
C ILE A 163 12.75 18.95 -9.08
N VAL A 164 11.48 18.76 -8.73
CA VAL A 164 10.98 19.10 -7.40
C VAL A 164 10.52 17.82 -6.72
N ILE A 165 11.06 17.56 -5.54
CA ILE A 165 10.77 16.34 -4.79
C ILE A 165 10.20 16.76 -3.44
N PRO A 166 9.04 16.24 -3.04
CA PRO A 166 8.57 16.48 -1.67
C PRO A 166 9.54 15.89 -0.65
N ASN A 167 9.70 16.60 0.46
CA ASN A 167 10.68 16.17 1.47
C ASN A 167 10.30 14.84 2.08
N GLY A 168 9.01 14.55 2.19
CA GLY A 168 8.58 13.32 2.83
C GLY A 168 9.06 12.07 2.10
N LYS A 169 9.00 12.10 0.77
CA LYS A 169 9.42 10.93 -0.01
C LYS A 169 10.93 10.77 0.03
N ILE A 170 11.65 11.87 0.19
CA ILE A 170 13.11 11.84 0.23
C ILE A 170 13.58 11.00 1.40
N ILE A 171 13.06 11.29 2.61
CA ILE A 171 13.50 10.58 3.80
C ILE A 171 13.01 9.14 3.83
N ALA A 172 11.90 8.84 3.18
CA ALA A 172 11.39 7.47 3.18
C ALA A 172 12.21 6.55 2.30
N GLY A 173 12.71 7.05 1.16
CA GLY A 173 13.49 6.26 0.24
C GLY A 173 14.98 6.37 0.49
N ASN A 174 15.73 5.71 -0.37
CA ASN A 174 17.18 5.73 -0.27
C ASN A 174 17.73 7.09 -0.72
N ILE A 175 18.90 7.45 -0.20
CA ILE A 175 19.60 8.66 -0.59
C ILE A 175 20.99 8.23 -1.04
N ILE A 176 21.21 8.22 -2.35
CA ILE A 176 22.49 7.82 -2.93
C ILE A 176 23.28 9.09 -3.22
N ASN A 177 24.47 9.19 -2.67
CA ASN A 177 25.31 10.38 -2.79
C ASN A 177 26.47 10.06 -3.73
N PHE A 178 26.50 10.74 -4.88
CA PHE A 178 27.56 10.56 -5.85
C PHE A 178 28.80 11.40 -5.54
N SER A 179 28.69 12.39 -4.66
CA SER A 179 29.77 13.35 -4.45
C SER A 179 30.28 13.41 -3.02
N ARG A 180 29.95 12.44 -2.17
CA ARG A 180 30.47 12.46 -0.81
C ARG A 180 31.91 11.96 -0.77
N GLU A 181 32.15 10.78 -1.33
CA GLU A 181 33.51 10.25 -1.39
C GLU A 181 34.32 11.02 -2.43
N PRO A 182 35.52 11.46 -2.09
CA PRO A 182 36.35 12.16 -3.09
C PRO A 182 36.86 11.23 -4.19
N VAL A 183 36.87 9.93 -3.98
CA VAL A 183 37.38 8.97 -4.94
C VAL A 183 36.30 7.93 -5.22
N ARG A 184 36.18 7.55 -6.50
CA ARG A 184 35.18 6.57 -6.91
C ARG A 184 35.82 5.60 -7.90
N ARG A 185 35.09 4.53 -8.21
CA ARG A 185 35.62 3.42 -8.99
C ARG A 185 34.94 3.36 -10.35
N ASN A 186 35.73 3.11 -11.39
CA ASN A 186 35.24 2.84 -12.72
C ASN A 186 35.14 1.34 -12.95
N GLU A 187 34.38 0.95 -13.96
CA GLU A 187 34.25 -0.45 -14.35
C GLU A 187 34.06 -0.53 -15.86
N PHE A 188 35.00 -1.19 -16.54
CA PHE A 188 34.91 -1.42 -17.98
C PHE A 188 34.64 -2.89 -18.24
N ILE A 189 33.73 -3.16 -19.17
CA ILE A 189 33.46 -4.50 -19.65
C ILE A 189 33.89 -4.56 -21.10
N ILE A 190 34.91 -5.36 -21.39
CA ILE A 190 35.51 -5.44 -22.72
C ILE A 190 35.29 -6.84 -23.25
N GLY A 191 34.63 -6.93 -24.41
CA GLY A 191 34.39 -8.20 -25.06
C GLY A 191 35.40 -8.43 -26.17
N VAL A 192 36.07 -9.59 -26.11
CA VAL A 192 37.07 -9.95 -27.10
C VAL A 192 36.75 -11.34 -27.62
N ALA A 193 37.35 -11.66 -28.77
CA ALA A 193 37.11 -12.94 -29.41
C ALA A 193 37.66 -14.08 -28.56
N TYR A 194 37.07 -15.26 -28.74
CA TYR A 194 37.45 -16.41 -27.93
C TYR A 194 38.90 -16.82 -28.19
N ASP A 195 39.36 -16.72 -29.43
CA ASP A 195 40.71 -17.11 -29.78
C ASP A 195 41.76 -16.08 -29.38
N SER A 196 41.35 -14.95 -28.81
CA SER A 196 42.30 -13.92 -28.41
C SER A 196 43.19 -14.44 -27.28
N ASP A 197 44.44 -13.99 -27.29
CA ASP A 197 45.41 -14.38 -26.28
C ASP A 197 45.09 -13.65 -24.98
N ILE A 198 44.77 -14.42 -23.93
CA ILE A 198 44.36 -13.83 -22.66
C ILE A 198 45.49 -13.01 -22.06
N ASP A 199 46.71 -13.57 -22.08
CA ASP A 199 47.85 -12.86 -21.50
C ASP A 199 48.12 -11.55 -22.24
N GLN A 200 48.02 -11.57 -23.56
CA GLN A 200 48.22 -10.35 -24.34
C GLN A 200 47.19 -9.29 -23.98
N VAL A 201 45.92 -9.69 -23.89
CA VAL A 201 44.86 -8.74 -23.57
C VAL A 201 45.08 -8.15 -22.18
N LYS A 202 45.41 -9.01 -21.21
CA LYS A 202 45.62 -8.53 -19.85
C LYS A 202 46.81 -7.57 -19.79
N GLN A 203 47.90 -7.91 -20.47
CA GLN A 203 49.08 -7.05 -20.46
C GLN A 203 48.78 -5.71 -21.12
N ILE A 204 48.04 -5.72 -22.23
CA ILE A 204 47.71 -4.48 -22.91
C ILE A 204 46.83 -3.61 -22.03
N LEU A 205 45.81 -4.19 -21.39
CA LEU A 205 44.95 -3.41 -20.52
C LEU A 205 45.73 -2.84 -19.33
N THR A 206 46.63 -3.64 -18.76
CA THR A 206 47.46 -3.15 -17.68
C THR A 206 48.32 -1.98 -18.13
N ASN A 207 48.93 -2.08 -19.31
CA ASN A 207 49.72 -0.98 -19.83
C ASN A 207 48.86 0.26 -20.03
N ILE A 208 47.61 0.07 -20.48
CA ILE A 208 46.70 1.20 -20.64
C ILE A 208 46.45 1.88 -19.30
N ILE A 209 46.16 1.10 -18.27
CA ILE A 209 45.83 1.70 -16.98
C ILE A 209 47.08 2.16 -16.23
N GLN A 210 48.26 1.63 -16.55
CA GLN A 210 49.48 2.12 -15.91
C GLN A 210 49.86 3.51 -16.39
N SER A 211 49.50 3.85 -17.63
CA SER A 211 49.90 5.09 -18.24
C SER A 211 48.95 6.24 -17.95
N GLU A 212 47.89 6.01 -17.19
CA GLU A 212 46.93 7.06 -16.85
C GLU A 212 47.32 7.69 -15.53
N ASP A 213 47.60 8.99 -15.55
CA ASP A 213 48.02 9.70 -14.34
C ASP A 213 46.86 9.95 -13.39
N ARG A 214 45.63 10.02 -13.89
CA ARG A 214 44.48 10.31 -13.05
C ARG A 214 43.93 9.09 -12.34
N ILE A 215 44.51 7.92 -12.57
CA ILE A 215 44.10 6.69 -11.90
C ILE A 215 44.95 6.53 -10.66
N LEU A 216 44.31 6.28 -9.52
CA LEU A 216 45.02 6.12 -8.25
C LEU A 216 45.77 4.81 -8.26
N LYS A 217 47.10 4.88 -8.23
CA LYS A 217 47.92 3.67 -8.27
C LYS A 217 47.96 2.97 -6.93
N ASP A 218 47.65 3.66 -5.84
CA ASP A 218 47.71 3.08 -4.51
C ASP A 218 46.50 2.23 -4.16
N ARG A 219 45.49 2.20 -5.02
CA ARG A 219 44.30 1.40 -4.80
C ARG A 219 44.27 0.25 -5.80
N GLU A 220 43.32 -0.66 -5.60
CA GLU A 220 43.25 -1.84 -6.43
C GLU A 220 42.94 -1.48 -7.87
N MET A 221 43.63 -2.15 -8.80
CA MET A 221 43.43 -1.99 -10.24
C MET A 221 43.29 -3.38 -10.82
N THR A 222 42.07 -3.91 -10.83
CA THR A 222 41.84 -5.28 -11.24
C THR A 222 41.64 -5.35 -12.75
N VAL A 223 42.45 -6.18 -13.41
CA VAL A 223 42.26 -6.51 -14.82
C VAL A 223 42.23 -8.02 -14.94
N ARG A 224 41.04 -8.60 -14.88
CA ARG A 224 40.90 -10.05 -14.83
C ARG A 224 39.77 -10.47 -15.75
N LEU A 225 39.86 -11.72 -16.23
CA LEU A 225 38.77 -12.30 -17.02
C LEU A 225 37.56 -12.48 -16.12
N ASN A 226 36.42 -11.95 -16.55
CA ASN A 226 35.21 -11.94 -15.72
C ASN A 226 34.26 -13.09 -15.96
N GLU A 227 33.86 -13.34 -17.20
CA GLU A 227 32.94 -14.42 -17.50
C GLU A 227 33.02 -14.78 -18.96
N LEU A 228 32.63 -16.01 -19.28
CA LEU A 228 32.67 -16.53 -20.64
C LEU A 228 31.31 -16.26 -21.28
N GLY A 229 31.25 -15.19 -22.08
CA GLY A 229 30.00 -14.77 -22.67
C GLY A 229 29.55 -15.69 -23.79
N ALA A 230 28.34 -15.40 -24.28
CA ALA A 230 27.76 -16.22 -25.35
C ALA A 230 28.60 -16.12 -26.62
N SER A 231 29.02 -14.92 -26.99
CA SER A 231 29.81 -14.70 -28.20
C SER A 231 31.12 -13.97 -27.97
N SER A 232 31.47 -13.67 -26.72
CA SER A 232 32.65 -12.84 -26.46
C SER A 232 33.26 -13.20 -25.12
N ILE A 233 34.58 -13.13 -25.05
CA ILE A 233 35.27 -13.20 -23.76
C ILE A 233 35.24 -11.81 -23.12
N ASN A 234 34.68 -11.73 -21.92
CA ASN A 234 34.44 -10.46 -21.26
C ASN A 234 35.47 -10.26 -20.16
N PHE A 235 36.25 -9.18 -20.28
CA PHE A 235 37.20 -8.78 -19.26
C PHE A 235 36.63 -7.62 -18.47
N VAL A 236 36.87 -7.63 -17.15
CA VAL A 236 36.44 -6.56 -16.26
C VAL A 236 37.67 -5.77 -15.84
N VAL A 237 37.58 -4.45 -15.97
CA VAL A 237 38.66 -3.55 -15.57
C VAL A 237 38.07 -2.56 -14.58
N ARG A 238 38.65 -2.51 -13.38
CA ARG A 238 38.19 -1.62 -12.34
C ARG A 238 39.36 -0.74 -11.88
N VAL A 239 39.17 0.57 -11.94
CA VAL A 239 40.18 1.53 -11.52
C VAL A 239 39.50 2.59 -10.66
N TRP A 240 40.29 3.24 -9.83
CA TRP A 240 39.80 4.28 -8.93
C TRP A 240 40.38 5.62 -9.33
N SER A 241 39.55 6.66 -9.27
CA SER A 241 39.97 8.00 -9.62
C SER A 241 39.15 9.00 -8.84
N ASN A 242 39.66 10.24 -8.78
CA ASN A 242 38.94 11.30 -8.11
C ASN A 242 37.59 11.54 -8.78
N SER A 243 36.60 11.91 -7.98
CA SER A 243 35.23 12.04 -8.49
C SER A 243 35.14 13.06 -9.62
N GLY A 244 36.01 14.07 -9.62
CA GLY A 244 35.96 15.07 -10.68
C GLY A 244 36.46 14.56 -12.01
N ASP A 245 37.31 13.55 -12.01
CA ASP A 245 37.91 13.03 -13.24
C ASP A 245 37.27 11.74 -13.72
N LEU A 246 36.17 11.31 -13.11
CA LEU A 246 35.63 9.98 -13.39
C LEU A 246 35.27 9.82 -14.87
N GLN A 247 34.46 10.73 -15.39
CA GLN A 247 33.96 10.58 -16.75
C GLN A 247 35.07 10.76 -17.78
N ASN A 248 35.96 11.73 -17.55
CA ASN A 248 37.06 11.94 -18.48
C ASN A 248 37.98 10.73 -18.51
N VAL A 249 38.27 10.15 -17.35
CA VAL A 249 39.09 8.94 -17.30
C VAL A 249 38.39 7.81 -18.04
N TYR A 250 37.09 7.66 -17.82
CA TYR A 250 36.34 6.61 -18.52
C TYR A 250 36.49 6.77 -20.04
N TRP A 251 36.24 7.97 -20.54
CA TRP A 251 36.27 8.18 -21.99
C TRP A 251 37.67 7.96 -22.54
N ASP A 252 38.70 8.51 -21.87
CA ASP A 252 40.06 8.39 -22.36
C ASP A 252 40.51 6.93 -22.37
N VAL A 253 40.22 6.20 -21.28
CA VAL A 253 40.63 4.81 -21.21
C VAL A 253 39.91 3.99 -22.26
N LEU A 254 38.62 4.23 -22.48
CA LEU A 254 37.90 3.49 -23.50
C LEU A 254 38.47 3.76 -24.89
N GLU A 255 38.73 5.03 -25.20
CA GLU A 255 39.27 5.36 -26.52
C GLU A 255 40.63 4.73 -26.73
N ARG A 256 41.49 4.76 -25.70
CA ARG A 256 42.78 4.10 -25.84
C ARG A 256 42.59 2.60 -26.04
N ILE A 257 41.84 1.94 -25.15
CA ILE A 257 41.58 0.52 -25.28
C ILE A 257 41.21 0.18 -26.72
N LYS A 258 40.31 0.96 -27.30
CA LYS A 258 39.96 0.75 -28.70
C LYS A 258 41.18 0.89 -29.62
N ARG A 259 41.97 1.95 -29.42
CA ARG A 259 43.08 2.22 -30.34
C ARG A 259 44.13 1.11 -30.30
N GLU A 260 44.63 0.78 -29.11
CA GLU A 260 45.65 -0.27 -29.04
C GLU A 260 45.08 -1.66 -29.29
N PHE A 261 43.78 -1.89 -29.07
CA PHE A 261 43.22 -3.18 -29.48
C PHE A 261 43.18 -3.29 -31.00
N ASP A 262 42.87 -2.19 -31.69
CA ASP A 262 42.93 -2.21 -33.15
C ASP A 262 44.36 -2.44 -33.63
N ALA A 263 45.33 -1.78 -33.00
CA ALA A 263 46.72 -1.90 -33.44
C ALA A 263 47.27 -3.30 -33.16
N ALA A 264 46.94 -3.87 -32.01
CA ALA A 264 47.50 -5.16 -31.62
C ALA A 264 46.87 -6.32 -32.37
N GLY A 265 45.82 -6.07 -33.17
CA GLY A 265 45.16 -7.14 -33.88
C GLY A 265 44.10 -7.87 -33.12
N ILE A 266 43.85 -7.51 -31.86
CA ILE A 266 42.77 -8.11 -31.09
C ILE A 266 41.44 -7.56 -31.60
N SER A 267 40.52 -8.47 -31.90
CA SER A 267 39.28 -8.14 -32.58
C SER A 267 38.12 -8.14 -31.59
N PHE A 268 37.32 -7.07 -31.61
CA PHE A 268 36.07 -7.04 -30.89
C PHE A 268 35.07 -7.89 -31.66
N PRO A 269 34.49 -8.92 -31.05
CA PRO A 269 33.68 -9.86 -31.83
C PRO A 269 32.27 -9.37 -32.05
N TYR A 270 31.80 -9.51 -33.28
CA TYR A 270 30.39 -9.33 -33.59
C TYR A 270 29.60 -10.49 -33.00
N PRO A 271 28.29 -10.34 -32.83
CA PRO A 271 27.50 -11.48 -32.33
C PRO A 271 27.71 -12.72 -33.17
N GLN A 272 28.40 -13.70 -32.58
CA GLN A 272 28.73 -14.93 -33.28
C GLN A 272 27.49 -15.81 -33.35
N MET A 273 27.36 -16.55 -34.44
CA MET A 273 26.20 -17.43 -34.57
C MET A 273 26.66 -18.65 -35.36
N ASP A 274 26.13 -19.82 -35.01
CA ASP A 274 26.59 -21.08 -35.61
C ASP A 274 25.46 -21.65 -36.47
N VAL A 275 25.78 -21.95 -37.74
CA VAL A 275 24.78 -22.38 -38.72
C VAL A 275 25.15 -23.76 -39.25
N ASN A 276 24.17 -24.66 -39.29
CA ASN A 276 24.33 -25.98 -39.87
C ASN A 276 23.39 -26.12 -41.06
N PHE A 277 23.90 -26.63 -42.18
CA PHE A 277 23.14 -26.72 -43.41
C PHE A 277 22.36 -28.04 -43.50
N LYS A 278 21.13 -27.93 -43.99
CA LYS A 278 20.36 -29.10 -44.41
C LYS A 278 19.50 -28.72 -45.61
N ARG A 279 19.35 -29.65 -46.54
CA ARG A 279 18.60 -29.42 -47.76
C ARG A 279 17.24 -30.12 -47.69
N VAL A 280 16.19 -29.38 -48.04
CA VAL A 280 14.85 -29.91 -48.04
C VAL A 280 14.02 -29.23 -49.11
N MET B 1 -25.66 51.87 18.58
CA MET B 1 -26.52 51.85 19.76
C MET B 1 -26.25 53.08 20.63
N GLU B 2 -26.73 54.23 20.17
CA GLU B 2 -26.49 55.52 20.80
C GLU B 2 -25.05 55.67 21.29
N ASP B 3 -24.87 55.67 22.62
CA ASP B 3 -23.57 55.85 23.22
C ASP B 3 -22.97 54.56 23.79
N LEU B 4 -23.52 53.40 23.44
CA LEU B 4 -22.99 52.15 23.97
C LEU B 4 -21.62 51.82 23.36
N ASN B 5 -21.40 52.19 22.10
CA ASN B 5 -20.17 51.88 21.38
C ASN B 5 -19.18 53.03 21.36
N VAL B 6 -19.28 53.96 22.31
CA VAL B 6 -18.45 55.17 22.32
C VAL B 6 -17.79 55.26 23.69
N VAL B 7 -17.13 56.39 23.98
CA VAL B 7 -16.30 56.60 25.16
C VAL B 7 -16.94 56.07 26.44
N ASP B 8 -18.27 55.95 26.46
CA ASP B 8 -18.93 55.30 27.59
C ASP B 8 -18.48 53.86 27.78
N SER B 9 -17.92 53.23 26.76
CA SER B 9 -17.34 51.90 26.88
C SER B 9 -15.85 51.84 26.60
N ILE B 10 -15.35 52.61 25.63
CA ILE B 10 -13.93 52.58 25.31
C ILE B 10 -13.17 53.56 26.20
N ASN B 11 -11.84 53.43 26.20
CA ASN B 11 -10.94 54.29 26.97
C ASN B 11 -11.23 54.18 28.47
N GLY B 12 -11.74 53.02 28.89
CA GLY B 12 -12.01 52.76 30.28
C GLY B 12 -13.18 53.56 30.85
N ALA B 13 -13.89 54.26 29.97
CA ALA B 13 -15.07 55.05 30.35
C ALA B 13 -14.75 56.08 31.43
N GLY B 14 -13.49 56.47 31.57
CA GLY B 14 -13.10 57.44 32.56
C GLY B 14 -12.96 56.85 33.95
N SER B 15 -14.08 56.47 34.56
CA SER B 15 -14.08 55.93 35.91
C SER B 15 -14.31 54.43 35.98
N TRP B 16 -14.78 53.81 34.90
CA TRP B 16 -15.01 52.37 34.90
C TRP B 16 -13.71 51.60 35.06
N LEU B 17 -12.65 52.03 34.38
CA LEU B 17 -11.34 51.40 34.56
C LEU B 17 -10.81 51.63 35.97
N VAL B 18 -11.00 52.84 36.50
CA VAL B 18 -10.51 53.15 37.85
C VAL B 18 -11.24 52.31 38.88
N ALA B 19 -12.56 52.15 38.73
CA ALA B 19 -13.34 51.36 39.69
C ALA B 19 -12.93 49.89 39.68
N ASN B 20 -12.37 49.42 38.56
CA ASN B 20 -11.93 48.04 38.44
C ASN B 20 -10.41 47.90 38.59
N GLN B 21 -9.77 48.85 39.28
CA GLN B 21 -8.32 48.80 39.42
C GLN B 21 -7.88 47.57 40.22
N ALA B 22 -8.64 47.22 41.26
CA ALA B 22 -8.29 46.06 42.08
C ALA B 22 -8.34 44.78 41.26
N LEU B 23 -9.35 44.63 40.40
CA LEU B 23 -9.45 43.45 39.55
C LEU B 23 -8.27 43.37 38.58
N LEU B 24 -7.88 44.52 38.01
CA LEU B 24 -6.73 44.53 37.12
C LEU B 24 -5.45 44.16 37.86
N LEU B 25 -5.28 44.66 39.08
CA LEU B 25 -4.12 44.29 39.87
C LEU B 25 -4.10 42.79 40.18
N SER B 26 -5.26 42.22 40.52
CA SER B 26 -5.34 40.80 40.79
C SER B 26 -4.99 39.98 39.55
N TYR B 27 -5.50 40.40 38.39
CA TYR B 27 -5.20 39.69 37.15
C TYR B 27 -3.71 39.79 36.82
N ALA B 28 -3.10 40.96 37.03
CA ALA B 28 -1.67 41.12 36.78
C ALA B 28 -0.86 40.23 37.72
N VAL B 29 -1.26 40.14 38.99
CA VAL B 29 -0.58 39.26 39.93
C VAL B 29 -0.70 37.82 39.49
N ASN B 30 -1.89 37.41 39.03
CA ASN B 30 -2.07 36.04 38.55
C ASN B 30 -1.17 35.75 37.35
N ILE B 31 -1.10 36.70 36.41
CA ILE B 31 -0.25 36.49 35.23
C ILE B 31 1.22 36.40 35.62
N VAL B 32 1.66 37.27 36.53
CA VAL B 32 3.04 37.23 36.98
C VAL B 32 3.35 35.90 37.66
N ALA B 33 2.44 35.41 38.50
CA ALA B 33 2.62 34.13 39.15
C ALA B 33 2.69 33.00 38.13
N ALA B 34 1.83 33.05 37.11
CA ALA B 34 1.85 32.02 36.07
C ALA B 34 3.16 32.01 35.32
N LEU B 35 3.68 33.20 34.98
CA LEU B 35 4.95 33.28 34.27
C LEU B 35 6.10 32.78 35.14
N ALA B 36 6.09 33.13 36.43
CA ALA B 36 7.13 32.63 37.33
C ALA B 36 7.06 31.10 37.45
N ILE B 37 5.85 30.56 37.52
CA ILE B 37 5.68 29.11 37.56
C ILE B 37 6.22 28.48 36.28
N ILE B 38 5.97 29.13 35.14
CA ILE B 38 6.47 28.62 33.86
C ILE B 38 7.99 28.57 33.87
N ILE B 39 8.63 29.65 34.33
CA ILE B 39 10.09 29.70 34.34
C ILE B 39 10.67 28.65 35.27
N VAL B 40 10.08 28.54 36.47
CA VAL B 40 10.56 27.56 37.45
C VAL B 40 10.38 26.14 36.90
N GLY B 41 9.24 25.87 36.27
CA GLY B 41 9.01 24.56 35.69
C GLY B 41 9.98 24.22 34.59
N LEU B 42 10.29 25.20 33.72
CA LEU B 42 11.26 24.95 32.66
C LEU B 42 12.63 24.63 33.26
N ILE B 43 13.06 25.40 34.26
CA ILE B 43 14.37 25.19 34.85
C ILE B 43 14.44 23.82 35.52
N ILE B 44 13.43 23.48 36.32
CA ILE B 44 13.44 22.20 37.03
C ILE B 44 13.31 21.05 36.04
N ALA B 45 12.58 21.25 34.93
CA ALA B 45 12.47 20.21 33.93
C ALA B 45 13.82 19.93 33.28
N ARG B 46 14.55 20.98 32.93
CA ARG B 46 15.88 20.79 32.34
C ARG B 46 16.80 20.09 33.34
N MET B 47 16.78 20.52 34.60
CA MET B 47 17.64 19.90 35.61
C MET B 47 17.30 18.43 35.80
N ILE B 48 16.01 18.10 35.93
CA ILE B 48 15.62 16.72 36.19
C ILE B 48 15.87 15.85 34.97
N SER B 49 15.71 16.40 33.77
CA SER B 49 16.01 15.64 32.56
C SER B 49 17.50 15.31 32.48
N ASN B 50 18.36 16.29 32.78
CA ASN B 50 19.79 16.01 32.80
C ASN B 50 20.12 14.96 33.86
N ALA B 51 19.52 15.09 35.05
CA ALA B 51 19.80 14.14 36.12
C ALA B 51 19.36 12.72 35.76
N VAL B 52 18.17 12.58 35.18
CA VAL B 52 17.68 11.24 34.85
C VAL B 52 18.47 10.65 33.69
N ASN B 53 18.91 11.48 32.74
CA ASN B 53 19.76 10.99 31.67
C ASN B 53 21.08 10.48 32.23
N ARG B 54 21.68 11.24 33.15
CA ARG B 54 22.93 10.81 33.77
C ARG B 54 22.73 9.51 34.55
N LEU B 55 21.62 9.40 35.28
CA LEU B 55 21.36 8.19 36.05
C LEU B 55 21.17 6.98 35.14
N MET B 56 20.41 7.16 34.05
CA MET B 56 20.16 6.05 33.13
C MET B 56 21.45 5.61 32.43
N ILE B 57 22.29 6.58 32.04
CA ILE B 57 23.55 6.23 31.39
C ILE B 57 24.41 5.37 32.32
N SER B 58 24.40 5.68 33.61
CA SER B 58 25.20 4.91 34.57
C SER B 58 24.71 3.48 34.69
N ARG B 59 23.42 3.24 34.50
CA ARG B 59 22.85 1.90 34.66
C ARG B 59 22.85 1.13 33.33
N LYS B 60 24.01 1.09 32.69
CA LYS B 60 24.28 0.32 31.47
C LYS B 60 23.18 0.44 30.42
N ILE B 61 22.47 1.55 30.40
CA ILE B 61 21.43 1.81 29.40
C ILE B 61 22.06 2.51 28.21
N ASP B 62 21.59 2.17 27.01
CA ASP B 62 22.13 2.77 25.79
C ASP B 62 21.89 4.27 25.77
N ALA B 63 22.82 5.01 25.17
CA ALA B 63 22.74 6.46 25.18
C ALA B 63 21.51 6.98 24.44
N THR B 64 21.16 6.37 23.31
CA THR B 64 20.05 6.87 22.50
C THR B 64 18.73 6.74 23.24
N VAL B 65 18.45 5.56 23.80
CA VAL B 65 17.20 5.35 24.51
C VAL B 65 17.16 6.18 25.79
N ALA B 66 18.31 6.31 26.46
CA ALA B 66 18.36 7.16 27.64
C ALA B 66 18.02 8.61 27.30
N ASP B 67 18.57 9.12 26.20
CA ASP B 67 18.24 10.47 25.75
C ASP B 67 16.76 10.57 25.39
N PHE B 68 16.21 9.53 24.77
CA PHE B 68 14.80 9.53 24.40
C PHE B 68 13.91 9.68 25.63
N LEU B 69 14.15 8.85 26.65
CA LEU B 69 13.34 8.94 27.87
C LEU B 69 13.61 10.24 28.63
N SER B 70 14.84 10.75 28.58
CA SER B 70 15.11 12.04 29.21
C SER B 70 14.32 13.15 28.55
N ALA B 71 14.28 13.17 27.22
CA ALA B 71 13.50 14.17 26.50
C ALA B 71 12.01 13.99 26.77
N LEU B 72 11.54 12.75 26.85
CA LEU B 72 10.13 12.51 27.17
C LEU B 72 9.79 13.04 28.56
N VAL B 73 10.66 12.81 29.53
CA VAL B 73 10.44 13.32 30.88
C VAL B 73 10.42 14.84 30.87
N ARG B 74 11.36 15.46 30.15
CA ARG B 74 11.40 16.92 30.09
C ARG B 74 10.11 17.48 29.47
N TYR B 75 9.64 16.85 28.38
CA TYR B 75 8.41 17.31 27.75
C TYR B 75 7.22 17.12 28.67
N GLY B 76 7.17 16.00 29.39
CA GLY B 76 6.10 15.79 30.34
C GLY B 76 6.08 16.84 31.44
N ILE B 77 7.26 17.18 31.97
CA ILE B 77 7.33 18.16 33.04
C ILE B 77 6.95 19.54 32.54
N ILE B 78 7.39 19.91 31.33
CA ILE B 78 7.02 21.23 30.82
C ILE B 78 5.52 21.29 30.51
N ALA B 79 4.93 20.18 30.04
CA ALA B 79 3.50 20.15 29.84
C ALA B 79 2.75 20.28 31.17
N PHE B 80 3.27 19.63 32.21
CA PHE B 80 2.69 19.76 33.54
C PHE B 80 2.77 21.21 34.03
N THR B 81 3.90 21.86 33.79
CA THR B 81 4.07 23.25 34.18
C THR B 81 3.09 24.15 33.43
N LEU B 82 2.90 23.87 32.13
CA LEU B 82 1.91 24.63 31.36
C LEU B 82 0.51 24.42 31.91
N ILE B 83 0.18 23.18 32.27
CA ILE B 83 -1.13 22.90 32.88
C ILE B 83 -1.30 23.72 34.14
N ALA B 84 -0.29 23.72 35.02
CA ALA B 84 -0.39 24.46 36.27
C ALA B 84 -0.51 25.96 36.02
N ALA B 85 0.27 26.49 35.09
CA ALA B 85 0.24 27.93 34.83
C ALA B 85 -1.11 28.35 34.27
N LEU B 86 -1.65 27.59 33.32
CA LEU B 86 -2.95 27.95 32.75
C LEU B 86 -4.10 27.67 33.71
N GLY B 87 -3.90 26.76 34.68
CA GLY B 87 -4.86 26.64 35.77
C GLY B 87 -4.85 27.84 36.67
N ARG B 88 -3.65 28.37 36.97
CA ARG B 88 -3.56 29.63 37.71
C ARG B 88 -4.21 30.76 36.93
N VAL B 89 -4.06 30.77 35.60
CA VAL B 89 -4.83 31.68 34.76
C VAL B 89 -6.32 31.42 34.84
N GLY B 90 -6.73 30.17 35.02
CA GLY B 90 -8.14 29.86 35.19
C GLY B 90 -8.87 29.50 33.91
N VAL B 91 -8.37 28.50 33.20
CA VAL B 91 -8.96 28.09 31.94
C VAL B 91 -9.51 26.66 32.04
N GLN B 92 -9.96 26.27 33.23
CA GLN B 92 -10.73 25.07 33.54
C GLN B 92 -9.86 23.80 33.51
N THR B 93 -8.60 23.88 33.07
CA THR B 93 -7.64 22.78 33.15
C THR B 93 -8.04 21.63 32.23
N ALA B 94 -9.21 21.73 31.58
CA ALA B 94 -9.67 20.70 30.66
C ALA B 94 -9.46 21.09 29.21
N SER B 95 -9.87 22.30 28.83
CA SER B 95 -9.53 22.80 27.51
C SER B 95 -8.02 22.90 27.33
N VAL B 96 -7.30 23.16 28.43
CA VAL B 96 -5.84 23.24 28.36
C VAL B 96 -5.26 21.90 27.93
N ILE B 97 -5.66 20.82 28.60
CA ILE B 97 -5.13 19.51 28.27
C ILE B 97 -5.65 19.05 26.92
N ALA B 98 -6.86 19.48 26.53
CA ALA B 98 -7.36 19.15 25.20
C ALA B 98 -6.51 19.79 24.11
N VAL B 99 -6.17 21.07 24.28
CA VAL B 99 -5.31 21.75 23.31
C VAL B 99 -3.92 21.12 23.27
N LEU B 100 -3.37 20.80 24.44
CA LEU B 100 -2.06 20.16 24.48
C LEU B 100 -2.09 18.80 23.80
N GLY B 101 -3.18 18.04 24.00
CA GLY B 101 -3.30 16.75 23.35
C GLY B 101 -3.43 16.88 21.84
N ALA B 102 -4.18 17.89 21.37
CA ALA B 102 -4.27 18.12 19.94
C ALA B 102 -2.91 18.47 19.34
N ALA B 103 -2.16 19.33 20.03
CA ALA B 103 -0.83 19.68 19.56
C ALA B 103 0.09 18.46 19.55
N GLY B 104 0.02 17.64 20.59
CA GLY B 104 0.84 16.44 20.62
C GLY B 104 0.46 15.45 19.54
N LEU B 105 -0.83 15.34 19.24
CA LEU B 105 -1.28 14.46 18.16
C LEU B 105 -0.77 14.97 16.81
N ALA B 106 -0.80 16.28 16.60
CA ALA B 106 -0.24 16.83 15.36
C ALA B 106 1.25 16.56 15.27
N VAL B 107 1.97 16.75 16.37
CA VAL B 107 3.41 16.49 16.38
C VAL B 107 3.69 15.02 16.11
N GLY B 108 2.87 14.14 16.66
CA GLY B 108 3.05 12.71 16.41
C GLY B 108 2.78 12.34 14.96
N LEU B 109 1.74 12.93 14.37
CA LEU B 109 1.50 12.70 12.95
C LEU B 109 2.67 13.21 12.11
N ALA B 110 3.27 14.32 12.52
CA ALA B 110 4.43 14.85 11.82
C ALA B 110 5.61 13.89 11.91
N LEU B 111 5.92 13.43 13.12
CA LEU B 111 7.09 12.58 13.33
C LEU B 111 6.90 11.19 12.75
N GLN B 112 5.94 10.43 13.30
CA GLN B 112 5.63 9.05 12.95
C GLN B 112 6.81 8.29 12.35
N GLY B 113 7.12 8.59 11.08
CA GLY B 113 8.21 7.93 10.39
C GLY B 113 9.55 8.13 11.05
N SER B 114 9.83 9.36 11.50
CA SER B 114 11.10 9.63 12.17
C SER B 114 11.23 8.86 13.48
N LEU B 115 10.16 8.81 14.27
CA LEU B 115 10.21 8.07 15.53
C LEU B 115 10.35 6.58 15.28
N SER B 116 9.68 6.07 14.24
CA SER B 116 9.85 4.67 13.86
C SER B 116 11.28 4.39 13.44
N ASN B 117 11.89 5.32 12.70
CA ASN B 117 13.30 5.18 12.33
C ASN B 117 14.18 5.15 13.56
N LEU B 118 13.90 5.99 14.54
CA LEU B 118 14.69 5.99 15.77
C LEU B 118 14.58 4.64 16.49
N ALA B 119 13.36 4.12 16.60
CA ALA B 119 13.17 2.83 17.26
C ALA B 119 13.88 1.72 16.50
N ALA B 120 13.79 1.73 15.18
CA ALA B 120 14.47 0.73 14.36
C ALA B 120 15.98 0.83 14.52
N GLY B 121 16.51 2.05 14.61
CA GLY B 121 17.93 2.23 14.84
C GLY B 121 18.36 1.68 16.19
N VAL B 122 17.54 1.89 17.22
CA VAL B 122 17.84 1.32 18.53
C VAL B 122 17.89 -0.20 18.45
N LEU B 123 16.89 -0.80 17.80
CA LEU B 123 16.88 -2.25 17.66
C LEU B 123 18.09 -2.74 16.88
N LEU B 124 18.45 -2.05 15.81
CA LEU B 124 19.58 -2.44 14.99
C LEU B 124 20.88 -2.39 15.80
N VAL B 125 21.04 -1.34 16.61
CA VAL B 125 22.29 -1.19 17.34
C VAL B 125 22.36 -2.20 18.49
N MET B 126 21.22 -2.57 19.06
CA MET B 126 21.31 -3.46 20.22
C MET B 126 21.30 -4.94 19.84
N PHE B 127 20.69 -5.31 18.71
CA PHE B 127 20.83 -6.67 18.21
C PHE B 127 22.05 -6.85 17.31
N ARG B 128 22.58 -5.76 16.75
CA ARG B 128 23.67 -5.72 15.76
C ARG B 128 23.65 -6.90 14.79
N PRO B 129 22.61 -7.04 13.97
CA PRO B 129 22.69 -8.04 12.89
C PRO B 129 23.82 -7.77 11.93
N PHE B 130 24.18 -6.51 11.75
CA PHE B 130 25.40 -6.14 11.03
C PHE B 130 26.11 -5.06 11.82
N ARG B 131 27.42 -4.93 11.57
CA ARG B 131 28.24 -3.98 12.29
C ARG B 131 29.11 -3.23 11.30
N ALA B 132 29.70 -2.13 11.77
CA ALA B 132 30.51 -1.28 10.91
C ALA B 132 31.66 -2.08 10.30
N GLY B 133 31.86 -1.90 9.00
CA GLY B 133 32.89 -2.59 8.26
C GLY B 133 32.46 -3.92 7.68
N GLU B 134 31.25 -4.37 7.99
CA GLU B 134 30.77 -5.65 7.49
C GLU B 134 30.01 -5.47 6.18
N TYR B 135 30.34 -6.29 5.19
CA TYR B 135 29.73 -6.19 3.87
C TYR B 135 28.39 -6.92 3.88
N VAL B 136 27.31 -6.14 3.74
CA VAL B 136 25.95 -6.69 3.75
C VAL B 136 25.11 -5.98 2.71
N ASP B 137 24.01 -6.62 2.33
CA ASP B 137 23.04 -6.08 1.38
C ASP B 137 21.78 -5.71 2.15
N LEU B 138 21.22 -4.55 1.83
CA LEU B 138 20.19 -3.96 2.68
C LEU B 138 18.88 -3.81 1.92
N GLY B 139 18.53 -4.80 1.11
CA GLY B 139 17.29 -4.74 0.37
C GLY B 139 17.46 -4.14 -1.02
N GLY B 140 18.42 -4.66 -1.78
CA GLY B 140 18.68 -4.19 -3.13
C GLY B 140 19.91 -3.32 -3.27
N VAL B 141 20.45 -2.80 -2.18
CA VAL B 141 21.66 -1.99 -2.20
C VAL B 141 22.70 -2.65 -1.29
N ALA B 142 23.85 -3.00 -1.85
CA ALA B 142 24.88 -3.73 -1.15
C ALA B 142 26.14 -2.90 -1.04
N GLY B 143 26.83 -3.05 0.08
CA GLY B 143 28.03 -2.28 0.33
C GLY B 143 28.49 -2.46 1.76
N THR B 144 29.62 -1.81 2.06
CA THR B 144 30.21 -1.87 3.39
C THR B 144 29.56 -0.83 4.28
N VAL B 145 29.08 -1.28 5.44
CA VAL B 145 28.44 -0.37 6.39
C VAL B 145 29.51 0.46 7.08
N LEU B 146 29.33 1.78 7.05
CA LEU B 146 30.24 2.71 7.71
C LEU B 146 29.86 2.96 9.16
N SER B 147 28.62 3.39 9.40
CA SER B 147 28.14 3.65 10.76
C SER B 147 26.62 3.65 10.74
N VAL B 148 26.05 3.55 11.93
CA VAL B 148 24.60 3.49 12.11
C VAL B 148 24.21 4.67 13.00
N GLN B 149 23.67 5.72 12.39
CA GLN B 149 23.21 6.86 13.17
C GLN B 149 21.87 6.54 13.83
N ILE B 150 21.38 7.52 14.59
CA ILE B 150 20.12 7.33 15.33
C ILE B 150 18.93 7.21 14.40
N PHE B 151 18.91 7.94 13.29
CA PHE B 151 17.78 7.88 12.35
C PHE B 151 18.09 7.15 11.05
N SER B 152 19.36 7.01 10.68
CA SER B 152 19.70 6.42 9.40
C SER B 152 21.06 5.76 9.47
N THR B 153 21.35 4.93 8.48
CA THR B 153 22.65 4.27 8.37
C THR B 153 23.36 4.71 7.09
N THR B 154 24.68 4.76 7.15
CA THR B 154 25.50 5.13 6.01
C THR B 154 26.34 3.93 5.58
N MET B 155 26.29 3.61 4.30
CA MET B 155 26.96 2.45 3.76
C MET B 155 27.65 2.82 2.46
N ARG B 156 28.80 2.20 2.21
CA ARG B 156 29.62 2.50 1.04
C ARG B 156 29.58 1.31 0.08
N THR B 157 29.12 1.56 -1.14
CA THR B 157 29.14 0.53 -2.17
C THR B 157 30.57 0.26 -2.62
N ALA B 158 30.77 -0.88 -3.27
CA ALA B 158 32.11 -1.29 -3.68
C ALA B 158 32.72 -0.31 -4.68
N ASP B 159 31.91 0.48 -5.36
CA ASP B 159 32.41 1.41 -6.37
C ASP B 159 32.67 2.80 -5.82
N GLY B 160 32.56 3.00 -4.51
CA GLY B 160 32.79 4.28 -3.90
C GLY B 160 31.54 5.10 -3.64
N LYS B 161 30.36 4.52 -3.80
CA LYS B 161 29.13 5.24 -3.55
C LYS B 161 28.95 5.49 -2.06
N ILE B 162 28.16 6.51 -1.73
CA ILE B 162 27.71 6.76 -0.37
C ILE B 162 26.20 6.73 -0.37
N ILE B 163 25.63 5.77 0.37
CA ILE B 163 24.20 5.53 0.37
C ILE B 163 23.69 5.65 1.80
N VAL B 164 22.63 6.42 1.99
CA VAL B 164 22.01 6.62 3.29
C VAL B 164 20.63 6.00 3.25
N ILE B 165 20.34 5.09 4.18
CA ILE B 165 19.07 4.38 4.25
C ILE B 165 18.42 4.74 5.59
N PRO B 166 17.15 5.14 5.61
CA PRO B 166 16.47 5.30 6.90
C PRO B 166 16.40 3.99 7.65
N ASN B 167 16.56 4.07 8.97
CA ASN B 167 16.63 2.86 9.78
C ASN B 167 15.30 2.10 9.75
N GLY B 168 14.19 2.81 9.55
CA GLY B 168 12.91 2.13 9.52
C GLY B 168 12.79 1.13 8.40
N LYS B 169 13.30 1.48 7.22
CA LYS B 169 13.24 0.56 6.08
C LYS B 169 14.18 -0.61 6.27
N ILE B 170 15.21 -0.44 7.10
CA ILE B 170 16.22 -1.47 7.33
C ILE B 170 15.57 -2.70 7.95
N ILE B 171 14.80 -2.48 9.03
CA ILE B 171 14.20 -3.60 9.75
C ILE B 171 12.98 -4.15 9.05
N ALA B 172 12.35 -3.37 8.17
CA ALA B 172 11.18 -3.86 7.45
C ALA B 172 11.55 -4.88 6.39
N GLY B 173 12.69 -4.71 5.72
CA GLY B 173 13.13 -5.61 4.68
C GLY B 173 14.11 -6.65 5.18
N ASN B 174 14.63 -7.43 4.23
CA ASN B 174 15.61 -8.45 4.56
C ASN B 174 16.95 -7.82 4.88
N ILE B 175 17.76 -8.55 5.63
CA ILE B 175 19.13 -8.15 5.95
C ILE B 175 20.04 -9.22 5.34
N ILE B 176 20.52 -8.96 4.13
CA ILE B 176 21.32 -9.93 3.40
C ILE B 176 22.77 -9.72 3.80
N ASN B 177 23.36 -10.70 4.49
CA ASN B 177 24.70 -10.57 5.05
C ASN B 177 25.67 -11.40 4.21
N PHE B 178 26.75 -10.75 3.76
CA PHE B 178 27.79 -11.42 3.00
C PHE B 178 28.98 -11.86 3.85
N SER B 179 29.26 -11.16 4.95
CA SER B 179 30.49 -11.36 5.69
C SER B 179 30.30 -11.99 7.07
N ARG B 180 29.17 -12.66 7.32
CA ARG B 180 29.00 -13.32 8.60
C ARG B 180 29.69 -14.67 8.63
N GLU B 181 29.36 -15.56 7.70
CA GLU B 181 30.05 -16.83 7.61
C GLU B 181 31.47 -16.63 7.10
N PRO B 182 32.47 -17.28 7.71
CA PRO B 182 33.84 -17.16 7.19
C PRO B 182 34.04 -17.87 5.86
N VAL B 183 33.15 -18.78 5.49
CA VAL B 183 33.28 -19.56 4.26
C VAL B 183 32.01 -19.41 3.44
N ARG B 184 32.19 -19.27 2.13
CA ARG B 184 31.07 -19.11 1.21
C ARG B 184 31.31 -19.98 -0.03
N ARG B 185 30.30 -20.08 -0.88
CA ARG B 185 30.31 -20.98 -2.02
C ARG B 185 30.29 -20.20 -3.33
N ASN B 186 31.19 -20.57 -4.24
CA ASN B 186 31.16 -20.09 -5.61
C ASN B 186 30.38 -21.07 -6.47
N GLU B 187 29.87 -20.58 -7.60
CA GLU B 187 29.11 -21.39 -8.54
C GLU B 187 29.52 -21.02 -9.96
N PHE B 188 30.05 -21.99 -10.69
CA PHE B 188 30.42 -21.81 -12.09
C PHE B 188 29.44 -22.56 -12.98
N ILE B 189 29.04 -21.92 -14.08
CA ILE B 189 28.22 -22.55 -15.11
C ILE B 189 29.02 -22.52 -16.39
N ILE B 190 29.36 -23.69 -16.91
CA ILE B 190 30.23 -23.82 -18.07
C ILE B 190 29.44 -24.46 -19.20
N GLY B 191 29.41 -23.79 -20.34
CA GLY B 191 28.72 -24.31 -21.52
C GLY B 191 29.70 -24.94 -22.48
N VAL B 192 29.42 -26.18 -22.87
CA VAL B 192 30.27 -26.93 -23.77
C VAL B 192 29.43 -27.48 -24.91
N ALA B 193 30.10 -27.84 -26.00
CA ALA B 193 29.43 -28.37 -27.17
C ALA B 193 28.80 -29.72 -26.88
N TYR B 194 27.78 -30.06 -27.65
CA TYR B 194 27.02 -31.28 -27.38
C TYR B 194 27.85 -32.54 -27.62
N ASP B 195 28.81 -32.47 -28.55
CA ASP B 195 29.64 -33.63 -28.85
C ASP B 195 30.80 -33.80 -27.87
N SER B 196 30.95 -32.89 -26.90
CA SER B 196 32.05 -33.01 -25.95
C SER B 196 31.88 -34.23 -25.07
N ASP B 197 33.01 -34.83 -24.72
CA ASP B 197 33.01 -36.02 -23.86
C ASP B 197 32.73 -35.60 -22.43
N ILE B 198 31.65 -36.13 -21.86
CA ILE B 198 31.25 -35.74 -20.51
C ILE B 198 32.31 -36.14 -19.49
N ASP B 199 32.83 -37.37 -19.62
CA ASP B 199 33.83 -37.84 -18.66
C ASP B 199 35.08 -36.98 -18.68
N GLN B 200 35.54 -36.61 -19.88
CA GLN B 200 36.73 -35.77 -19.98
C GLN B 200 36.50 -34.41 -19.33
N VAL B 201 35.34 -33.80 -19.58
CA VAL B 201 35.04 -32.50 -19.00
C VAL B 201 35.00 -32.59 -17.47
N LYS B 202 34.32 -33.61 -16.96
CA LYS B 202 34.23 -33.78 -15.51
C LYS B 202 35.60 -33.99 -14.90
N GLN B 203 36.45 -34.81 -15.54
CA GLN B 203 37.77 -35.09 -15.02
C GLN B 203 38.64 -33.83 -15.03
N ILE B 204 38.54 -33.04 -16.10
CA ILE B 204 39.33 -31.82 -16.17
C ILE B 204 38.89 -30.83 -15.10
N LEU B 205 37.58 -30.65 -14.93
CA LEU B 205 37.10 -29.74 -13.91
C LEU B 205 37.49 -30.22 -12.51
N THR B 206 37.44 -31.53 -12.29
CA THR B 206 37.85 -32.08 -11.00
C THR B 206 39.32 -31.81 -10.73
N ASN B 207 40.17 -31.99 -11.75
CA ASN B 207 41.58 -31.67 -11.58
C ASN B 207 41.78 -30.19 -11.27
N ILE B 208 41.04 -29.31 -11.98
CA ILE B 208 41.20 -27.88 -11.78
C ILE B 208 40.83 -27.50 -10.35
N ILE B 209 39.70 -28.01 -9.85
CA ILE B 209 39.31 -27.68 -8.49
C ILE B 209 40.18 -28.40 -7.45
N GLN B 210 40.83 -29.51 -7.83
CA GLN B 210 41.73 -30.18 -6.91
C GLN B 210 43.03 -29.42 -6.76
N SER B 211 43.49 -28.77 -7.82
CA SER B 211 44.76 -28.09 -7.83
C SER B 211 44.70 -26.70 -7.19
N GLU B 212 43.55 -26.31 -6.66
CA GLU B 212 43.40 -25.00 -6.01
C GLU B 212 43.52 -25.17 -4.51
N ASP B 213 44.47 -24.47 -3.90
CA ASP B 213 44.70 -24.57 -2.47
C ASP B 213 43.66 -23.82 -1.65
N ARG B 214 43.06 -22.78 -2.21
CA ARG B 214 42.10 -21.95 -1.48
C ARG B 214 40.70 -22.54 -1.46
N ILE B 215 40.48 -23.67 -2.11
CA ILE B 215 39.19 -24.34 -2.11
C ILE B 215 39.18 -25.35 -0.96
N LEU B 216 38.17 -25.26 -0.10
CA LEU B 216 38.07 -26.14 1.05
C LEU B 216 37.80 -27.57 0.59
N LYS B 217 38.77 -28.44 0.80
CA LYS B 217 38.62 -29.84 0.38
C LYS B 217 37.69 -30.62 1.28
N ASP B 218 37.51 -30.19 2.52
CA ASP B 218 36.68 -30.91 3.48
C ASP B 218 35.19 -30.71 3.25
N ARG B 219 34.81 -29.79 2.37
CA ARG B 219 33.40 -29.54 2.06
C ARG B 219 33.08 -30.09 0.69
N GLU B 220 31.80 -30.04 0.33
CA GLU B 220 31.36 -30.60 -0.93
C GLU B 220 31.98 -29.85 -2.10
N MET B 221 32.34 -30.61 -3.14
CA MET B 221 32.93 -30.07 -4.36
C MET B 221 32.14 -30.66 -5.52
N THR B 222 31.07 -29.99 -5.91
CA THR B 222 30.15 -30.53 -6.90
C THR B 222 30.59 -30.18 -8.31
N VAL B 223 30.86 -31.21 -9.11
CA VAL B 223 31.09 -31.05 -10.54
C VAL B 223 30.22 -32.06 -11.26
N ARG B 224 29.02 -31.63 -11.68
CA ARG B 224 28.05 -32.54 -12.27
C ARG B 224 27.34 -31.85 -13.42
N LEU B 225 26.82 -32.67 -14.32
CA LEU B 225 25.96 -32.18 -15.40
C LEU B 225 24.72 -31.53 -14.80
N ASN B 226 24.40 -30.32 -15.24
CA ASN B 226 23.29 -29.57 -14.66
C ASN B 226 22.03 -29.58 -15.52
N GLU B 227 22.12 -29.20 -16.78
CA GLU B 227 20.95 -29.15 -17.64
C GLU B 227 21.39 -29.08 -19.10
N LEU B 228 20.54 -29.61 -19.97
CA LEU B 228 20.80 -29.64 -21.41
C LEU B 228 20.24 -28.36 -22.02
N GLY B 229 21.12 -27.38 -22.23
CA GLY B 229 20.72 -26.10 -22.77
C GLY B 229 20.31 -26.17 -24.22
N ALA B 230 19.80 -25.04 -24.71
CA ALA B 230 19.31 -24.96 -26.09
C ALA B 230 20.45 -25.18 -27.08
N SER B 231 21.60 -24.55 -26.85
CA SER B 231 22.73 -24.67 -27.75
C SER B 231 23.99 -25.19 -27.09
N SER B 232 23.97 -25.45 -25.78
CA SER B 232 25.19 -25.85 -25.09
C SER B 232 24.84 -26.76 -23.93
N ILE B 233 25.74 -27.70 -23.65
CA ILE B 233 25.67 -28.50 -22.43
C ILE B 233 26.26 -27.68 -21.29
N ASN B 234 25.49 -27.53 -20.22
CA ASN B 234 25.90 -26.68 -19.10
C ASN B 234 26.30 -27.54 -17.91
N PHE B 235 27.53 -27.38 -17.45
CA PHE B 235 28.02 -28.02 -16.25
C PHE B 235 28.01 -27.03 -15.10
N VAL B 236 27.66 -27.51 -13.92
CA VAL B 236 27.64 -26.69 -12.70
C VAL B 236 28.81 -27.11 -11.83
N VAL B 237 29.58 -26.13 -11.36
CA VAL B 237 30.72 -26.35 -10.49
C VAL B 237 30.51 -25.53 -9.23
N ARG B 238 30.49 -26.18 -8.08
CA ARG B 238 30.31 -25.51 -6.80
C ARG B 238 31.45 -25.86 -5.87
N VAL B 239 32.15 -24.84 -5.39
CA VAL B 239 33.26 -25.02 -4.47
C VAL B 239 33.11 -24.02 -3.34
N TRP B 240 33.72 -24.32 -2.20
CA TRP B 240 33.65 -23.47 -1.03
C TRP B 240 35.03 -22.92 -0.71
N SER B 241 35.07 -21.64 -0.30
CA SER B 241 36.31 -20.99 0.03
C SER B 241 36.03 -19.91 1.07
N ASN B 242 37.10 -19.46 1.72
CA ASN B 242 36.97 -18.39 2.71
C ASN B 242 36.45 -17.13 2.05
N SER B 243 35.64 -16.38 2.80
CA SER B 243 34.98 -15.20 2.24
C SER B 243 35.96 -14.20 1.67
N GLY B 244 37.16 -14.10 2.25
CA GLY B 244 38.16 -13.21 1.72
C GLY B 244 38.67 -13.59 0.34
N ASP B 245 38.75 -14.89 0.07
CA ASP B 245 39.28 -15.39 -1.19
C ASP B 245 38.22 -15.69 -2.22
N LEU B 246 36.95 -15.36 -1.95
CA LEU B 246 35.87 -15.78 -2.83
C LEU B 246 36.04 -15.26 -4.24
N GLN B 247 36.32 -13.96 -4.38
CA GLN B 247 36.39 -13.37 -5.72
C GLN B 247 37.63 -13.85 -6.48
N ASN B 248 38.77 -13.88 -5.81
CA ASN B 248 40.01 -14.28 -6.49
C ASN B 248 39.94 -15.71 -6.98
N VAL B 249 39.38 -16.61 -6.15
CA VAL B 249 39.25 -18.00 -6.56
C VAL B 249 38.38 -18.12 -7.80
N TYR B 250 37.29 -17.34 -7.86
CA TYR B 250 36.42 -17.37 -9.02
C TYR B 250 37.19 -17.03 -10.29
N TRP B 251 37.93 -15.92 -10.28
CA TRP B 251 38.66 -15.49 -11.46
C TRP B 251 39.73 -16.50 -11.84
N ASP B 252 40.48 -16.99 -10.85
CA ASP B 252 41.56 -17.94 -11.14
C ASP B 252 41.01 -19.23 -11.73
N VAL B 253 39.94 -19.76 -11.15
CA VAL B 253 39.36 -21.00 -11.64
C VAL B 253 38.79 -20.81 -13.03
N LEU B 254 38.13 -19.68 -13.28
CA LEU B 254 37.58 -19.43 -14.61
C LEU B 254 38.69 -19.33 -15.65
N GLU B 255 39.76 -18.60 -15.35
CA GLU B 255 40.86 -18.47 -16.30
C GLU B 255 41.50 -19.82 -16.58
N ARG B 256 41.71 -20.62 -15.54
CA ARG B 256 42.24 -21.95 -15.77
C ARG B 256 41.30 -22.77 -16.64
N ILE B 257 40.03 -22.87 -16.25
CA ILE B 257 39.05 -23.61 -17.01
C ILE B 257 39.15 -23.26 -18.49
N LYS B 258 39.24 -21.96 -18.78
CA LYS B 258 39.43 -21.53 -20.16
C LYS B 258 40.72 -22.10 -20.75
N ARG B 259 41.82 -22.04 -19.99
CA ARG B 259 43.11 -22.45 -20.54
C ARG B 259 43.16 -23.95 -20.85
N GLU B 260 42.80 -24.79 -19.89
CA GLU B 260 42.81 -26.23 -20.17
C GLU B 260 41.72 -26.64 -21.15
N PHE B 261 40.57 -25.98 -21.15
CA PHE B 261 39.56 -26.32 -22.16
C PHE B 261 40.07 -26.00 -23.56
N ASP B 262 40.79 -24.88 -23.72
CA ASP B 262 41.41 -24.60 -25.01
C ASP B 262 42.45 -25.64 -25.36
N ALA B 263 43.27 -26.05 -24.39
CA ALA B 263 44.33 -27.02 -24.67
C ALA B 263 43.75 -28.41 -24.95
N ALA B 264 42.74 -28.82 -24.19
CA ALA B 264 42.20 -30.17 -24.33
C ALA B 264 41.35 -30.35 -25.58
N GLY B 265 41.05 -29.27 -26.31
CA GLY B 265 40.24 -29.37 -27.50
C GLY B 265 38.75 -29.26 -27.25
N ILE B 266 38.32 -29.14 -26.01
CA ILE B 266 36.91 -28.94 -25.71
C ILE B 266 36.53 -27.52 -26.11
N SER B 267 35.46 -27.40 -26.88
CA SER B 267 35.09 -26.14 -27.51
C SER B 267 33.92 -25.50 -26.78
N PHE B 268 34.06 -24.22 -26.44
CA PHE B 268 32.94 -23.44 -25.95
C PHE B 268 32.07 -23.09 -27.15
N PRO B 269 30.79 -23.49 -27.17
CA PRO B 269 30.00 -23.33 -28.38
C PRO B 269 29.38 -21.94 -28.50
N TYR B 270 29.47 -21.39 -29.70
CA TYR B 270 28.69 -20.22 -30.04
C TYR B 270 27.22 -20.63 -30.15
N PRO B 271 26.29 -19.67 -30.09
CA PRO B 271 24.88 -20.02 -30.28
C PRO B 271 24.67 -20.81 -31.56
N GLN B 272 24.26 -22.07 -31.40
CA GLN B 272 24.03 -22.95 -32.53
C GLN B 272 22.71 -22.58 -33.19
N MET B 273 22.62 -22.81 -34.50
CA MET B 273 21.36 -22.58 -35.19
C MET B 273 21.30 -23.58 -36.34
N ASP B 274 20.13 -24.13 -36.60
CA ASP B 274 19.97 -25.15 -37.63
C ASP B 274 19.08 -24.60 -38.72
N VAL B 275 19.56 -24.64 -39.96
CA VAL B 275 18.91 -23.98 -41.08
C VAL B 275 18.55 -25.00 -42.15
N ASN B 276 17.30 -24.96 -42.62
CA ASN B 276 16.83 -25.79 -43.71
C ASN B 276 16.50 -24.89 -44.90
N PHE B 277 16.84 -25.34 -46.09
CA PHE B 277 16.71 -24.48 -47.27
C PHE B 277 15.57 -24.92 -48.18
N LYS B 278 14.85 -23.93 -48.70
CA LYS B 278 13.96 -24.13 -49.84
C LYS B 278 14.12 -22.97 -50.79
N ARG B 279 13.82 -23.22 -52.05
CA ARG B 279 13.92 -22.21 -53.10
C ARG B 279 12.54 -21.68 -53.46
N VAL B 280 12.43 -20.36 -53.54
CA VAL B 280 11.17 -19.71 -53.89
C VAL B 280 11.46 -18.37 -54.57
N MET C 1 7.08 48.46 35.52
CA MET C 1 6.06 49.05 36.37
C MET C 1 6.64 49.49 37.70
N GLU C 2 7.16 50.73 37.73
CA GLU C 2 7.82 51.30 38.90
C GLU C 2 8.70 50.30 39.64
N ASP C 3 8.28 49.91 40.84
CA ASP C 3 9.04 48.98 41.67
C ASP C 3 8.44 47.60 41.75
N LEU C 4 7.47 47.28 40.89
CA LEU C 4 6.85 45.95 40.93
C LEU C 4 7.81 44.88 40.42
N ASN C 5 8.67 45.23 39.46
CA ASN C 5 9.57 44.28 38.82
C ASN C 5 10.97 44.29 39.43
N VAL C 6 11.13 44.78 40.65
CA VAL C 6 12.44 44.94 41.27
C VAL C 6 12.37 44.25 42.64
N VAL C 7 13.40 44.44 43.47
CA VAL C 7 13.61 43.75 44.74
C VAL C 7 12.34 43.62 45.57
N ASP C 8 11.37 44.51 45.36
CA ASP C 8 10.07 44.36 45.99
C ASP C 8 9.38 43.04 45.63
N SER C 9 9.78 42.41 44.52
CA SER C 9 9.28 41.09 44.16
C SER C 9 10.37 40.03 44.07
N ILE C 10 11.56 40.37 43.57
CA ILE C 10 12.63 39.39 43.45
C ILE C 10 13.42 39.32 44.75
N ASN C 11 14.26 38.29 44.86
CA ASN C 11 15.10 38.04 46.03
C ASN C 11 14.24 37.85 47.28
N GLY C 12 13.05 37.31 47.10
CA GLY C 12 12.15 37.01 48.21
C GLY C 12 11.57 38.23 48.88
N ALA C 13 11.80 39.41 48.30
CA ALA C 13 11.26 40.67 48.80
C ALA C 13 11.65 40.94 50.25
N GLY C 14 12.72 40.32 50.73
CA GLY C 14 13.16 40.50 52.10
C GLY C 14 12.36 39.69 53.10
N SER C 15 11.11 40.07 53.33
CA SER C 15 10.27 39.40 54.31
C SER C 15 9.20 38.51 53.69
N TRP C 16 8.94 38.64 52.39
CA TRP C 16 7.95 37.79 51.74
C TRP C 16 8.37 36.32 51.79
N LEU C 17 9.66 36.04 51.53
CA LEU C 17 10.16 34.68 51.66
C LEU C 17 10.10 34.21 53.11
N VAL C 18 10.40 35.10 54.05
CA VAL C 18 10.31 34.75 55.47
C VAL C 18 8.88 34.35 55.84
N ALA C 19 7.90 35.11 55.34
CA ALA C 19 6.50 34.78 55.61
C ALA C 19 6.07 33.50 54.92
N ASN C 20 6.59 33.24 53.72
CA ASN C 20 6.21 32.06 52.95
C ASN C 20 7.08 30.84 53.25
N GLN C 21 7.99 30.96 54.21
CA GLN C 21 8.83 29.82 54.59
C GLN C 21 8.00 28.60 54.98
N ALA C 22 6.85 28.82 55.63
CA ALA C 22 6.00 27.68 56.00
C ALA C 22 5.47 26.96 54.77
N LEU C 23 5.00 27.71 53.78
CA LEU C 23 4.52 27.09 52.55
C LEU C 23 5.65 26.41 51.80
N LEU C 24 6.84 27.01 51.80
CA LEU C 24 7.99 26.37 51.16
C LEU C 24 8.35 25.06 51.85
N LEU C 25 8.29 25.04 53.19
CA LEU C 25 8.55 23.79 53.91
C LEU C 25 7.50 22.74 53.58
N SER C 26 6.23 23.15 53.49
CA SER C 26 5.17 22.20 53.15
C SER C 26 5.39 21.62 51.75
N TYR C 27 5.76 22.48 50.79
CA TYR C 27 6.01 22.00 49.44
C TYR C 27 7.22 21.08 49.39
N ALA C 28 8.27 21.40 50.17
CA ALA C 28 9.44 20.53 50.22
C ALA C 28 9.08 19.17 50.79
N VAL C 29 8.25 19.14 51.84
CA VAL C 29 7.80 17.87 52.41
C VAL C 29 7.00 17.09 51.38
N ASN C 30 6.12 17.78 50.64
CA ASN C 30 5.33 17.11 49.61
C ASN C 30 6.24 16.50 48.54
N ILE C 31 7.26 17.25 48.11
CA ILE C 31 8.17 16.77 47.07
C ILE C 31 8.96 15.58 47.58
N VAL C 32 9.42 15.63 48.82
CA VAL C 32 10.17 14.51 49.40
C VAL C 32 9.30 13.26 49.46
N ALA C 33 8.05 13.43 49.90
CA ALA C 33 7.13 12.30 49.95
C ALA C 33 6.88 11.72 48.55
N ALA C 34 6.72 12.60 47.55
CA ALA C 34 6.51 12.12 46.19
C ALA C 34 7.72 11.34 45.68
N LEU C 35 8.92 11.84 45.96
CA LEU C 35 10.12 11.14 45.51
C LEU C 35 10.27 9.79 46.20
N ALA C 36 9.97 9.73 47.50
CA ALA C 36 10.00 8.45 48.20
C ALA C 36 8.98 7.48 47.62
N ILE C 37 7.79 7.99 47.27
CA ILE C 37 6.77 7.16 46.64
C ILE C 37 7.28 6.62 45.30
N ILE C 38 7.95 7.47 44.52
CA ILE C 38 8.49 7.03 43.23
C ILE C 38 9.51 5.92 43.44
N ILE C 39 10.40 6.09 44.42
CA ILE C 39 11.45 5.11 44.65
C ILE C 39 10.86 3.77 45.09
N VAL C 40 9.95 3.81 46.06
CA VAL C 40 9.36 2.56 46.56
C VAL C 40 8.51 1.91 45.47
N GLY C 41 7.86 2.71 44.64
CA GLY C 41 7.08 2.15 43.55
C GLY C 41 7.95 1.46 42.51
N LEU C 42 9.09 2.07 42.16
CA LEU C 42 10.02 1.42 41.24
C LEU C 42 10.51 0.10 41.81
N ILE C 43 10.89 0.10 43.09
CA ILE C 43 11.41 -1.11 43.71
C ILE C 43 10.36 -2.21 43.71
N ILE C 44 9.14 -1.87 44.15
CA ILE C 44 8.08 -2.87 44.22
C ILE C 44 7.67 -3.33 42.83
N ALA C 45 7.73 -2.44 41.83
CA ALA C 45 7.41 -2.83 40.46
C ALA C 45 8.43 -3.85 39.95
N ARG C 46 9.71 -3.60 40.17
CA ARG C 46 10.73 -4.56 39.74
C ARG C 46 10.54 -5.90 40.44
N MET C 47 10.29 -5.86 41.77
CA MET C 47 10.11 -7.11 42.50
C MET C 47 8.90 -7.89 42.01
N ILE C 48 7.78 -7.19 41.79
CA ILE C 48 6.56 -7.85 41.36
C ILE C 48 6.72 -8.41 39.95
N SER C 49 7.38 -7.67 39.06
CA SER C 49 7.60 -8.17 37.71
C SER C 49 8.46 -9.42 37.73
N ASN C 50 9.54 -9.42 38.52
CA ASN C 50 10.37 -10.61 38.61
C ASN C 50 9.59 -11.79 39.18
N ALA C 51 8.79 -11.54 40.23
CA ALA C 51 8.03 -12.61 40.85
C ALA C 51 7.00 -13.20 39.88
N VAL C 52 6.28 -12.34 39.16
CA VAL C 52 5.25 -12.86 38.26
C VAL C 52 5.87 -13.58 37.08
N ASN C 53 7.02 -13.09 36.58
CA ASN C 53 7.70 -13.79 35.51
C ASN C 53 8.14 -15.18 35.97
N ARG C 54 8.74 -15.26 37.16
CA ARG C 54 9.19 -16.54 37.69
C ARG C 54 8.01 -17.49 37.90
N LEU C 55 6.89 -16.95 38.41
CA LEU C 55 5.72 -17.79 38.66
C LEU C 55 5.13 -18.34 37.38
N MET C 56 4.93 -17.47 36.38
CA MET C 56 4.24 -17.90 35.16
C MET C 56 5.15 -18.75 34.28
N ILE C 57 6.48 -18.57 34.40
CA ILE C 57 7.40 -19.43 33.67
C ILE C 57 7.20 -20.89 34.07
N SER C 58 6.97 -21.13 35.37
CA SER C 58 6.75 -22.50 35.84
C SER C 58 5.46 -23.09 35.30
N ARG C 59 4.51 -22.25 34.91
CA ARG C 59 3.21 -22.74 34.42
C ARG C 59 3.24 -22.96 32.91
N LYS C 60 4.25 -23.69 32.45
CA LYS C 60 4.42 -24.11 31.05
C LYS C 60 4.13 -23.01 30.03
N ILE C 61 4.41 -21.76 30.39
CA ILE C 61 4.24 -20.64 29.48
C ILE C 61 5.58 -20.32 28.83
N ASP C 62 5.53 -19.92 27.56
CA ASP C 62 6.75 -19.61 26.82
C ASP C 62 7.47 -18.43 27.47
N ALA C 63 8.80 -18.47 27.41
CA ALA C 63 9.61 -17.43 28.05
C ALA C 63 9.38 -16.06 27.44
N THR C 64 9.22 -15.99 26.11
CA THR C 64 9.11 -14.69 25.44
C THR C 64 7.85 -13.96 25.87
N VAL C 65 6.69 -14.63 25.80
CA VAL C 65 5.43 -13.98 26.17
C VAL C 65 5.40 -13.68 27.66
N ALA C 66 5.97 -14.57 28.47
CA ALA C 66 6.02 -14.32 29.91
C ALA C 66 6.84 -13.08 30.22
N ASP C 67 8.01 -12.93 29.57
CA ASP C 67 8.81 -11.74 29.76
C ASP C 67 8.09 -10.50 29.27
N PHE C 68 7.39 -10.61 28.14
CA PHE C 68 6.66 -9.47 27.60
C PHE C 68 5.58 -8.99 28.57
N LEU C 69 4.81 -9.92 29.13
CA LEU C 69 3.74 -9.51 30.04
C LEU C 69 4.28 -9.08 31.38
N SER C 70 5.42 -9.64 31.81
CA SER C 70 6.08 -9.15 33.01
C SER C 70 6.54 -7.71 32.84
N ALA C 71 7.11 -7.39 31.67
CA ALA C 71 7.49 -6.02 31.38
C ALA C 71 6.27 -5.11 31.33
N LEU C 72 5.17 -5.61 30.76
CA LEU C 72 3.94 -4.83 30.74
C LEU C 72 3.45 -4.53 32.16
N VAL C 73 3.51 -5.53 33.04
CA VAL C 73 3.10 -5.33 34.43
C VAL C 73 4.02 -4.32 35.12
N ARG C 74 5.33 -4.42 34.88
CA ARG C 74 6.26 -3.48 35.47
C ARG C 74 5.98 -2.05 35.01
N TYR C 75 5.75 -1.88 33.71
CA TYR C 75 5.45 -0.55 33.19
C TYR C 75 4.14 -0.02 33.76
N GLY C 76 3.14 -0.89 33.89
CA GLY C 76 1.89 -0.47 34.49
C GLY C 76 2.07 -0.02 35.92
N ILE C 77 2.85 -0.77 36.71
CA ILE C 77 3.05 -0.42 38.11
C ILE C 77 3.84 0.88 38.24
N ILE C 78 4.86 1.08 37.40
CA ILE C 78 5.61 2.33 37.49
C ILE C 78 4.74 3.51 37.06
N ALA C 79 3.87 3.31 36.06
CA ALA C 79 2.93 4.37 35.69
C ALA C 79 1.97 4.67 36.83
N PHE C 80 1.51 3.63 37.53
CA PHE C 80 0.62 3.82 38.67
C PHE C 80 1.32 4.60 39.77
N THR C 81 2.59 4.27 40.01
CA THR C 81 3.38 4.98 41.02
C THR C 81 3.54 6.45 40.63
N LEU C 82 3.77 6.72 39.35
CA LEU C 82 3.84 8.11 38.89
C LEU C 82 2.51 8.83 39.11
N ILE C 83 1.39 8.15 38.82
CA ILE C 83 0.07 8.73 39.06
C ILE C 83 -0.07 9.10 40.53
N ALA C 84 0.27 8.17 41.42
CA ALA C 84 0.13 8.42 42.85
C ALA C 84 1.05 9.55 43.31
N ALA C 85 2.29 9.57 42.83
CA ALA C 85 3.24 10.59 43.24
C ALA C 85 2.80 11.97 42.80
N LEU C 86 2.32 12.10 41.56
CA LEU C 86 1.87 13.41 41.10
C LEU C 86 0.51 13.80 41.67
N GLY C 87 -0.29 12.83 42.10
CA GLY C 87 -1.45 13.16 42.91
C GLY C 87 -1.06 13.72 44.26
N ARG C 88 0.00 13.16 44.85
CA ARG C 88 0.55 13.72 46.07
C ARG C 88 1.07 15.14 45.83
N VAL C 89 1.75 15.35 44.71
CA VAL C 89 2.17 16.69 44.31
C VAL C 89 0.99 17.61 44.01
N GLY C 90 -0.07 17.07 43.42
CA GLY C 90 -1.23 17.87 43.08
C GLY C 90 -1.22 18.35 41.65
N VAL C 91 -1.10 17.43 40.70
CA VAL C 91 -1.12 17.76 39.28
C VAL C 91 -2.45 17.32 38.65
N GLN C 92 -3.50 17.26 39.47
CA GLN C 92 -4.91 17.06 39.12
C GLN C 92 -5.21 15.61 38.75
N THR C 93 -4.21 14.74 38.60
CA THR C 93 -4.40 13.30 38.42
C THR C 93 -5.06 12.99 37.08
N ALA C 94 -5.45 14.03 36.34
CA ALA C 94 -6.03 13.86 35.02
C ALA C 94 -5.08 14.30 33.92
N SER C 95 -4.43 15.46 34.10
CA SER C 95 -3.37 15.84 33.18
C SER C 95 -2.24 14.83 33.19
N VAL C 96 -1.96 14.24 34.36
CA VAL C 96 -0.90 13.24 34.46
C VAL C 96 -1.23 12.04 33.59
N ILE C 97 -2.44 11.50 33.72
CA ILE C 97 -2.81 10.32 32.94
C ILE C 97 -2.93 10.67 31.47
N ALA C 98 -3.36 11.89 31.14
CA ALA C 98 -3.44 12.30 29.74
C ALA C 98 -2.04 12.35 29.11
N VAL C 99 -1.08 12.92 29.83
CA VAL C 99 0.28 13.01 29.30
C VAL C 99 0.91 11.63 29.21
N LEU C 100 0.66 10.77 30.20
CA LEU C 100 1.17 9.41 30.12
C LEU C 100 0.55 8.66 28.95
N GLY C 101 -0.73 8.89 28.69
CA GLY C 101 -1.36 8.27 27.52
C GLY C 101 -0.77 8.77 26.22
N ALA C 102 -0.48 10.07 26.14
CA ALA C 102 0.16 10.61 24.94
C ALA C 102 1.55 10.00 24.74
N ALA C 103 2.31 9.88 25.82
CA ALA C 103 3.63 9.26 25.73
C ALA C 103 3.53 7.80 25.31
N GLY C 104 2.55 7.08 25.86
CA GLY C 104 2.36 5.69 25.48
C GLY C 104 1.94 5.56 24.02
N LEU C 105 1.12 6.49 23.54
CA LEU C 105 0.74 6.49 22.13
C LEU C 105 1.95 6.74 21.24
N ALA C 106 2.81 7.67 21.64
CA ALA C 106 4.03 7.91 20.88
C ALA C 106 4.92 6.66 20.86
N VAL C 107 5.07 6.01 22.02
CA VAL C 107 5.89 4.81 22.10
C VAL C 107 5.30 3.69 21.25
N GLY C 108 3.97 3.57 21.25
CA GLY C 108 3.33 2.55 20.42
C GLY C 108 3.51 2.82 18.94
N LEU C 109 3.39 4.09 18.53
CA LEU C 109 3.66 4.43 17.14
C LEU C 109 5.10 4.14 16.77
N ALA C 110 6.02 4.34 17.71
CA ALA C 110 7.43 4.01 17.49
C ALA C 110 7.60 2.52 17.27
N LEU C 111 7.06 1.72 18.18
CA LEU C 111 7.26 0.27 18.13
C LEU C 111 6.54 -0.33 16.93
N GLN C 112 5.20 -0.24 16.91
CA GLN C 112 4.35 -0.78 15.86
C GLN C 112 4.92 -2.02 15.20
N GLY C 113 5.78 -1.82 14.21
CA GLY C 113 6.38 -2.90 13.45
C GLY C 113 7.18 -3.85 14.32
N SER C 114 8.01 -3.31 15.22
CA SER C 114 8.81 -4.16 16.08
C SER C 114 7.97 -5.03 17.00
N LEU C 115 6.93 -4.45 17.61
CA LEU C 115 6.11 -5.21 18.53
C LEU C 115 5.26 -6.23 17.78
N SER C 116 4.84 -5.88 16.56
CA SER C 116 4.17 -6.85 15.70
C SER C 116 5.12 -8.00 15.34
N ASN C 117 6.39 -7.69 15.10
CA ASN C 117 7.38 -8.73 14.85
C ASN C 117 7.53 -9.64 16.05
N LEU C 118 7.50 -9.05 17.26
CA LEU C 118 7.59 -9.87 18.47
C LEU C 118 6.39 -10.81 18.56
N ALA C 119 5.19 -10.29 18.30
CA ALA C 119 4.01 -11.14 18.33
C ALA C 119 4.10 -12.25 17.28
N ALA C 120 4.57 -11.92 16.08
CA ALA C 120 4.75 -12.93 15.05
C ALA C 120 5.74 -14.00 15.49
N GLY C 121 6.86 -13.58 16.08
CA GLY C 121 7.83 -14.55 16.57
C GLY C 121 7.26 -15.46 17.63
N VAL C 122 6.39 -14.92 18.48
CA VAL C 122 5.67 -15.76 19.44
C VAL C 122 4.82 -16.77 18.71
N LEU C 123 4.14 -16.34 17.64
CA LEU C 123 3.29 -17.26 16.88
C LEU C 123 4.10 -18.37 16.23
N LEU C 124 5.23 -18.03 15.62
CA LEU C 124 6.02 -19.00 14.87
C LEU C 124 6.58 -20.09 15.78
N VAL C 125 7.06 -19.70 16.97
CA VAL C 125 7.78 -20.65 17.80
C VAL C 125 6.86 -21.76 18.30
N MET C 126 5.59 -21.44 18.58
CA MET C 126 4.72 -22.44 19.19
C MET C 126 3.94 -23.23 18.14
N PHE C 127 3.59 -22.62 17.02
CA PHE C 127 3.04 -23.38 15.90
C PHE C 127 4.10 -24.19 15.16
N ARG C 128 5.36 -23.74 15.20
CA ARG C 128 6.52 -24.27 14.48
C ARG C 128 6.17 -24.81 13.10
N PRO C 129 5.72 -23.97 12.17
CA PRO C 129 5.61 -24.43 10.78
C PRO C 129 6.96 -24.83 10.20
N PHE C 130 8.04 -24.23 10.69
CA PHE C 130 9.39 -24.63 10.35
C PHE C 130 10.23 -24.60 11.61
N ARG C 131 11.36 -25.31 11.57
CA ARG C 131 12.23 -25.41 12.73
C ARG C 131 13.68 -25.37 12.27
N ALA C 132 14.58 -25.20 13.24
CA ALA C 132 16.00 -25.06 12.93
C ALA C 132 16.52 -26.28 12.18
N GLY C 133 17.27 -26.04 11.12
CA GLY C 133 17.82 -27.07 10.29
C GLY C 133 16.96 -27.45 9.10
N GLU C 134 15.73 -26.94 9.04
CA GLU C 134 14.81 -27.32 7.98
C GLU C 134 14.92 -26.35 6.81
N TYR C 135 14.99 -26.90 5.60
CA TYR C 135 15.13 -26.11 4.39
C TYR C 135 13.76 -25.58 3.99
N VAL C 136 13.60 -24.25 4.03
CA VAL C 136 12.34 -23.60 3.70
C VAL C 136 12.60 -22.33 2.91
N ASP C 137 11.55 -21.83 2.28
CA ASP C 137 11.57 -20.59 1.52
C ASP C 137 10.57 -19.62 2.16
N LEU C 138 10.97 -18.36 2.29
CA LEU C 138 10.15 -17.38 3.00
C LEU C 138 9.75 -16.22 2.11
N GLY C 139 9.34 -16.51 0.88
CA GLY C 139 8.90 -15.47 -0.01
C GLY C 139 10.00 -14.92 -0.90
N GLY C 140 10.70 -15.82 -1.59
CA GLY C 140 11.76 -15.44 -2.49
C GLY C 140 13.16 -15.67 -1.97
N VAL C 141 13.33 -15.92 -0.67
CA VAL C 141 14.61 -16.23 -0.08
C VAL C 141 14.53 -17.59 0.58
N ALA C 142 15.38 -18.52 0.13
CA ALA C 142 15.35 -19.90 0.59
C ALA C 142 16.69 -20.28 1.21
N GLY C 143 16.63 -21.12 2.23
CA GLY C 143 17.82 -21.52 2.93
C GLY C 143 17.48 -22.34 4.15
N THR C 144 18.52 -22.69 4.90
CA THR C 144 18.37 -23.49 6.10
C THR C 144 18.20 -22.57 7.30
N VAL C 145 17.14 -22.80 8.07
CA VAL C 145 16.89 -21.97 9.25
C VAL C 145 17.88 -22.32 10.35
N LEU C 146 18.54 -21.29 10.89
CA LEU C 146 19.48 -21.47 11.98
C LEU C 146 18.83 -21.29 13.34
N SER C 147 18.11 -20.20 13.56
CA SER C 147 17.44 -19.94 14.82
C SER C 147 16.31 -18.97 14.60
N VAL C 148 15.38 -18.94 15.54
CA VAL C 148 14.23 -18.05 15.52
C VAL C 148 14.34 -17.15 16.75
N GLN C 149 14.84 -15.94 16.56
CA GLN C 149 14.92 -15.00 17.67
C GLN C 149 13.57 -14.36 17.93
N ILE C 150 13.53 -13.50 18.94
CA ILE C 150 12.27 -12.88 19.34
C ILE C 150 11.77 -11.88 18.30
N PHE C 151 12.68 -11.20 17.61
CA PHE C 151 12.26 -10.24 16.59
C PHE C 151 12.53 -10.71 15.16
N SER C 152 13.45 -11.64 14.95
CA SER C 152 13.85 -12.00 13.60
C SER C 152 14.35 -13.44 13.58
N THR C 153 14.50 -13.98 12.37
CA THR C 153 15.04 -15.30 12.16
C THR C 153 16.29 -15.23 11.31
N THR C 154 17.33 -15.96 11.72
CA THR C 154 18.56 -16.08 10.95
C THR C 154 18.53 -17.39 10.18
N MET C 155 18.77 -17.32 8.88
CA MET C 155 18.71 -18.49 8.01
C MET C 155 19.86 -18.43 7.02
N ARG C 156 20.39 -19.60 6.69
CA ARG C 156 21.58 -19.71 5.85
C ARG C 156 21.20 -20.24 4.47
N THR C 157 21.52 -19.48 3.44
CA THR C 157 21.30 -19.94 2.08
C THR C 157 22.32 -21.02 1.74
N ALA C 158 22.04 -21.77 0.67
CA ALA C 158 22.89 -22.90 0.31
C ALA C 158 24.29 -22.47 -0.08
N ASP C 159 24.48 -21.20 -0.43
CA ASP C 159 25.76 -20.70 -0.88
C ASP C 159 26.57 -20.04 0.23
N GLY C 160 26.13 -20.15 1.49
CA GLY C 160 26.85 -19.57 2.60
C GLY C 160 26.35 -18.21 3.05
N LYS C 161 25.26 -17.72 2.46
CA LYS C 161 24.70 -16.45 2.87
C LYS C 161 24.11 -16.55 4.28
N ILE C 162 24.10 -15.42 4.98
CA ILE C 162 23.40 -15.30 6.25
C ILE C 162 22.25 -14.31 6.04
N ILE C 163 21.03 -14.78 6.24
CA ILE C 163 19.83 -14.01 5.92
C ILE C 163 19.07 -13.75 7.20
N VAL C 164 18.71 -12.50 7.45
CA VAL C 164 17.92 -12.12 8.61
C VAL C 164 16.59 -11.57 8.12
N ILE C 165 15.51 -12.17 8.57
CA ILE C 165 14.15 -11.82 8.15
C ILE C 165 13.38 -11.38 9.37
N PRO C 166 12.75 -10.21 9.38
CA PRO C 166 11.85 -9.85 10.48
C PRO C 166 10.69 -10.83 10.59
N ASN C 167 10.32 -11.14 11.83
CA ASN C 167 9.29 -12.16 12.05
C ASN C 167 7.93 -11.72 11.49
N GLY C 168 7.67 -10.41 11.51
CA GLY C 168 6.37 -9.95 11.06
C GLY C 168 6.11 -10.23 9.59
N LYS C 169 7.12 -10.04 8.75
CA LYS C 169 6.95 -10.27 7.32
C LYS C 169 6.84 -11.77 7.02
N ILE C 170 7.45 -12.60 7.86
CA ILE C 170 7.44 -14.04 7.66
C ILE C 170 6.01 -14.56 7.72
N ILE C 171 5.28 -14.20 8.78
CA ILE C 171 3.91 -14.69 8.94
C ILE C 171 2.96 -14.08 7.93
N ALA C 172 3.22 -12.86 7.46
CA ALA C 172 2.35 -12.24 6.46
C ALA C 172 2.45 -12.95 5.12
N GLY C 173 3.64 -13.40 4.73
CA GLY C 173 3.84 -14.08 3.47
C GLY C 173 3.70 -15.59 3.59
N ASN C 174 3.94 -16.25 2.46
CA ASN C 174 3.85 -17.70 2.42
C ASN C 174 5.05 -18.33 3.13
N ILE C 175 4.83 -19.52 3.67
CA ILE C 175 5.89 -20.33 4.28
C ILE C 175 6.09 -21.53 3.36
N ILE C 176 7.07 -21.43 2.47
CA ILE C 176 7.31 -22.45 1.47
C ILE C 176 8.31 -23.44 2.05
N ASN C 177 7.84 -24.63 2.40
CA ASN C 177 8.65 -25.61 3.14
C ASN C 177 9.13 -26.68 2.17
N PHE C 178 10.44 -26.93 2.18
CA PHE C 178 11.03 -27.92 1.28
C PHE C 178 11.20 -29.28 1.93
N SER C 179 11.40 -29.34 3.25
CA SER C 179 11.83 -30.56 3.91
C SER C 179 10.77 -31.20 4.80
N ARG C 180 9.55 -30.69 4.82
CA ARG C 180 8.52 -31.30 5.65
C ARG C 180 8.11 -32.67 5.11
N GLU C 181 7.88 -32.76 3.80
CA GLU C 181 7.53 -34.04 3.20
C GLU C 181 8.80 -34.83 2.91
N PRO C 182 8.94 -36.05 3.44
CA PRO C 182 10.15 -36.83 3.17
C PRO C 182 10.31 -37.24 1.71
N VAL C 183 9.25 -37.20 0.90
CA VAL C 183 9.31 -37.60 -0.49
C VAL C 183 8.91 -36.42 -1.36
N ARG C 184 9.64 -36.21 -2.45
CA ARG C 184 9.40 -35.10 -3.36
C ARG C 184 9.54 -35.60 -4.79
N ARG C 185 9.12 -34.75 -5.73
CA ARG C 185 9.03 -35.11 -7.14
C ARG C 185 9.99 -34.29 -7.97
N ASN C 186 10.70 -34.95 -8.88
CA ASN C 186 11.51 -34.28 -9.89
C ASN C 186 10.72 -34.17 -11.19
N GLU C 187 11.13 -33.21 -12.02
CA GLU C 187 10.52 -33.00 -13.33
C GLU C 187 11.61 -32.78 -14.36
N PHE C 188 11.62 -33.58 -15.41
CA PHE C 188 12.56 -33.44 -16.50
C PHE C 188 11.82 -33.02 -17.76
N ILE C 189 12.38 -32.04 -18.47
CA ILE C 189 11.86 -31.60 -19.76
C ILE C 189 12.94 -31.92 -20.79
N ILE C 190 12.65 -32.86 -21.68
CA ILE C 190 13.62 -33.35 -22.66
C ILE C 190 13.12 -32.96 -24.05
N GLY C 191 13.95 -32.23 -24.78
CA GLY C 191 13.64 -31.83 -26.14
C GLY C 191 14.32 -32.74 -27.14
N VAL C 192 13.52 -33.26 -28.07
CA VAL C 192 14.01 -34.18 -29.10
C VAL C 192 13.55 -33.69 -30.47
N ALA C 193 14.23 -34.17 -31.50
CA ALA C 193 13.91 -33.78 -32.86
C ALA C 193 12.53 -34.30 -33.25
N TYR C 194 11.90 -33.59 -34.21
CA TYR C 194 10.54 -33.93 -34.60
C TYR C 194 10.46 -35.30 -35.26
N ASP C 195 11.51 -35.72 -35.95
CA ASP C 195 11.50 -37.01 -36.62
C ASP C 195 11.82 -38.17 -35.68
N SER C 196 12.12 -37.89 -34.42
CA SER C 196 12.44 -38.94 -33.47
C SER C 196 11.23 -39.85 -33.23
N ASP C 197 11.51 -41.13 -33.03
CA ASP C 197 10.46 -42.11 -32.79
C ASP C 197 9.96 -41.95 -31.35
N ILE C 198 8.66 -41.63 -31.22
CA ILE C 198 8.09 -41.37 -29.89
C ILE C 198 8.16 -42.62 -29.03
N ASP C 199 7.81 -43.78 -29.60
CA ASP C 199 7.81 -45.01 -28.83
C ASP C 199 9.20 -45.35 -28.33
N GLN C 200 10.21 -45.17 -29.17
CA GLN C 200 11.59 -45.45 -28.75
C GLN C 200 12.02 -44.54 -27.61
N VAL C 201 11.68 -43.25 -27.71
CA VAL C 201 12.06 -42.30 -26.65
C VAL C 201 11.38 -42.68 -25.35
N LYS C 202 10.07 -42.97 -25.40
CA LYS C 202 9.35 -43.34 -24.19
C LYS C 202 9.92 -44.61 -23.58
N GLN C 203 10.23 -45.60 -24.41
CA GLN C 203 10.75 -46.87 -23.90
C GLN C 203 12.13 -46.67 -23.28
N ILE C 204 12.98 -45.85 -23.90
CA ILE C 204 14.31 -45.60 -23.35
C ILE C 204 14.20 -44.87 -22.02
N LEU C 205 13.34 -43.86 -21.93
CA LEU C 205 13.19 -43.13 -20.68
C LEU C 205 12.62 -44.04 -19.59
N THR C 206 11.68 -44.92 -19.96
CA THR C 206 11.15 -45.87 -19.00
C THR C 206 12.23 -46.81 -18.49
N ASN C 207 13.10 -47.29 -19.38
CA ASN C 207 14.22 -48.11 -18.94
C ASN C 207 15.13 -47.33 -18.00
N ILE C 208 15.41 -46.07 -18.32
CA ILE C 208 16.32 -45.28 -17.50
C ILE C 208 15.75 -45.10 -16.10
N ILE C 209 14.47 -44.75 -16.00
CA ILE C 209 13.88 -44.56 -14.69
C ILE C 209 13.60 -45.89 -13.98
N GLN C 210 13.58 -47.00 -14.72
CA GLN C 210 13.36 -48.29 -14.09
C GLN C 210 14.58 -48.75 -13.32
N SER C 211 15.77 -48.41 -13.81
CA SER C 211 17.02 -48.91 -13.25
C SER C 211 17.52 -48.05 -12.09
N GLU C 212 16.80 -46.99 -11.72
CA GLU C 212 17.20 -46.13 -10.61
C GLU C 212 16.59 -46.66 -9.33
N ASP C 213 17.44 -47.08 -8.39
CA ASP C 213 16.95 -47.65 -7.13
C ASP C 213 16.39 -46.60 -6.20
N ARG C 214 16.80 -45.33 -6.34
CA ARG C 214 16.33 -44.27 -5.46
C ARG C 214 15.00 -43.68 -5.89
N ILE C 215 14.44 -44.15 -6.99
CA ILE C 215 13.14 -43.68 -7.44
C ILE C 215 12.06 -44.59 -6.88
N LEU C 216 11.08 -44.01 -6.21
CA LEU C 216 10.01 -44.77 -5.59
C LEU C 216 9.14 -45.40 -6.67
N LYS C 217 9.16 -46.74 -6.75
CA LYS C 217 8.39 -47.43 -7.78
C LYS C 217 6.91 -47.50 -7.44
N ASP C 218 6.54 -47.32 -6.18
CA ASP C 218 5.15 -47.41 -5.76
C ASP C 218 4.36 -46.14 -6.03
N ARG C 219 5.00 -45.09 -6.52
CA ARG C 219 4.33 -43.84 -6.83
C ARG C 219 4.32 -43.64 -8.34
N GLU C 220 3.55 -42.64 -8.78
CA GLU C 220 3.40 -42.38 -10.20
C GLU C 220 4.72 -42.03 -10.84
N MET C 221 4.98 -42.61 -12.01
CA MET C 221 6.18 -42.35 -12.80
C MET C 221 5.74 -42.09 -14.24
N THR C 222 5.42 -40.83 -14.54
CA THR C 222 4.90 -40.50 -15.86
C THR C 222 6.04 -40.19 -16.82
N VAL C 223 6.02 -40.85 -17.97
CA VAL C 223 6.89 -40.52 -19.09
C VAL C 223 6.00 -40.36 -20.32
N ARG C 224 5.55 -39.14 -20.57
CA ARG C 224 4.55 -38.90 -21.60
C ARG C 224 4.93 -37.66 -22.40
N LEU C 225 4.41 -37.61 -23.63
CA LEU C 225 4.54 -36.42 -24.46
C LEU C 225 3.83 -35.25 -23.80
N ASN C 226 4.52 -34.12 -23.69
CA ASN C 226 3.96 -32.96 -22.99
C ASN C 226 3.43 -31.88 -23.92
N GLU C 227 4.22 -31.41 -24.87
CA GLU C 227 3.77 -30.37 -25.78
C GLU C 227 4.68 -30.33 -26.99
N LEU C 228 4.14 -29.85 -28.11
CA LEU C 228 4.86 -29.74 -29.37
C LEU C 228 5.48 -28.35 -29.43
N GLY C 229 6.77 -28.28 -29.11
CA GLY C 229 7.48 -27.02 -29.06
C GLY C 229 7.74 -26.47 -30.45
N ALA C 230 8.23 -25.22 -30.47
CA ALA C 230 8.51 -24.55 -31.72
C ALA C 230 9.58 -25.28 -32.52
N SER C 231 10.66 -25.68 -31.85
CA SER C 231 11.77 -26.34 -32.52
C SER C 231 12.07 -27.73 -32.00
N SER C 232 11.33 -28.23 -31.01
CA SER C 232 11.65 -29.51 -30.41
C SER C 232 10.40 -30.15 -29.82
N ILE C 233 10.35 -31.48 -29.89
CA ILE C 233 9.35 -32.23 -29.16
C ILE C 233 9.79 -32.38 -27.71
N ASN C 234 8.93 -31.97 -26.77
CA ASN C 234 9.27 -31.94 -25.36
C ASN C 234 8.55 -33.07 -24.63
N PHE C 235 9.32 -33.94 -23.98
CA PHE C 235 8.78 -34.99 -23.13
C PHE C 235 8.91 -34.58 -21.67
N VAL C 236 7.93 -34.96 -20.86
CA VAL C 236 7.92 -34.68 -19.43
C VAL C 236 8.12 -36.00 -18.68
N VAL C 237 9.06 -36.01 -17.74
CA VAL C 237 9.33 -37.16 -16.91
C VAL C 237 9.20 -36.72 -15.45
N ARG C 238 8.35 -37.41 -14.70
CA ARG C 238 8.13 -37.09 -13.30
C ARG C 238 8.35 -38.35 -12.47
N VAL C 239 9.28 -38.28 -11.52
CA VAL C 239 9.56 -39.39 -10.63
C VAL C 239 9.64 -38.85 -9.21
N TRP C 240 9.39 -39.74 -8.24
CA TRP C 240 9.41 -39.38 -6.83
C TRP C 240 10.58 -40.05 -6.13
N SER C 241 11.22 -39.31 -5.23
CA SER C 241 12.35 -39.83 -4.48
C SER C 241 12.38 -39.16 -3.11
N ASN C 242 13.14 -39.76 -2.21
CA ASN C 242 13.31 -39.17 -0.88
C ASN C 242 13.97 -37.80 -0.99
N SER C 243 13.58 -36.90 -0.09
CA SER C 243 14.03 -35.52 -0.18
C SER C 243 15.55 -35.41 -0.15
N GLY C 244 16.23 -36.34 0.53
CA GLY C 244 17.68 -36.29 0.58
C GLY C 244 18.36 -36.66 -0.72
N ASP C 245 17.69 -37.43 -1.57
CA ASP C 245 18.27 -37.91 -2.81
C ASP C 245 17.80 -37.15 -4.04
N LEU C 246 17.05 -36.06 -3.86
CA LEU C 246 16.41 -35.40 -5.00
C LEU C 246 17.44 -34.91 -6.01
N GLN C 247 18.43 -34.14 -5.56
CA GLN C 247 19.38 -33.55 -6.48
C GLN C 247 20.26 -34.61 -7.14
N ASN C 248 20.72 -35.59 -6.35
CA ASN C 248 21.56 -36.64 -6.90
C ASN C 248 20.81 -37.45 -7.94
N VAL C 249 19.54 -37.79 -7.66
CA VAL C 249 18.74 -38.52 -8.63
C VAL C 249 18.55 -37.69 -9.89
N TYR C 250 18.26 -36.39 -9.74
CA TYR C 250 18.11 -35.53 -10.89
C TYR C 250 19.35 -35.56 -11.77
N TRP C 251 20.51 -35.35 -11.15
CA TRP C 251 21.76 -35.28 -11.91
C TRP C 251 22.06 -36.61 -12.60
N ASP C 252 21.92 -37.72 -11.86
CA ASP C 252 22.22 -39.03 -12.42
C ASP C 252 21.29 -39.35 -13.58
N VAL C 253 19.99 -39.09 -13.41
CA VAL C 253 19.03 -39.40 -14.46
C VAL C 253 19.30 -38.55 -15.70
N LEU C 254 19.60 -37.26 -15.51
CA LEU C 254 19.88 -36.41 -16.66
C LEU C 254 21.13 -36.89 -17.40
N GLU C 255 22.19 -37.21 -16.65
CA GLU C 255 23.43 -37.63 -17.29
C GLU C 255 23.23 -38.94 -18.06
N ARG C 256 22.50 -39.89 -17.45
CA ARG C 256 22.18 -41.11 -18.19
C ARG C 256 21.38 -40.79 -19.44
N ILE C 257 20.25 -40.09 -19.29
CA ILE C 257 19.43 -39.71 -20.43
C ILE C 257 20.31 -39.21 -21.57
N LYS C 258 21.28 -38.35 -21.25
CA LYS C 258 22.22 -37.89 -22.27
C LYS C 258 22.98 -39.06 -22.88
N ARG C 259 23.50 -39.96 -22.05
CA ARG C 259 24.33 -41.05 -22.58
C ARG C 259 23.52 -41.98 -23.50
N GLU C 260 22.39 -42.50 -23.02
CA GLU C 260 21.63 -43.41 -23.88
C GLU C 260 21.00 -42.71 -25.08
N PHE C 261 20.64 -41.43 -24.96
CA PHE C 261 20.15 -40.72 -26.14
C PHE C 261 21.25 -40.56 -27.17
N ASP C 262 22.49 -40.32 -26.73
CA ASP C 262 23.60 -40.29 -27.67
C ASP C 262 23.81 -41.65 -28.33
N ALA C 263 23.74 -42.72 -27.53
CA ALA C 263 23.98 -44.05 -28.07
C ALA C 263 22.87 -44.50 -29.01
N ALA C 264 21.61 -44.21 -28.65
CA ALA C 264 20.48 -44.68 -29.44
C ALA C 264 20.31 -43.91 -30.75
N GLY C 265 21.06 -42.84 -30.96
CA GLY C 265 20.93 -42.05 -32.17
C GLY C 265 19.86 -40.99 -32.11
N ILE C 266 19.15 -40.86 -31.00
CA ILE C 266 18.17 -39.78 -30.83
C ILE C 266 18.92 -38.48 -30.60
N SER C 267 18.57 -37.46 -31.37
CA SER C 267 19.32 -36.22 -31.42
C SER C 267 18.60 -35.13 -30.63
N PHE C 268 19.34 -34.46 -29.75
CA PHE C 268 18.83 -33.25 -29.11
C PHE C 268 18.91 -32.13 -30.14
N PRO C 269 17.81 -31.48 -30.49
CA PRO C 269 17.83 -30.54 -31.61
C PRO C 269 18.29 -29.16 -31.20
N TYR C 270 19.16 -28.58 -32.04
CA TYR C 270 19.46 -27.17 -31.95
C TYR C 270 18.24 -26.36 -32.38
N PRO C 271 18.18 -25.08 -32.01
CA PRO C 271 17.06 -24.24 -32.47
C PRO C 271 16.83 -24.36 -33.97
N GLN C 272 15.67 -24.89 -34.35
CA GLN C 272 15.39 -25.18 -35.74
C GLN C 272 15.02 -23.91 -36.48
N MET C 273 15.27 -23.90 -37.79
CA MET C 273 15.03 -22.74 -38.62
C MET C 273 14.89 -23.15 -40.07
N ASP C 274 13.90 -22.57 -40.74
CA ASP C 274 13.65 -22.82 -42.16
C ASP C 274 13.78 -21.50 -42.90
N VAL C 275 14.60 -21.48 -43.94
CA VAL C 275 14.95 -20.25 -44.65
C VAL C 275 14.53 -20.39 -46.11
N ASN C 276 13.91 -19.35 -46.65
CA ASN C 276 13.50 -19.31 -48.05
C ASN C 276 14.32 -18.26 -48.79
N PHE C 277 14.85 -18.64 -49.96
CA PHE C 277 15.66 -17.74 -50.75
C PHE C 277 14.81 -16.88 -51.67
N LYS C 278 15.17 -15.60 -51.73
CA LYS C 278 14.71 -14.71 -52.79
C LYS C 278 15.88 -13.85 -53.23
N ARG C 279 15.97 -13.62 -54.53
CA ARG C 279 17.06 -12.86 -55.12
C ARG C 279 16.61 -11.45 -55.46
N VAL C 280 17.40 -10.48 -55.04
CA VAL C 280 17.09 -9.07 -55.30
C VAL C 280 18.40 -8.28 -55.45
N MET D 1 19.92 19.43 53.65
CA MET D 1 19.25 20.38 54.53
C MET D 1 19.40 19.95 56.00
N GLU D 2 20.51 20.37 56.61
CA GLU D 2 20.85 20.03 57.99
C GLU D 2 20.55 18.57 58.31
N ASP D 3 19.53 18.34 59.15
CA ASP D 3 19.17 17.00 59.60
C ASP D 3 17.89 16.49 58.96
N LEU D 4 17.37 17.16 57.93
CA LEU D 4 16.14 16.70 57.30
C LEU D 4 16.36 15.43 56.48
N ASN D 5 17.55 15.27 55.92
CA ASN D 5 17.87 14.13 55.06
C ASN D 5 18.61 13.01 55.81
N VAL D 6 18.52 12.97 57.13
CA VAL D 6 19.29 12.03 57.94
C VAL D 6 18.30 11.30 58.85
N VAL D 7 18.81 10.52 59.81
CA VAL D 7 18.04 9.61 60.66
C VAL D 7 16.75 10.23 61.18
N ASP D 8 16.69 11.56 61.26
CA ASP D 8 15.44 12.23 61.58
C ASP D 8 14.33 11.91 60.59
N SER D 9 14.66 11.46 59.38
CA SER D 9 13.67 11.02 58.40
C SER D 9 13.82 9.56 58.00
N ILE D 10 15.05 9.05 57.88
CA ILE D 10 15.25 7.66 57.48
C ILE D 10 15.22 6.76 58.71
N ASN D 11 15.12 5.45 58.45
CA ASN D 11 15.07 4.43 59.49
C ASN D 11 13.87 4.62 60.41
N GLY D 12 12.80 5.20 59.86
CA GLY D 12 11.58 5.41 60.62
C GLY D 12 11.68 6.46 61.70
N ALA D 13 12.81 7.18 61.74
CA ALA D 13 13.05 8.26 62.69
C ALA D 13 12.89 7.79 64.15
N GLY D 14 13.04 6.49 64.40
CA GLY D 14 12.91 5.97 65.75
C GLY D 14 11.47 5.79 66.19
N SER D 15 10.78 6.91 66.42
CA SER D 15 9.40 6.87 66.89
C SER D 15 8.38 7.23 65.82
N TRP D 16 8.82 7.84 64.71
CA TRP D 16 7.88 8.18 63.65
C TRP D 16 7.23 6.94 63.05
N LEU D 17 8.03 5.89 62.81
CA LEU D 17 7.47 4.63 62.31
C LEU D 17 6.56 4.00 63.34
N VAL D 18 6.94 4.04 64.62
CA VAL D 18 6.12 3.46 65.68
C VAL D 18 4.79 4.18 65.78
N ALA D 19 4.80 5.52 65.69
CA ALA D 19 3.56 6.28 65.75
C ALA D 19 2.70 6.03 64.53
N ASN D 20 3.28 5.53 63.44
CA ASN D 20 2.56 5.23 62.21
C ASN D 20 2.17 3.76 62.09
N GLN D 21 2.26 2.99 63.18
CA GLN D 21 2.05 1.55 63.10
C GLN D 21 0.63 1.22 62.64
N ALA D 22 -0.36 1.98 63.11
CA ALA D 22 -1.74 1.68 62.73
C ALA D 22 -1.96 1.84 61.24
N LEU D 23 -1.41 2.91 60.64
CA LEU D 23 -1.57 3.11 59.20
C LEU D 23 -0.88 2.02 58.40
N LEU D 24 0.31 1.59 58.84
CA LEU D 24 0.99 0.49 58.16
C LEU D 24 0.18 -0.80 58.26
N LEU D 25 -0.41 -1.07 59.42
CA LEU D 25 -1.26 -2.24 59.57
C LEU D 25 -2.48 -2.15 58.64
N SER D 26 -3.08 -0.97 58.54
CA SER D 26 -4.22 -0.80 57.65
C SER D 26 -3.84 -1.02 56.20
N TYR D 27 -2.69 -0.48 55.79
CA TYR D 27 -2.23 -0.68 54.41
C TYR D 27 -1.91 -2.15 54.13
N ALA D 28 -1.33 -2.84 55.11
CA ALA D 28 -1.07 -4.27 54.93
C ALA D 28 -2.36 -5.05 54.79
N VAL D 29 -3.37 -4.70 55.59
CA VAL D 29 -4.67 -5.36 55.48
C VAL D 29 -5.27 -5.09 54.10
N ASN D 30 -5.18 -3.85 53.63
CA ASN D 30 -5.70 -3.51 52.31
C ASN D 30 -5.01 -4.31 51.22
N ILE D 31 -3.68 -4.43 51.31
CA ILE D 31 -2.93 -5.18 50.30
C ILE D 31 -3.31 -6.65 50.32
N VAL D 32 -3.44 -7.22 51.53
CA VAL D 32 -3.83 -8.63 51.63
C VAL D 32 -5.21 -8.85 51.03
N ALA D 33 -6.15 -7.94 51.33
CA ALA D 33 -7.49 -8.05 50.76
C ALA D 33 -7.46 -7.95 49.25
N ALA D 34 -6.64 -7.03 48.71
CA ALA D 34 -6.54 -6.88 47.27
C ALA D 34 -5.98 -8.15 46.63
N LEU D 35 -4.95 -8.75 47.23
CA LEU D 35 -4.39 -9.97 46.68
C LEU D 35 -5.39 -11.12 46.73
N ALA D 36 -6.14 -11.22 47.83
CA ALA D 36 -7.18 -12.25 47.91
C ALA D 36 -8.25 -12.03 46.84
N ILE D 37 -8.61 -10.78 46.60
CA ILE D 37 -9.57 -10.46 45.54
C ILE D 37 -9.02 -10.88 44.19
N ILE D 38 -7.73 -10.63 43.96
CA ILE D 38 -7.11 -11.03 42.69
C ILE D 38 -7.18 -12.54 42.51
N ILE D 39 -6.85 -13.29 43.56
CA ILE D 39 -6.86 -14.75 43.45
C ILE D 39 -8.28 -15.26 43.20
N VAL D 40 -9.25 -14.74 43.95
CA VAL D 40 -10.64 -15.16 43.76
C VAL D 40 -11.12 -14.82 42.36
N GLY D 41 -10.78 -13.63 41.87
CA GLY D 41 -11.17 -13.25 40.53
C GLY D 41 -10.56 -14.14 39.46
N LEU D 42 -9.29 -14.50 39.62
CA LEU D 42 -8.64 -15.39 38.66
C LEU D 42 -9.33 -16.75 38.63
N ILE D 43 -9.57 -17.34 39.80
CA ILE D 43 -10.17 -18.67 39.82
C ILE D 43 -11.60 -18.64 39.28
N ILE D 44 -12.37 -17.63 39.67
CA ILE D 44 -13.74 -17.55 39.19
C ILE D 44 -13.78 -17.27 37.69
N ALA D 45 -12.82 -16.49 37.19
CA ALA D 45 -12.75 -16.24 35.74
C ALA D 45 -12.45 -17.51 34.98
N ARG D 46 -11.51 -18.31 35.48
CA ARG D 46 -11.21 -19.58 34.82
C ARG D 46 -12.43 -20.49 34.82
N MET D 47 -13.11 -20.59 35.96
CA MET D 47 -14.29 -21.45 36.05
C MET D 47 -15.39 -20.97 35.11
N ILE D 48 -15.64 -19.67 35.08
CA ILE D 48 -16.70 -19.13 34.24
C ILE D 48 -16.37 -19.31 32.76
N SER D 49 -15.11 -19.10 32.38
CA SER D 49 -14.72 -19.30 31.00
C SER D 49 -14.90 -20.75 30.57
N ASN D 50 -14.46 -21.69 31.42
CA ASN D 50 -14.66 -23.10 31.09
C ASN D 50 -16.14 -23.43 30.98
N ALA D 51 -16.96 -22.94 31.91
CA ALA D 51 -18.37 -23.23 31.89
C ALA D 51 -19.05 -22.69 30.64
N VAL D 52 -18.74 -21.44 30.27
CA VAL D 52 -19.39 -20.84 29.12
C VAL D 52 -18.93 -21.51 27.82
N ASN D 53 -17.66 -21.89 27.75
CA ASN D 53 -17.18 -22.62 26.58
C ASN D 53 -17.91 -23.95 26.45
N ARG D 54 -18.02 -24.70 27.56
CA ARG D 54 -18.71 -25.98 27.53
C ARG D 54 -20.17 -25.81 27.14
N LEU D 55 -20.82 -24.78 27.69
CA LEU D 55 -22.23 -24.55 27.40
C LEU D 55 -22.46 -24.21 25.93
N MET D 56 -21.67 -23.28 25.40
CA MET D 56 -21.92 -22.81 24.04
C MET D 56 -21.46 -23.82 22.99
N ILE D 57 -20.48 -24.65 23.33
CA ILE D 57 -20.08 -25.72 22.41
C ILE D 57 -21.24 -26.64 22.14
N SER D 58 -22.05 -26.94 23.17
CA SER D 58 -23.21 -27.81 22.98
C SER D 58 -24.25 -27.18 22.06
N ARG D 59 -24.28 -25.85 21.96
CA ARG D 59 -25.26 -25.16 21.13
C ARG D 59 -24.78 -24.98 19.70
N LYS D 60 -24.32 -26.09 19.10
CA LYS D 60 -23.90 -26.16 17.69
C LYS D 60 -23.04 -24.99 17.23
N ILE D 61 -22.23 -24.43 18.13
CA ILE D 61 -21.31 -23.35 17.80
C ILE D 61 -19.94 -23.94 17.53
N ASP D 62 -19.23 -23.36 16.56
CA ASP D 62 -17.91 -23.86 16.19
C ASP D 62 -16.95 -23.75 17.36
N ALA D 63 -16.02 -24.71 17.45
CA ALA D 63 -15.09 -24.76 18.56
C ALA D 63 -14.17 -23.55 18.60
N THR D 64 -13.69 -23.09 17.44
CA THR D 64 -12.73 -22.00 17.42
C THR D 64 -13.32 -20.70 17.95
N VAL D 65 -14.49 -20.33 17.44
CA VAL D 65 -15.13 -19.08 17.87
C VAL D 65 -15.55 -19.18 19.33
N ALA D 66 -16.02 -20.36 19.75
CA ALA D 66 -16.40 -20.54 21.15
C ALA D 66 -15.20 -20.37 22.06
N ASP D 67 -14.06 -20.95 21.70
CA ASP D 67 -12.84 -20.77 22.49
C ASP D 67 -12.40 -19.32 22.50
N PHE D 68 -12.50 -18.64 21.35
CA PHE D 68 -12.11 -17.23 21.29
C PHE D 68 -12.96 -16.39 22.22
N LEU D 69 -14.28 -16.58 22.21
CA LEU D 69 -15.13 -15.75 23.05
C LEU D 69 -15.03 -16.17 24.53
N SER D 70 -14.73 -17.44 24.79
CA SER D 70 -14.46 -17.85 26.17
C SER D 70 -13.21 -17.18 26.71
N ALA D 71 -12.15 -17.11 25.88
CA ALA D 71 -10.95 -16.39 26.28
C ALA D 71 -11.23 -14.91 26.47
N LEU D 72 -12.06 -14.33 25.60
CA LEU D 72 -12.46 -12.93 25.77
C LEU D 72 -13.18 -12.72 27.09
N VAL D 73 -14.09 -13.63 27.44
CA VAL D 73 -14.81 -13.53 28.71
C VAL D 73 -13.85 -13.64 29.88
N ARG D 74 -12.89 -14.57 29.81
CA ARG D 74 -11.92 -14.73 30.88
C ARG D 74 -11.09 -13.46 31.06
N TYR D 75 -10.63 -12.88 29.93
CA TYR D 75 -9.86 -11.66 30.00
C TYR D 75 -10.69 -10.50 30.56
N GLY D 76 -11.95 -10.42 30.16
CA GLY D 76 -12.82 -9.39 30.72
C GLY D 76 -13.00 -9.53 32.22
N ILE D 77 -13.25 -10.76 32.69
CA ILE D 77 -13.47 -10.98 34.11
C ILE D 77 -12.21 -10.67 34.91
N ILE D 78 -11.04 -11.07 34.41
CA ILE D 78 -9.83 -10.71 35.12
C ILE D 78 -9.60 -9.21 35.07
N ALA D 79 -10.05 -8.54 34.00
CA ALA D 79 -9.97 -7.08 33.96
C ALA D 79 -10.80 -6.46 35.07
N PHE D 80 -12.04 -6.94 35.25
CA PHE D 80 -12.84 -6.44 36.37
C PHE D 80 -12.18 -6.78 37.70
N THR D 81 -11.50 -7.93 37.77
CA THR D 81 -10.83 -8.33 38.99
C THR D 81 -9.73 -7.35 39.37
N LEU D 82 -8.87 -6.99 38.41
CA LEU D 82 -7.84 -5.99 38.67
C LEU D 82 -8.44 -4.62 38.97
N ILE D 83 -9.53 -4.25 38.28
CA ILE D 83 -10.18 -2.98 38.56
C ILE D 83 -10.63 -2.93 40.02
N ALA D 84 -11.30 -3.98 40.47
CA ALA D 84 -11.79 -4.03 41.85
C ALA D 84 -10.62 -4.05 42.84
N ALA D 85 -9.57 -4.81 42.53
CA ALA D 85 -8.44 -4.90 43.44
C ALA D 85 -7.75 -3.56 43.61
N LEU D 86 -7.51 -2.84 42.50
CA LEU D 86 -6.86 -1.55 42.59
C LEU D 86 -7.78 -0.47 43.15
N GLY D 87 -9.09 -0.63 43.00
CA GLY D 87 -10.01 0.23 43.75
C GLY D 87 -9.93 -0.01 45.24
N ARG D 88 -9.78 -1.27 45.64
CA ARG D 88 -9.57 -1.58 47.05
C ARG D 88 -8.27 -0.97 47.55
N VAL D 89 -7.22 -1.03 46.73
CA VAL D 89 -5.99 -0.31 47.03
C VAL D 89 -6.21 1.19 47.06
N GLY D 90 -7.15 1.71 46.26
CA GLY D 90 -7.43 3.13 46.23
C GLY D 90 -6.64 3.87 45.18
N VAL D 91 -6.73 3.41 43.93
CA VAL D 91 -5.93 3.96 42.84
C VAL D 91 -6.84 4.73 41.87
N GLN D 92 -7.96 5.26 42.37
CA GLN D 92 -8.90 6.18 41.73
C GLN D 92 -9.76 5.49 40.68
N THR D 93 -9.47 4.25 40.28
CA THR D 93 -10.34 3.42 39.43
C THR D 93 -10.44 4.00 38.02
N ALA D 94 -9.85 5.18 37.79
CA ALA D 94 -9.85 5.79 36.46
C ALA D 94 -8.49 5.68 35.79
N SER D 95 -7.42 6.01 36.52
CA SER D 95 -6.08 5.73 36.02
C SER D 95 -5.89 4.25 35.79
N VAL D 96 -6.55 3.41 36.59
CA VAL D 96 -6.46 1.97 36.41
C VAL D 96 -7.04 1.56 35.07
N ILE D 97 -8.26 2.00 34.78
CA ILE D 97 -8.90 1.61 33.52
C ILE D 97 -8.14 2.22 32.35
N ALA D 98 -7.54 3.40 32.53
CA ALA D 98 -6.69 3.97 31.49
C ALA D 98 -5.47 3.08 31.24
N VAL D 99 -4.86 2.57 32.31
CA VAL D 99 -3.66 1.74 32.15
C VAL D 99 -3.99 0.44 31.44
N LEU D 100 -5.06 -0.26 31.86
CA LEU D 100 -5.44 -1.47 31.14
C LEU D 100 -5.94 -1.16 29.73
N GLY D 101 -6.49 0.03 29.50
CA GLY D 101 -6.85 0.40 28.14
C GLY D 101 -5.63 0.55 27.25
N ALA D 102 -4.58 1.19 27.76
CA ALA D 102 -3.34 1.29 27.01
C ALA D 102 -2.72 -0.08 26.78
N ALA D 103 -2.77 -0.94 27.79
CA ALA D 103 -2.26 -2.30 27.63
C ALA D 103 -3.03 -3.07 26.57
N GLY D 104 -4.36 -2.93 26.56
CA GLY D 104 -5.15 -3.57 25.54
C GLY D 104 -4.90 -3.02 24.15
N LEU D 105 -4.65 -1.71 24.07
CA LEU D 105 -4.29 -1.12 22.78
C LEU D 105 -2.95 -1.66 22.28
N ALA D 106 -1.99 -1.84 23.18
CA ALA D 106 -0.72 -2.45 22.80
C ALA D 106 -0.93 -3.90 22.35
N VAL D 107 -1.80 -4.62 23.04
CA VAL D 107 -2.10 -6.00 22.65
C VAL D 107 -2.73 -6.03 21.26
N GLY D 108 -3.62 -5.09 20.97
CA GLY D 108 -4.17 -5.00 19.63
C GLY D 108 -3.12 -4.67 18.60
N LEU D 109 -2.17 -3.80 18.97
CA LEU D 109 -1.05 -3.47 18.08
C LEU D 109 -0.18 -4.70 17.84
N ALA D 110 -0.20 -5.64 18.78
CA ALA D 110 0.47 -6.92 18.57
C ALA D 110 -0.32 -7.75 17.57
N LEU D 111 -1.61 -7.95 17.86
CA LEU D 111 -2.44 -8.83 17.05
C LEU D 111 -2.63 -8.35 15.62
N GLN D 112 -3.43 -7.30 15.42
CA GLN D 112 -4.07 -7.05 14.11
C GLN D 112 -4.13 -8.30 13.23
N GLY D 113 -3.02 -8.58 12.54
CA GLY D 113 -2.96 -9.60 11.51
C GLY D 113 -3.28 -11.01 11.96
N SER D 114 -2.77 -11.42 13.12
CA SER D 114 -3.05 -12.76 13.60
C SER D 114 -4.52 -12.94 13.99
N LEU D 115 -5.10 -11.94 14.64
CA LEU D 115 -6.53 -12.00 14.93
C LEU D 115 -7.36 -12.00 13.65
N SER D 116 -6.93 -11.22 12.65
CA SER D 116 -7.59 -11.25 11.35
C SER D 116 -7.47 -12.63 10.71
N ASN D 117 -6.31 -13.28 10.87
CA ASN D 117 -6.12 -14.62 10.36
C ASN D 117 -7.07 -15.60 11.04
N LEU D 118 -7.25 -15.45 12.35
CA LEU D 118 -8.19 -16.32 13.07
C LEU D 118 -9.61 -16.12 12.55
N ALA D 119 -10.02 -14.86 12.37
CA ALA D 119 -11.35 -14.58 11.83
C ALA D 119 -11.51 -15.16 10.43
N ALA D 120 -10.48 -15.00 9.59
CA ALA D 120 -10.53 -15.57 8.25
C ALA D 120 -10.64 -17.08 8.30
N GLY D 121 -9.90 -17.71 9.22
CA GLY D 121 -10.02 -19.15 9.36
C GLY D 121 -11.43 -19.57 9.74
N VAL D 122 -12.08 -18.79 10.62
CA VAL D 122 -13.46 -19.08 10.98
C VAL D 122 -14.36 -18.99 9.75
N LEU D 123 -14.20 -17.93 8.97
CA LEU D 123 -15.03 -17.79 7.76
C LEU D 123 -14.77 -18.93 6.78
N LEU D 124 -13.51 -19.29 6.57
CA LEU D 124 -13.19 -20.39 5.66
C LEU D 124 -13.78 -21.71 6.14
N VAL D 125 -13.68 -21.99 7.43
CA VAL D 125 -14.17 -23.28 7.92
C VAL D 125 -15.69 -23.32 7.89
N MET D 126 -16.35 -22.17 8.07
CA MET D 126 -17.81 -22.20 8.13
C MET D 126 -18.46 -22.12 6.75
N PHE D 127 -17.83 -21.43 5.80
CA PHE D 127 -18.36 -21.36 4.45
C PHE D 127 -17.79 -22.44 3.53
N ARG D 128 -16.64 -23.01 3.88
CA ARG D 128 -15.90 -24.00 3.10
C ARG D 128 -15.94 -23.76 1.60
N PRO D 129 -15.40 -22.65 1.10
CA PRO D 129 -15.20 -22.53 -0.35
C PRO D 129 -14.28 -23.61 -0.89
N PHE D 130 -13.34 -24.06 -0.08
CA PHE D 130 -12.57 -25.27 -0.35
C PHE D 130 -12.53 -26.11 0.91
N ARG D 131 -12.32 -27.41 0.73
CA ARG D 131 -12.23 -28.33 1.85
C ARG D 131 -11.05 -29.24 1.62
N ALA D 132 -10.55 -29.83 2.71
CA ALA D 132 -9.34 -30.63 2.66
C ALA D 132 -9.49 -31.78 1.68
N GLY D 133 -8.48 -31.96 0.83
CA GLY D 133 -8.44 -33.04 -0.12
C GLY D 133 -8.56 -32.63 -1.58
N GLU D 134 -9.01 -31.42 -1.87
CA GLU D 134 -9.19 -31.01 -3.25
C GLU D 134 -8.06 -30.10 -3.71
N TYR D 135 -7.86 -30.06 -5.03
CA TYR D 135 -6.82 -29.25 -5.66
C TYR D 135 -7.35 -27.84 -5.86
N VAL D 136 -6.62 -26.84 -5.35
CA VAL D 136 -7.03 -25.45 -5.42
C VAL D 136 -5.83 -24.56 -5.73
N ASP D 137 -6.14 -23.31 -6.05
CA ASP D 137 -5.13 -22.26 -6.22
C ASP D 137 -5.50 -21.11 -5.31
N LEU D 138 -4.52 -20.62 -4.55
CA LEU D 138 -4.79 -19.59 -3.55
C LEU D 138 -3.98 -18.33 -3.81
N GLY D 139 -3.92 -17.89 -5.06
CA GLY D 139 -3.21 -16.66 -5.38
C GLY D 139 -1.79 -16.89 -5.86
N GLY D 140 -1.62 -17.78 -6.83
CA GLY D 140 -0.32 -18.06 -7.40
C GLY D 140 0.30 -19.35 -6.93
N VAL D 141 -0.24 -19.98 -5.89
CA VAL D 141 0.26 -21.25 -5.39
C VAL D 141 -0.85 -22.29 -5.51
N ALA D 142 -0.54 -23.41 -6.13
CA ALA D 142 -1.51 -24.47 -6.39
C ALA D 142 -1.07 -25.75 -5.68
N GLY D 143 -2.05 -26.44 -5.10
CA GLY D 143 -1.77 -27.68 -4.40
C GLY D 143 -3.02 -28.23 -3.78
N THR D 144 -2.86 -29.40 -3.17
CA THR D 144 -3.96 -30.07 -2.50
C THR D 144 -4.00 -29.64 -1.04
N VAL D 145 -5.17 -29.19 -0.59
CA VAL D 145 -5.33 -28.74 0.79
C VAL D 145 -5.26 -29.94 1.73
N LEU D 146 -4.39 -29.87 2.73
CA LEU D 146 -4.28 -30.91 3.73
C LEU D 146 -5.18 -30.67 4.93
N SER D 147 -5.10 -29.49 5.54
CA SER D 147 -5.95 -29.14 6.66
C SER D 147 -5.97 -27.63 6.79
N VAL D 148 -6.98 -27.13 7.50
CA VAL D 148 -7.16 -25.69 7.72
C VAL D 148 -7.03 -25.45 9.22
N GLN D 149 -5.88 -24.96 9.65
CA GLN D 149 -5.69 -24.63 11.05
C GLN D 149 -6.38 -23.30 11.37
N ILE D 150 -6.34 -22.95 12.65
CA ILE D 150 -7.05 -21.76 13.12
C ILE D 150 -6.35 -20.47 12.69
N PHE D 151 -5.03 -20.51 12.49
CA PHE D 151 -4.32 -19.34 11.96
C PHE D 151 -3.85 -19.50 10.52
N SER D 152 -3.63 -20.72 10.05
CA SER D 152 -2.99 -20.90 8.75
C SER D 152 -3.54 -22.15 8.08
N THR D 153 -3.27 -22.27 6.78
CA THR D 153 -3.68 -23.41 5.98
C THR D 153 -2.47 -24.12 5.42
N THR D 154 -2.43 -25.44 5.59
CA THR D 154 -1.36 -26.28 5.07
C THR D 154 -1.84 -26.97 3.81
N MET D 155 -1.08 -26.81 2.72
CA MET D 155 -1.45 -27.35 1.43
C MET D 155 -0.21 -27.94 0.77
N ARG D 156 -0.41 -29.02 0.02
CA ARG D 156 0.69 -29.76 -0.59
C ARG D 156 0.71 -29.52 -2.09
N THR D 157 1.81 -28.98 -2.59
CA THR D 157 1.98 -28.78 -4.02
C THR D 157 2.10 -30.13 -4.71
N ALA D 158 1.77 -30.15 -6.01
CA ALA D 158 1.72 -31.40 -6.76
C ALA D 158 3.05 -32.14 -6.76
N ASP D 159 4.16 -31.45 -6.53
CA ASP D 159 5.47 -32.07 -6.52
C ASP D 159 5.88 -32.54 -5.12
N GLY D 160 4.98 -32.48 -4.15
CA GLY D 160 5.28 -32.88 -2.79
C GLY D 160 5.67 -31.76 -1.86
N LYS D 161 5.66 -30.52 -2.34
CA LYS D 161 6.08 -29.39 -1.53
C LYS D 161 5.00 -29.10 -0.48
N ILE D 162 5.44 -28.76 0.73
CA ILE D 162 4.54 -28.41 1.82
C ILE D 162 4.47 -26.89 1.91
N ILE D 163 3.26 -26.36 1.80
CA ILE D 163 3.04 -24.92 1.68
C ILE D 163 2.12 -24.48 2.81
N VAL D 164 2.51 -23.44 3.53
CA VAL D 164 1.71 -22.89 4.63
C VAL D 164 1.32 -21.47 4.25
N ILE D 165 0.02 -21.20 4.28
CA ILE D 165 -0.53 -19.90 3.90
C ILE D 165 -1.30 -19.36 5.09
N PRO D 166 -1.05 -18.11 5.52
CA PRO D 166 -1.91 -17.50 6.54
C PRO D 166 -3.34 -17.38 6.04
N ASN D 167 -4.29 -17.60 6.95
CA ASN D 167 -5.70 -17.60 6.56
C ASN D 167 -6.16 -16.23 6.09
N GLY D 168 -5.57 -15.16 6.65
CA GLY D 168 -6.01 -13.83 6.29
C GLY D 168 -5.77 -13.49 4.83
N LYS D 169 -4.63 -13.94 4.30
CA LYS D 169 -4.30 -13.63 2.91
C LYS D 169 -5.18 -14.43 1.95
N ILE D 170 -5.60 -15.62 2.36
CA ILE D 170 -6.42 -16.48 1.52
C ILE D 170 -7.74 -15.79 1.20
N ILE D 171 -8.42 -15.31 2.24
CA ILE D 171 -9.73 -14.67 2.04
C ILE D 171 -9.61 -13.34 1.31
N ALA D 172 -8.48 -12.65 1.42
CA ALA D 172 -8.31 -11.38 0.73
C ALA D 172 -8.17 -11.57 -0.78
N GLY D 173 -7.46 -12.60 -1.22
CA GLY D 173 -7.26 -12.85 -2.62
C GLY D 173 -8.30 -13.81 -3.19
N ASN D 174 -8.08 -14.18 -4.45
CA ASN D 174 -8.98 -15.10 -5.13
C ASN D 174 -8.81 -16.52 -4.60
N ILE D 175 -9.87 -17.30 -4.70
CA ILE D 175 -9.85 -18.71 -4.35
C ILE D 175 -10.27 -19.47 -5.59
N ILE D 176 -9.31 -20.10 -6.27
CA ILE D 176 -9.57 -20.86 -7.49
C ILE D 176 -9.62 -22.33 -7.11
N ASN D 177 -10.73 -22.99 -7.41
CA ASN D 177 -10.94 -24.39 -7.05
C ASN D 177 -10.82 -25.21 -8.32
N PHE D 178 -9.77 -26.02 -8.41
CA PHE D 178 -9.56 -26.88 -9.57
C PHE D 178 -10.51 -28.08 -9.58
N SER D 179 -11.03 -28.48 -8.42
CA SER D 179 -11.76 -29.74 -8.30
C SER D 179 -13.21 -29.58 -7.87
N ARG D 180 -13.75 -28.36 -7.88
CA ARG D 180 -15.16 -28.20 -7.53
C ARG D 180 -16.07 -28.71 -8.64
N GLU D 181 -15.87 -28.25 -9.86
CA GLU D 181 -16.70 -28.68 -10.98
C GLU D 181 -16.22 -30.04 -11.48
N PRO D 182 -17.09 -31.04 -11.55
CA PRO D 182 -16.63 -32.38 -11.93
C PRO D 182 -16.13 -32.49 -13.36
N VAL D 183 -16.49 -31.55 -14.24
CA VAL D 183 -16.10 -31.60 -15.64
C VAL D 183 -15.33 -30.33 -15.99
N ARG D 184 -14.25 -30.49 -16.75
CA ARG D 184 -13.40 -29.36 -17.10
C ARG D 184 -13.02 -29.47 -18.58
N ARG D 185 -12.42 -28.41 -19.09
CA ARG D 185 -12.14 -28.26 -20.51
C ARG D 185 -10.65 -28.20 -20.78
N ASN D 186 -10.19 -28.96 -21.76
CA ASN D 186 -8.84 -28.86 -22.29
C ASN D 186 -8.82 -27.94 -23.49
N GLU D 187 -7.65 -27.40 -23.79
CA GLU D 187 -7.47 -26.52 -24.94
C GLU D 187 -6.16 -26.85 -25.62
N PHE D 188 -6.21 -27.23 -26.89
CA PHE D 188 -5.04 -27.52 -27.69
C PHE D 188 -4.84 -26.43 -28.73
N ILE D 189 -3.60 -25.98 -28.88
CA ILE D 189 -3.21 -25.06 -29.93
C ILE D 189 -2.23 -25.80 -30.82
N ILE D 190 -2.62 -26.01 -32.08
CA ILE D 190 -1.84 -26.81 -33.02
C ILE D 190 -1.38 -25.90 -34.15
N GLY D 191 -0.07 -25.85 -34.36
CA GLY D 191 0.51 -25.05 -35.43
C GLY D 191 0.81 -25.93 -36.63
N VAL D 192 0.29 -25.50 -37.80
CA VAL D 192 0.47 -26.22 -39.04
C VAL D 192 0.98 -25.27 -40.10
N ALA D 193 1.56 -25.84 -41.16
CA ALA D 193 2.12 -25.05 -42.23
C ALA D 193 1.03 -24.30 -42.98
N TYR D 194 1.42 -23.17 -43.58
CA TYR D 194 0.43 -22.33 -44.25
C TYR D 194 -0.18 -23.01 -45.46
N ASP D 195 0.55 -23.90 -46.12
CA ASP D 195 0.02 -24.61 -47.28
C ASP D 195 -0.82 -25.82 -46.92
N SER D 196 -0.96 -26.13 -45.62
CA SER D 196 -1.74 -27.28 -45.22
C SER D 196 -3.22 -27.10 -45.57
N ASP D 197 -3.86 -28.20 -45.94
CA ASP D 197 -5.28 -28.17 -46.28
C ASP D 197 -6.09 -28.02 -45.00
N ILE D 198 -6.85 -26.92 -44.90
CA ILE D 198 -7.61 -26.63 -43.70
C ILE D 198 -8.67 -27.71 -43.46
N ASP D 199 -9.38 -28.11 -44.52
CA ASP D 199 -10.43 -29.09 -44.37
C ASP D 199 -9.87 -30.43 -43.87
N GLN D 200 -8.74 -30.86 -44.42
CA GLN D 200 -8.14 -32.11 -43.99
C GLN D 200 -7.72 -32.05 -42.53
N VAL D 201 -7.11 -30.94 -42.11
CA VAL D 201 -6.68 -30.80 -40.72
C VAL D 201 -7.89 -30.84 -39.80
N LYS D 202 -8.94 -30.10 -40.13
CA LYS D 202 -10.13 -30.07 -39.31
C LYS D 202 -10.78 -31.44 -39.21
N GLN D 203 -10.86 -32.15 -40.35
CA GLN D 203 -11.48 -33.47 -40.35
C GLN D 203 -10.68 -34.46 -39.53
N ILE D 204 -9.35 -34.42 -39.64
CA ILE D 204 -8.50 -35.32 -38.86
C ILE D 204 -8.65 -35.03 -37.37
N LEU D 205 -8.63 -33.75 -36.99
CA LEU D 205 -8.78 -33.41 -35.58
C LEU D 205 -10.15 -33.83 -35.07
N THR D 206 -11.19 -33.68 -35.88
CA THR D 206 -12.52 -34.15 -35.49
C THR D 206 -12.53 -35.65 -35.27
N ASN D 207 -11.88 -36.39 -36.17
CA ASN D 207 -11.80 -37.85 -36.01
C ASN D 207 -11.08 -38.22 -34.71
N ILE D 208 -10.01 -37.50 -34.39
CA ILE D 208 -9.23 -37.84 -33.20
C ILE D 208 -10.07 -37.70 -31.94
N ILE D 209 -10.79 -36.58 -31.81
CA ILE D 209 -11.61 -36.37 -30.63
C ILE D 209 -12.91 -37.17 -30.68
N GLN D 210 -13.33 -37.62 -31.87
CA GLN D 210 -14.54 -38.44 -31.96
C GLN D 210 -14.31 -39.82 -31.34
N SER D 211 -13.09 -40.34 -31.45
CA SER D 211 -12.77 -41.69 -31.00
C SER D 211 -12.33 -41.74 -29.55
N GLU D 212 -12.31 -40.61 -28.85
CA GLU D 212 -11.92 -40.59 -27.44
C GLU D 212 -13.15 -40.80 -26.57
N ASP D 213 -13.17 -41.91 -25.82
CA ASP D 213 -14.30 -42.23 -24.99
C ASP D 213 -14.43 -41.34 -23.77
N ARG D 214 -13.33 -40.77 -23.29
CA ARG D 214 -13.34 -39.92 -22.10
C ARG D 214 -13.72 -38.49 -22.40
N ILE D 215 -13.96 -38.14 -23.65
CA ILE D 215 -14.38 -36.80 -24.03
C ILE D 215 -15.90 -36.77 -24.07
N LEU D 216 -16.49 -35.81 -23.36
CA LEU D 216 -17.95 -35.71 -23.29
C LEU D 216 -18.49 -35.26 -24.64
N LYS D 217 -19.22 -36.16 -25.32
CA LYS D 217 -19.79 -35.83 -26.62
C LYS D 217 -21.00 -34.91 -26.50
N ASP D 218 -21.62 -34.84 -25.33
CA ASP D 218 -22.81 -34.03 -25.13
C ASP D 218 -22.51 -32.55 -24.95
N ARG D 219 -21.24 -32.18 -24.84
CA ARG D 219 -20.84 -30.80 -24.68
C ARG D 219 -20.13 -30.33 -25.95
N GLU D 220 -19.88 -29.02 -26.01
CA GLU D 220 -19.28 -28.44 -27.21
C GLU D 220 -17.89 -29.01 -27.45
N MET D 221 -17.60 -29.30 -28.72
CA MET D 221 -16.29 -29.80 -29.16
C MET D 221 -15.86 -28.95 -30.34
N THR D 222 -15.19 -27.83 -30.05
CA THR D 222 -14.82 -26.90 -31.10
C THR D 222 -13.47 -27.28 -31.71
N VAL D 223 -13.45 -27.43 -33.03
CA VAL D 223 -12.21 -27.57 -33.79
C VAL D 223 -12.28 -26.56 -34.93
N ARG D 224 -11.71 -25.38 -34.70
CA ARG D 224 -11.85 -24.29 -35.66
C ARG D 224 -10.52 -23.56 -35.79
N LEU D 225 -10.36 -22.87 -36.92
CA LEU D 225 -9.22 -22.00 -37.14
C LEU D 225 -9.25 -20.85 -36.13
N ASN D 226 -8.16 -20.68 -35.39
CA ASN D 226 -8.11 -19.67 -34.35
C ASN D 226 -7.48 -18.37 -34.77
N GLU D 227 -6.25 -18.40 -35.30
CA GLU D 227 -5.57 -17.19 -35.71
C GLU D 227 -4.45 -17.54 -36.67
N LEU D 228 -4.06 -16.55 -37.48
CA LEU D 228 -3.00 -16.72 -38.47
C LEU D 228 -1.71 -16.22 -37.84
N GLY D 229 -0.89 -17.16 -37.37
CA GLY D 229 0.35 -16.81 -36.71
C GLY D 229 1.41 -16.31 -37.67
N ALA D 230 2.51 -15.84 -37.08
CA ALA D 230 3.60 -15.30 -37.88
C ALA D 230 4.23 -16.39 -38.75
N SER D 231 4.42 -17.58 -38.18
CA SER D 231 5.06 -18.67 -38.89
C SER D 231 4.21 -19.92 -39.01
N SER D 232 3.00 -19.94 -38.45
CA SER D 232 2.21 -21.15 -38.43
C SER D 232 0.73 -20.82 -38.36
N ILE D 233 -0.08 -21.63 -39.02
CA ILE D 233 -1.52 -21.59 -38.83
C ILE D 233 -1.87 -22.32 -37.54
N ASN D 234 -2.59 -21.64 -36.65
CA ASN D 234 -2.91 -22.17 -35.32
C ASN D 234 -4.37 -22.59 -35.27
N PHE D 235 -4.60 -23.86 -34.97
CA PHE D 235 -5.94 -24.39 -34.74
C PHE D 235 -6.18 -24.53 -33.24
N VAL D 236 -7.41 -24.24 -32.82
CA VAL D 236 -7.80 -24.37 -31.42
C VAL D 236 -8.75 -25.56 -31.31
N VAL D 237 -8.47 -26.44 -30.35
CA VAL D 237 -9.31 -27.60 -30.07
C VAL D 237 -9.71 -27.54 -28.60
N ARG D 238 -11.01 -27.56 -28.35
CA ARG D 238 -11.54 -27.52 -26.99
C ARG D 238 -12.48 -28.69 -26.78
N VAL D 239 -12.17 -29.51 -25.78
CA VAL D 239 -12.99 -30.66 -25.44
C VAL D 239 -13.18 -30.68 -23.94
N TRP D 240 -14.27 -31.32 -23.50
CA TRP D 240 -14.60 -31.41 -22.09
C TRP D 240 -14.47 -32.85 -21.60
N SER D 241 -13.97 -33.01 -20.38
CA SER D 241 -13.81 -34.34 -19.79
C SER D 241 -13.91 -34.21 -18.28
N ASN D 242 -14.11 -35.35 -17.63
CA ASN D 242 -14.16 -35.37 -16.18
C ASN D 242 -12.83 -34.92 -15.60
N SER D 243 -12.90 -34.24 -14.46
CA SER D 243 -11.70 -33.64 -13.88
C SER D 243 -10.61 -34.67 -13.60
N GLY D 244 -10.99 -35.92 -13.32
CA GLY D 244 -10.01 -36.94 -13.05
C GLY D 244 -9.23 -37.39 -14.27
N ASP D 245 -9.80 -37.22 -15.46
CA ASP D 245 -9.17 -37.68 -16.69
C ASP D 245 -8.57 -36.57 -17.51
N LEU D 246 -8.50 -35.34 -16.99
CA LEU D 246 -8.10 -34.19 -17.79
C LEU D 246 -6.70 -34.38 -18.37
N GLN D 247 -5.72 -34.66 -17.50
CA GLN D 247 -4.34 -34.74 -17.95
C GLN D 247 -4.11 -35.93 -18.88
N ASN D 248 -4.70 -37.08 -18.55
CA ASN D 248 -4.54 -38.25 -19.39
C ASN D 248 -5.14 -38.02 -20.77
N VAL D 249 -6.33 -37.41 -20.82
CA VAL D 249 -6.95 -37.11 -22.11
C VAL D 249 -6.07 -36.13 -22.89
N TYR D 250 -5.55 -35.11 -22.23
CA TYR D 250 -4.67 -34.16 -22.90
C TYR D 250 -3.48 -34.87 -23.52
N TRP D 251 -2.80 -35.72 -22.74
CA TRP D 251 -1.60 -36.39 -23.24
C TRP D 251 -1.93 -37.33 -24.40
N ASP D 252 -3.00 -38.12 -24.25
CA ASP D 252 -3.36 -39.08 -25.28
C ASP D 252 -3.75 -38.37 -26.57
N VAL D 253 -4.55 -37.30 -26.47
CA VAL D 253 -4.97 -36.57 -27.65
C VAL D 253 -3.78 -35.93 -28.34
N LEU D 254 -2.86 -35.37 -27.56
CA LEU D 254 -1.67 -34.76 -28.18
C LEU D 254 -0.82 -35.80 -28.90
N GLU D 255 -0.59 -36.96 -28.25
CA GLU D 255 0.21 -38.00 -28.89
C GLU D 255 -0.45 -38.49 -30.17
N ARG D 256 -1.77 -38.69 -30.15
CA ARG D 256 -2.45 -39.09 -31.38
C ARG D 256 -2.31 -38.01 -32.44
N ILE D 257 -2.67 -36.77 -32.10
CA ILE D 257 -2.55 -35.66 -33.05
C ILE D 257 -1.20 -35.71 -33.76
N LYS D 258 -0.13 -35.90 -32.98
CA LYS D 258 1.20 -36.03 -33.57
C LYS D 258 1.26 -37.23 -34.52
N ARG D 259 0.72 -38.37 -34.10
CA ARG D 259 0.86 -39.60 -34.89
C ARG D 259 0.14 -39.48 -36.23
N GLU D 260 -1.15 -39.13 -36.21
CA GLU D 260 -1.87 -39.00 -37.48
C GLU D 260 -1.40 -37.81 -38.32
N PHE D 261 -0.93 -36.72 -37.68
CA PHE D 261 -0.39 -35.63 -38.49
C PHE D 261 0.88 -36.06 -39.21
N ASP D 262 1.71 -36.88 -38.55
CA ASP D 262 2.88 -37.43 -39.23
C ASP D 262 2.46 -38.33 -40.40
N ALA D 263 1.46 -39.19 -40.17
CA ALA D 263 1.04 -40.11 -41.21
C ALA D 263 0.36 -39.39 -42.37
N ALA D 264 -0.48 -38.40 -42.07
CA ALA D 264 -1.23 -37.71 -43.12
C ALA D 264 -0.36 -36.80 -43.97
N GLY D 265 0.90 -36.57 -43.59
CA GLY D 265 1.75 -35.68 -44.34
C GLY D 265 1.65 -34.23 -43.93
N ILE D 266 0.78 -33.89 -42.99
CA ILE D 266 0.70 -32.52 -42.49
C ILE D 266 1.91 -32.23 -41.64
N SER D 267 2.58 -31.12 -41.92
CA SER D 267 3.86 -30.80 -41.33
C SER D 267 3.72 -29.72 -40.28
N PHE D 268 4.31 -29.95 -39.10
CA PHE D 268 4.42 -28.92 -38.09
C PHE D 268 5.54 -27.98 -38.50
N PRO D 269 5.27 -26.70 -38.69
CA PRO D 269 6.29 -25.82 -39.28
C PRO D 269 7.29 -25.30 -38.25
N TYR D 270 8.55 -25.32 -38.63
CA TYR D 270 9.59 -24.70 -37.84
C TYR D 270 9.48 -23.19 -37.98
N PRO D 271 10.13 -22.41 -37.09
CA PRO D 271 10.10 -20.95 -37.22
C PRO D 271 10.41 -20.48 -38.63
N GLN D 272 9.40 -19.94 -39.29
CA GLN D 272 9.46 -19.58 -40.70
C GLN D 272 9.93 -18.14 -40.86
N MET D 273 10.90 -17.94 -41.76
CA MET D 273 11.27 -16.60 -42.20
C MET D 273 12.13 -16.71 -43.46
N ASP D 274 11.92 -15.77 -44.37
CA ASP D 274 12.54 -15.80 -45.71
C ASP D 274 13.58 -14.69 -45.79
N VAL D 275 14.60 -14.91 -46.61
CA VAL D 275 15.76 -14.03 -46.70
C VAL D 275 15.88 -13.48 -48.12
N ASN D 276 16.14 -12.19 -48.22
CA ASN D 276 16.42 -11.53 -49.50
C ASN D 276 17.91 -11.26 -49.60
N PHE D 277 18.50 -11.59 -50.75
CA PHE D 277 19.96 -11.53 -50.88
C PHE D 277 20.40 -10.28 -51.63
N LYS D 278 21.46 -9.66 -51.12
CA LYS D 278 22.20 -8.64 -51.85
C LYS D 278 23.69 -8.83 -51.59
N ARG D 279 24.49 -8.45 -52.57
CA ARG D 279 25.94 -8.55 -52.49
C ARG D 279 26.57 -7.19 -52.22
N VAL D 280 27.48 -7.16 -51.26
CA VAL D 280 28.19 -5.93 -50.93
C VAL D 280 29.59 -6.25 -50.40
N MET E 1 4.27 -12.87 58.96
CA MET E 1 3.98 -11.91 60.01
C MET E 1 3.26 -12.58 61.17
N GLU E 2 4.02 -13.28 62.01
CA GLU E 2 3.50 -14.08 63.12
C GLU E 2 2.26 -14.88 62.72
N ASP E 3 1.10 -14.48 63.23
CA ASP E 3 -0.15 -15.19 62.98
C ASP E 3 -1.08 -14.45 62.03
N LEU E 4 -0.57 -13.54 61.21
CA LEU E 4 -1.43 -12.84 60.25
C LEU E 4 -1.78 -13.74 59.07
N ASN E 5 -0.88 -14.64 58.69
CA ASN E 5 -1.07 -15.51 57.54
C ASN E 5 -1.40 -16.96 57.94
N VAL E 6 -2.23 -17.14 58.96
CA VAL E 6 -2.49 -18.46 59.53
C VAL E 6 -4.01 -18.61 59.66
N VAL E 7 -4.47 -19.67 60.32
CA VAL E 7 -5.88 -19.92 60.59
C VAL E 7 -6.57 -18.68 61.14
N ASP E 8 -5.81 -17.78 61.77
CA ASP E 8 -6.38 -16.53 62.27
C ASP E 8 -6.97 -15.65 61.18
N SER E 9 -6.58 -15.85 59.93
CA SER E 9 -7.18 -15.15 58.81
C SER E 9 -7.75 -16.07 57.74
N ILE E 10 -7.18 -17.25 57.56
CA ILE E 10 -7.70 -18.21 56.59
C ILE E 10 -8.72 -19.12 57.26
N ASN E 11 -9.50 -19.82 56.43
CA ASN E 11 -10.53 -20.76 56.88
C ASN E 11 -11.58 -20.06 57.74
N GLY E 12 -11.85 -18.80 57.42
CA GLY E 12 -12.90 -18.05 58.11
C GLY E 12 -12.58 -17.73 59.55
N ALA E 13 -11.33 -17.90 59.95
CA ALA E 13 -10.85 -17.55 61.29
C ALA E 13 -11.73 -18.13 62.40
N GLY E 14 -12.44 -19.22 62.12
CA GLY E 14 -13.37 -19.78 63.08
C GLY E 14 -14.69 -19.03 63.12
N SER E 15 -14.64 -17.72 63.42
CA SER E 15 -15.85 -16.94 63.58
C SER E 15 -15.93 -15.71 62.68
N TRP E 16 -14.86 -15.38 61.94
CA TRP E 16 -14.89 -14.20 61.09
C TRP E 16 -15.91 -14.37 59.96
N LEU E 17 -15.95 -15.56 59.36
CA LEU E 17 -16.95 -15.83 58.34
C LEU E 17 -18.36 -15.81 58.92
N VAL E 18 -18.53 -16.37 60.12
CA VAL E 18 -19.85 -16.42 60.75
C VAL E 18 -20.36 -15.00 61.02
N ALA E 19 -19.47 -14.13 61.51
CA ALA E 19 -19.87 -12.74 61.76
C ALA E 19 -20.22 -12.02 60.46
N ASN E 20 -19.70 -12.49 59.34
CA ASN E 20 -19.99 -11.91 58.03
C ASN E 20 -21.01 -12.73 57.25
N GLN E 21 -21.81 -13.56 57.93
CA GLN E 21 -22.75 -14.41 57.24
C GLN E 21 -23.80 -13.60 56.48
N ALA E 22 -24.30 -12.52 57.10
CA ALA E 22 -25.30 -11.69 56.43
C ALA E 22 -24.75 -11.06 55.16
N LEU E 23 -23.49 -10.58 55.22
CA LEU E 23 -22.88 -9.98 54.03
C LEU E 23 -22.70 -11.01 52.93
N LEU E 24 -22.29 -12.23 53.30
CA LEU E 24 -22.16 -13.30 52.31
C LEU E 24 -23.51 -13.64 51.69
N LEU E 25 -24.57 -13.68 52.50
CA LEU E 25 -25.91 -13.91 51.96
C LEU E 25 -26.32 -12.80 51.01
N SER E 26 -26.00 -11.56 51.36
CA SER E 26 -26.32 -10.44 50.47
C SER E 26 -25.58 -10.56 49.14
N TYR E 27 -24.30 -10.93 49.20
CA TYR E 27 -23.53 -11.13 47.96
C TYR E 27 -24.10 -12.26 47.13
N ALA E 28 -24.51 -13.37 47.77
CA ALA E 28 -25.09 -14.48 47.04
C ALA E 28 -26.39 -14.07 46.37
N VAL E 29 -27.24 -13.31 47.08
CA VAL E 29 -28.47 -12.81 46.49
C VAL E 29 -28.16 -11.90 45.31
N ASN E 30 -27.14 -11.05 45.46
CA ASN E 30 -26.74 -10.17 44.35
C ASN E 30 -26.34 -10.96 43.13
N ILE E 31 -25.52 -12.00 43.32
CA ILE E 31 -25.07 -12.82 42.19
C ILE E 31 -26.24 -13.53 41.54
N VAL E 32 -27.15 -14.08 42.34
CA VAL E 32 -28.30 -14.80 41.78
C VAL E 32 -29.17 -13.84 40.96
N ALA E 33 -29.44 -12.65 41.51
CA ALA E 33 -30.25 -11.69 40.79
C ALA E 33 -29.56 -11.22 39.51
N ALA E 34 -28.24 -11.05 39.56
CA ALA E 34 -27.49 -10.66 38.37
C ALA E 34 -27.60 -11.72 37.28
N LEU E 35 -27.45 -12.99 37.65
CA LEU E 35 -27.59 -14.05 36.67
C LEU E 35 -29.00 -14.12 36.10
N ALA E 36 -30.01 -13.93 36.94
CA ALA E 36 -31.39 -13.90 36.45
C ALA E 36 -31.59 -12.75 35.47
N ILE E 37 -31.00 -11.58 35.78
CA ILE E 37 -31.09 -10.43 34.88
C ILE E 37 -30.41 -10.75 33.55
N ILE E 38 -29.27 -11.43 33.59
CA ILE E 38 -28.57 -11.80 32.37
C ILE E 38 -29.44 -12.72 31.51
N ILE E 39 -30.07 -13.71 32.15
CA ILE E 39 -30.90 -14.66 31.40
C ILE E 39 -32.09 -13.93 30.78
N VAL E 40 -32.75 -13.06 31.55
CA VAL E 40 -33.90 -12.31 31.05
C VAL E 40 -33.46 -11.42 29.89
N GLY E 41 -32.32 -10.75 30.02
CA GLY E 41 -31.84 -9.91 28.94
C GLY E 41 -31.53 -10.70 27.69
N LEU E 42 -30.93 -11.88 27.83
CA LEU E 42 -30.64 -12.70 26.65
C LEU E 42 -31.92 -13.11 25.94
N ILE E 43 -32.91 -13.59 26.69
CA ILE E 43 -34.14 -14.07 26.05
C ILE E 43 -34.91 -12.92 25.42
N ILE E 44 -34.97 -11.77 26.09
CA ILE E 44 -35.68 -10.64 25.52
C ILE E 44 -34.94 -10.09 24.31
N ALA E 45 -33.60 -10.15 24.32
CA ALA E 45 -32.82 -9.72 23.16
C ALA E 45 -33.12 -10.61 21.96
N ARG E 46 -33.16 -11.93 22.18
CA ARG E 46 -33.49 -12.83 21.08
C ARG E 46 -34.89 -12.55 20.54
N MET E 47 -35.86 -12.36 21.44
CA MET E 47 -37.23 -12.09 21.00
C MET E 47 -37.30 -10.79 20.20
N ILE E 48 -36.65 -9.73 20.69
CA ILE E 48 -36.72 -8.44 20.00
C ILE E 48 -36.01 -8.51 18.66
N SER E 49 -34.87 -9.21 18.59
CA SER E 49 -34.17 -9.34 17.32
C SER E 49 -35.02 -10.08 16.30
N ASN E 50 -35.64 -11.18 16.71
CA ASN E 50 -36.51 -11.91 15.79
C ASN E 50 -37.69 -11.04 15.34
N ALA E 51 -38.29 -10.31 16.28
CA ALA E 51 -39.44 -9.47 15.94
C ALA E 51 -39.06 -8.37 14.97
N VAL E 52 -37.94 -7.69 15.20
CA VAL E 52 -37.55 -6.59 14.33
C VAL E 52 -37.14 -7.11 12.96
N ASN E 53 -36.47 -8.27 12.90
CA ASN E 53 -36.13 -8.84 11.61
C ASN E 53 -37.39 -9.19 10.82
N ARG E 54 -38.37 -9.81 11.49
CA ARG E 54 -39.62 -10.15 10.82
C ARG E 54 -40.36 -8.90 10.35
N LEU E 55 -40.39 -7.86 11.18
CA LEU E 55 -41.09 -6.64 10.81
C LEU E 55 -40.44 -5.95 9.62
N MET E 56 -39.11 -5.85 9.63
CA MET E 56 -38.43 -5.09 8.59
C MET E 56 -38.36 -5.88 7.29
N ILE E 57 -38.38 -7.22 7.37
CA ILE E 57 -38.44 -8.02 6.15
C ILE E 57 -39.70 -7.69 5.35
N SER E 58 -40.82 -7.47 6.06
CA SER E 58 -42.07 -7.14 5.38
C SER E 58 -41.99 -5.78 4.69
N ARG E 59 -41.16 -4.87 5.19
CA ARG E 59 -41.09 -3.52 4.65
C ARG E 59 -40.06 -3.40 3.52
N LYS E 60 -40.17 -4.31 2.54
CA LYS E 60 -39.38 -4.32 1.32
C LYS E 60 -37.88 -4.06 1.53
N ILE E 61 -37.35 -4.52 2.65
CA ILE E 61 -35.92 -4.38 2.94
C ILE E 61 -35.23 -5.69 2.61
N ASP E 62 -34.01 -5.59 2.08
CA ASP E 62 -33.25 -6.77 1.70
C ASP E 62 -32.95 -7.63 2.92
N ALA E 63 -32.92 -8.95 2.69
CA ALA E 63 -32.73 -9.88 3.81
C ALA E 63 -31.38 -9.73 4.47
N THR E 64 -30.32 -9.48 3.70
CA THR E 64 -28.98 -9.43 4.27
C THR E 64 -28.82 -8.27 5.24
N VAL E 65 -29.20 -7.06 4.81
CA VAL E 65 -29.06 -5.89 5.67
C VAL E 65 -30.00 -5.98 6.86
N ALA E 66 -31.20 -6.52 6.65
CA ALA E 66 -32.14 -6.69 7.75
C ALA E 66 -31.57 -7.63 8.80
N ASP E 67 -31.01 -8.75 8.38
CA ASP E 67 -30.39 -9.69 9.32
C ASP E 67 -29.20 -9.05 10.02
N PHE E 68 -28.39 -8.30 9.28
CA PHE E 68 -27.22 -7.66 9.87
C PHE E 68 -27.63 -6.69 10.98
N LEU E 69 -28.60 -5.82 10.70
CA LEU E 69 -29.00 -4.84 11.71
C LEU E 69 -29.81 -5.48 12.83
N SER E 70 -30.50 -6.59 12.54
CA SER E 70 -31.16 -7.33 13.62
C SER E 70 -30.13 -7.91 14.57
N ALA E 71 -29.04 -8.47 14.02
CA ALA E 71 -27.95 -8.95 14.88
C ALA E 71 -27.31 -7.81 15.64
N LEU E 72 -27.20 -6.63 15.01
CA LEU E 72 -26.68 -5.46 15.71
C LEU E 72 -27.56 -5.09 16.90
N VAL E 73 -28.88 -5.10 16.70
CA VAL E 73 -29.80 -4.79 17.79
C VAL E 73 -29.70 -5.84 18.89
N ARG E 74 -29.57 -7.11 18.50
CA ARG E 74 -29.40 -8.19 19.48
C ARG E 74 -28.15 -7.96 20.32
N TYR E 75 -27.04 -7.62 19.67
CA TYR E 75 -25.80 -7.36 20.39
C TYR E 75 -25.92 -6.13 21.28
N GLY E 76 -26.62 -5.10 20.80
CA GLY E 76 -26.83 -3.92 21.63
C GLY E 76 -27.63 -4.24 22.89
N ILE E 77 -28.68 -5.04 22.74
CA ILE E 77 -29.51 -5.38 23.90
C ILE E 77 -28.74 -6.26 24.88
N ILE E 78 -27.96 -7.23 24.37
CA ILE E 78 -27.19 -8.05 25.30
C ILE E 78 -26.10 -7.21 25.98
N ALA E 79 -25.53 -6.25 25.26
CA ALA E 79 -24.56 -5.34 25.89
C ALA E 79 -25.22 -4.52 26.98
N PHE E 80 -26.44 -4.03 26.73
CA PHE E 80 -27.17 -3.30 27.76
C PHE E 80 -27.43 -4.18 28.96
N THR E 81 -27.77 -5.45 28.73
CA THR E 81 -28.00 -6.39 29.81
C THR E 81 -26.73 -6.60 30.63
N LEU E 82 -25.59 -6.73 29.95
CA LEU E 82 -24.32 -6.86 30.67
C LEU E 82 -24.00 -5.62 31.48
N ILE E 83 -24.23 -4.43 30.92
CA ILE E 83 -24.04 -3.20 31.67
C ILE E 83 -24.88 -3.20 32.93
N ALA E 84 -26.17 -3.50 32.78
CA ALA E 84 -27.07 -3.47 33.92
C ALA E 84 -26.64 -4.48 34.99
N ALA E 85 -26.34 -5.71 34.58
CA ALA E 85 -25.98 -6.74 35.54
C ALA E 85 -24.69 -6.39 36.27
N LEU E 86 -23.63 -6.07 35.53
CA LEU E 86 -22.34 -5.78 36.15
C LEU E 86 -22.38 -4.52 36.99
N GLY E 87 -23.15 -3.51 36.59
CA GLY E 87 -23.31 -2.34 37.44
C GLY E 87 -24.08 -2.62 38.70
N ARG E 88 -25.11 -3.47 38.61
CA ARG E 88 -25.91 -3.78 39.78
C ARG E 88 -25.13 -4.66 40.74
N VAL E 89 -24.17 -5.42 40.23
CA VAL E 89 -23.16 -6.05 41.07
C VAL E 89 -22.27 -5.02 41.75
N GLY E 90 -22.13 -3.83 41.16
CA GLY E 90 -21.32 -2.78 41.75
C GLY E 90 -19.93 -2.66 41.18
N VAL E 91 -19.82 -2.60 39.86
CA VAL E 91 -18.53 -2.48 39.19
C VAL E 91 -18.40 -1.10 38.54
N GLN E 92 -19.30 -0.19 38.88
CA GLN E 92 -19.33 1.23 38.55
C GLN E 92 -19.72 1.50 37.09
N THR E 93 -19.84 0.47 36.26
CA THR E 93 -20.31 0.54 34.87
C THR E 93 -19.31 1.23 33.97
N ALA E 94 -18.29 1.86 34.55
CA ALA E 94 -17.29 2.57 33.77
C ALA E 94 -16.22 1.63 33.26
N SER E 95 -15.61 0.87 34.16
CA SER E 95 -14.75 -0.22 33.73
C SER E 95 -15.52 -1.23 32.88
N VAL E 96 -16.80 -1.42 33.17
CA VAL E 96 -17.61 -2.34 32.37
C VAL E 96 -17.71 -1.85 30.93
N ILE E 97 -18.09 -0.59 30.75
CA ILE E 97 -18.26 -0.07 29.40
C ILE E 97 -16.91 0.02 28.69
N ALA E 98 -15.84 0.32 29.43
CA ALA E 98 -14.51 0.37 28.81
C ALA E 98 -14.07 -1.02 28.34
N VAL E 99 -14.31 -2.04 29.16
CA VAL E 99 -13.93 -3.40 28.77
C VAL E 99 -14.74 -3.86 27.57
N LEU E 100 -16.05 -3.59 27.58
CA LEU E 100 -16.87 -3.99 26.43
C LEU E 100 -16.48 -3.22 25.17
N GLY E 101 -16.12 -1.95 25.33
CA GLY E 101 -15.63 -1.20 24.18
C GLY E 101 -14.33 -1.73 23.63
N ALA E 102 -13.41 -2.13 24.51
CA ALA E 102 -12.16 -2.73 24.06
C ALA E 102 -12.42 -4.05 23.34
N ALA E 103 -13.32 -4.87 23.88
CA ALA E 103 -13.67 -6.12 23.21
C ALA E 103 -14.30 -5.87 21.85
N GLY E 104 -15.19 -4.89 21.77
CA GLY E 104 -15.79 -4.55 20.48
C GLY E 104 -14.78 -4.02 19.49
N LEU E 105 -13.81 -3.23 19.97
CA LEU E 105 -12.76 -2.74 19.10
C LEU E 105 -11.90 -3.88 18.57
N ALA E 106 -11.57 -4.85 19.43
CA ALA E 106 -10.83 -6.02 18.98
C ALA E 106 -11.62 -6.81 17.95
N VAL E 107 -12.91 -6.99 18.19
CA VAL E 107 -13.76 -7.73 17.26
C VAL E 107 -13.83 -7.00 15.92
N GLY E 108 -13.96 -5.68 15.96
CA GLY E 108 -14.00 -4.91 14.73
C GLY E 108 -12.70 -4.98 13.96
N LEU E 109 -11.57 -4.89 14.67
CA LEU E 109 -10.27 -5.04 14.02
C LEU E 109 -10.13 -6.41 13.39
N ALA E 110 -10.65 -7.45 14.05
CA ALA E 110 -10.64 -8.79 13.48
C ALA E 110 -11.48 -8.86 12.21
N LEU E 111 -12.72 -8.40 12.28
CA LEU E 111 -13.64 -8.48 11.15
C LEU E 111 -13.15 -7.63 9.98
N GLN E 112 -13.16 -6.30 10.16
CA GLN E 112 -12.74 -5.33 9.16
C GLN E 112 -13.05 -5.77 7.74
N GLY E 113 -12.19 -6.63 7.19
CA GLY E 113 -12.33 -7.11 5.83
C GLY E 113 -13.63 -7.85 5.59
N SER E 114 -14.01 -8.73 6.51
CA SER E 114 -15.26 -9.48 6.34
C SER E 114 -16.48 -8.55 6.35
N LEU E 115 -16.51 -7.58 7.26
CA LEU E 115 -17.64 -6.67 7.31
C LEU E 115 -17.68 -5.80 6.05
N SER E 116 -16.51 -5.37 5.57
CA SER E 116 -16.46 -4.64 4.31
C SER E 116 -16.96 -5.49 3.15
N ASN E 117 -16.62 -6.78 3.16
CA ASN E 117 -17.12 -7.69 2.13
C ASN E 117 -18.63 -7.81 2.19
N LEU E 118 -19.19 -7.87 3.41
CA LEU E 118 -20.65 -7.95 3.54
C LEU E 118 -21.30 -6.68 2.99
N ALA E 119 -20.75 -5.52 3.32
CA ALA E 119 -21.30 -4.28 2.80
C ALA E 119 -21.20 -4.23 1.29
N ALA E 120 -20.07 -4.67 0.73
CA ALA E 120 -19.92 -4.71 -0.72
C ALA E 120 -20.92 -5.66 -1.35
N GLY E 121 -21.16 -6.81 -0.72
CA GLY E 121 -22.15 -7.73 -1.25
C GLY E 121 -23.54 -7.13 -1.27
N VAL E 122 -23.88 -6.39 -0.21
CA VAL E 122 -25.17 -5.69 -0.20
C VAL E 122 -25.24 -4.69 -1.35
N LEU E 123 -24.17 -3.93 -1.55
CA LEU E 123 -24.16 -2.94 -2.63
C LEU E 123 -24.32 -3.61 -3.98
N LEU E 124 -23.58 -4.69 -4.21
CA LEU E 124 -23.66 -5.41 -5.48
C LEU E 124 -25.05 -5.98 -5.71
N VAL E 125 -25.67 -6.56 -4.68
CA VAL E 125 -26.97 -7.16 -4.90
C VAL E 125 -28.03 -6.10 -5.14
N MET E 126 -27.93 -4.95 -4.47
CA MET E 126 -29.00 -3.96 -4.65
C MET E 126 -28.82 -3.15 -5.93
N PHE E 127 -27.59 -2.91 -6.37
CA PHE E 127 -27.37 -2.20 -7.63
C PHE E 127 -27.31 -3.13 -8.83
N ARG E 128 -27.03 -4.42 -8.62
CA ARG E 128 -26.80 -5.45 -9.64
C ARG E 128 -26.10 -4.92 -10.89
N PRO E 129 -24.86 -4.43 -10.78
CA PRO E 129 -24.11 -4.13 -12.00
C PRO E 129 -23.90 -5.37 -12.86
N PHE E 130 -23.81 -6.54 -12.23
CA PHE E 130 -23.86 -7.81 -12.93
C PHE E 130 -24.83 -8.72 -12.20
N ARG E 131 -25.40 -9.66 -12.94
CA ARG E 131 -26.35 -10.60 -12.36
C ARG E 131 -25.98 -12.00 -12.81
N ALA E 132 -26.42 -12.98 -12.01
CA ALA E 132 -26.05 -14.37 -12.25
C ALA E 132 -26.46 -14.84 -13.63
N GLY E 133 -25.53 -15.50 -14.32
CA GLY E 133 -25.78 -16.06 -15.62
C GLY E 133 -25.04 -15.37 -16.76
N GLU E 134 -24.56 -14.16 -16.56
CA GLU E 134 -23.89 -13.43 -17.64
C GLU E 134 -22.38 -13.51 -17.51
N TYR E 135 -21.71 -13.45 -18.65
CA TYR E 135 -20.26 -13.57 -18.74
C TYR E 135 -19.64 -12.20 -18.49
N VAL E 136 -18.82 -12.09 -17.43
CA VAL E 136 -18.21 -10.82 -17.05
C VAL E 136 -16.77 -11.06 -16.60
N ASP E 137 -16.04 -9.96 -16.42
CA ASP E 137 -14.67 -9.96 -15.93
C ASP E 137 -14.61 -9.11 -14.67
N LEU E 138 -13.87 -9.59 -13.67
CA LEU E 138 -13.81 -8.90 -12.39
C LEU E 138 -12.39 -8.52 -12.01
N GLY E 139 -11.64 -7.98 -12.96
CA GLY E 139 -10.29 -7.55 -12.67
C GLY E 139 -9.24 -8.61 -12.92
N GLY E 140 -9.24 -9.17 -14.13
CA GLY E 140 -8.27 -10.17 -14.51
C GLY E 140 -8.79 -11.60 -14.53
N VAL E 141 -9.95 -11.85 -13.93
CA VAL E 141 -10.58 -13.17 -13.93
C VAL E 141 -11.95 -13.05 -14.58
N ALA E 142 -12.17 -13.83 -15.63
CA ALA E 142 -13.38 -13.76 -16.42
C ALA E 142 -14.12 -15.09 -16.38
N GLY E 143 -15.44 -15.02 -16.43
CA GLY E 143 -16.26 -16.21 -16.36
C GLY E 143 -17.71 -15.84 -16.13
N THR E 144 -18.52 -16.88 -16.04
CA THR E 144 -19.95 -16.72 -15.83
C THR E 144 -20.25 -16.69 -14.33
N VAL E 145 -21.01 -15.68 -13.90
CA VAL E 145 -21.37 -15.57 -12.50
C VAL E 145 -22.43 -16.61 -12.16
N LEU E 146 -22.18 -17.37 -11.09
CA LEU E 146 -23.13 -18.37 -10.61
C LEU E 146 -24.07 -17.81 -9.55
N SER E 147 -23.53 -17.20 -8.51
CA SER E 147 -24.35 -16.61 -7.45
C SER E 147 -23.53 -15.57 -6.72
N VAL E 148 -24.24 -14.69 -6.00
CA VAL E 148 -23.61 -13.66 -5.19
C VAL E 148 -24.01 -13.92 -3.74
N GLN E 149 -23.09 -14.51 -2.98
CA GLN E 149 -23.37 -14.76 -1.57
C GLN E 149 -23.17 -13.48 -0.77
N ILE E 150 -23.38 -13.59 0.55
CA ILE E 150 -23.26 -12.42 1.42
C ILE E 150 -21.81 -11.97 1.49
N PHE E 151 -20.85 -12.89 1.42
CA PHE E 151 -19.45 -12.56 1.65
C PHE E 151 -18.60 -12.65 0.39
N SER E 152 -18.98 -13.48 -0.58
CA SER E 152 -18.18 -13.70 -1.76
C SER E 152 -19.06 -14.16 -2.90
N THR E 153 -18.53 -14.10 -4.12
CA THR E 153 -19.25 -14.54 -5.31
C THR E 153 -18.56 -15.75 -5.92
N THR E 154 -19.35 -16.75 -6.29
CA THR E 154 -18.87 -17.91 -7.01
C THR E 154 -19.09 -17.69 -8.49
N MET E 155 -18.07 -17.94 -9.29
CA MET E 155 -18.10 -17.61 -10.71
C MET E 155 -17.33 -18.69 -11.48
N ARG E 156 -17.86 -19.04 -12.65
CA ARG E 156 -17.35 -20.16 -13.43
C ARG E 156 -16.68 -19.65 -14.70
N THR E 157 -15.40 -19.96 -14.84
CA THR E 157 -14.68 -19.62 -16.07
C THR E 157 -15.11 -20.56 -17.19
N ALA E 158 -14.89 -20.12 -18.43
CA ALA E 158 -15.38 -20.85 -19.59
C ALA E 158 -14.79 -22.25 -19.68
N ASP E 159 -13.66 -22.50 -19.02
CA ASP E 159 -13.02 -23.80 -19.08
C ASP E 159 -13.44 -24.74 -17.96
N GLY E 160 -14.46 -24.38 -17.19
CA GLY E 160 -14.94 -25.19 -16.10
C GLY E 160 -14.38 -24.82 -14.74
N LYS E 161 -13.61 -23.74 -14.66
CA LYS E 161 -13.01 -23.32 -13.40
C LYS E 161 -14.09 -22.83 -12.45
N ILE E 162 -13.88 -23.04 -11.16
CA ILE E 162 -14.74 -22.47 -10.12
C ILE E 162 -13.88 -21.51 -9.31
N ILE E 163 -14.22 -20.23 -9.36
CA ILE E 163 -13.43 -19.17 -8.75
C ILE E 163 -14.31 -18.38 -7.80
N VAL E 164 -13.82 -18.16 -6.59
CA VAL E 164 -14.53 -17.42 -5.55
C VAL E 164 -13.80 -16.11 -5.31
N ILE E 165 -14.52 -15.00 -5.44
CA ILE E 165 -13.96 -13.67 -5.27
C ILE E 165 -14.63 -13.02 -4.06
N PRO E 166 -13.87 -12.49 -3.10
CA PRO E 166 -14.49 -11.73 -2.02
C PRO E 166 -15.20 -10.50 -2.57
N ASN E 167 -16.34 -10.16 -1.94
CA ASN E 167 -17.16 -9.07 -2.46
C ASN E 167 -16.44 -7.73 -2.35
N GLY E 168 -15.63 -7.55 -1.31
CA GLY E 168 -14.97 -6.26 -1.11
C GLY E 168 -14.01 -5.92 -2.23
N LYS E 169 -13.27 -6.92 -2.72
CA LYS E 169 -12.33 -6.67 -3.80
C LYS E 169 -13.05 -6.37 -5.11
N ILE E 170 -14.23 -6.95 -5.28
CA ILE E 170 -15.01 -6.78 -6.51
C ILE E 170 -15.35 -5.31 -6.71
N ILE E 171 -15.90 -4.68 -5.68
CA ILE E 171 -16.33 -3.29 -5.80
C ILE E 171 -15.16 -2.32 -5.87
N ALA E 172 -14.00 -2.69 -5.33
CA ALA E 172 -12.84 -1.81 -5.39
C ALA E 172 -12.29 -1.68 -6.81
N GLY E 173 -12.31 -2.76 -7.58
CA GLY E 173 -11.79 -2.75 -8.93
C GLY E 173 -12.89 -2.58 -9.97
N ASN E 174 -12.48 -2.65 -11.23
CA ASN E 174 -13.42 -2.53 -12.33
C ASN E 174 -14.32 -3.75 -12.42
N ILE E 175 -15.53 -3.54 -12.92
CA ILE E 175 -16.47 -4.61 -13.22
C ILE E 175 -16.66 -4.59 -14.72
N ILE E 176 -16.01 -5.52 -15.41
CA ILE E 176 -16.03 -5.56 -16.87
C ILE E 176 -17.14 -6.51 -17.28
N ASN E 177 -18.19 -5.98 -17.89
CA ASN E 177 -19.37 -6.75 -18.25
C ASN E 177 -19.30 -7.08 -19.73
N PHE E 178 -19.16 -8.37 -20.06
CA PHE E 178 -19.06 -8.78 -21.44
C PHE E 178 -20.42 -8.90 -22.13
N SER E 179 -21.50 -9.04 -21.37
CA SER E 179 -22.78 -9.43 -21.92
C SER E 179 -23.91 -8.42 -21.67
N ARG E 180 -23.61 -7.24 -21.14
CA ARG E 180 -24.66 -6.25 -20.94
C ARG E 180 -25.15 -5.70 -22.28
N GLU E 181 -24.23 -5.31 -23.15
CA GLU E 181 -24.61 -4.76 -24.44
C GLU E 181 -24.90 -5.90 -25.42
N PRO E 182 -26.09 -5.93 -26.03
CA PRO E 182 -26.43 -7.06 -26.91
C PRO E 182 -25.58 -7.17 -28.16
N VAL E 183 -24.92 -6.11 -28.58
CA VAL E 183 -24.12 -6.12 -29.80
C VAL E 183 -22.68 -5.72 -29.45
N ARG E 184 -21.71 -6.42 -30.04
CA ARG E 184 -20.31 -6.18 -29.75
C ARG E 184 -19.53 -6.20 -31.06
N ARG E 185 -18.27 -5.77 -30.98
CA ARG E 185 -17.44 -5.56 -32.15
C ARG E 185 -16.26 -6.53 -32.15
N ASN E 186 -16.02 -7.15 -33.31
CA ASN E 186 -14.82 -7.94 -33.54
C ASN E 186 -13.78 -7.09 -34.24
N GLU E 187 -12.51 -7.49 -34.11
CA GLU E 187 -11.41 -6.78 -34.73
C GLU E 187 -10.43 -7.79 -35.29
N PHE E 188 -10.18 -7.72 -36.60
CA PHE E 188 -9.24 -8.57 -37.28
C PHE E 188 -8.01 -7.77 -37.69
N ILE E 189 -6.83 -8.36 -37.47
CA ILE E 189 -5.58 -7.78 -37.93
C ILE E 189 -5.00 -8.75 -38.95
N ILE E 190 -4.93 -8.32 -40.20
CA ILE E 190 -4.50 -9.16 -41.32
C ILE E 190 -3.19 -8.61 -41.85
N GLY E 191 -2.16 -9.46 -41.87
CA GLY E 191 -0.86 -9.08 -42.41
C GLY E 191 -0.69 -9.63 -43.82
N VAL E 192 -0.37 -8.73 -44.75
CA VAL E 192 -0.19 -9.09 -46.14
C VAL E 192 1.16 -8.55 -46.60
N ALA E 193 1.64 -9.09 -47.71
CA ALA E 193 2.93 -8.70 -48.25
C ALA E 193 2.91 -7.26 -48.72
N TYR E 194 4.10 -6.64 -48.73
CA TYR E 194 4.19 -5.24 -49.09
C TYR E 194 3.79 -4.98 -50.54
N ASP E 195 4.11 -5.90 -51.44
CA ASP E 195 3.79 -5.75 -52.84
C ASP E 195 2.32 -6.04 -53.16
N SER E 196 1.55 -6.50 -52.17
CA SER E 196 0.14 -6.80 -52.41
C SER E 196 -0.63 -5.55 -52.79
N ASP E 197 -1.61 -5.72 -53.68
CA ASP E 197 -2.42 -4.61 -54.15
C ASP E 197 -3.41 -4.22 -53.05
N ILE E 198 -3.30 -2.97 -52.57
CA ILE E 198 -4.13 -2.51 -51.47
C ILE E 198 -5.61 -2.53 -51.87
N ASP E 199 -5.92 -2.05 -53.07
CA ASP E 199 -7.31 -2.00 -53.51
C ASP E 199 -7.91 -3.40 -53.59
N GLN E 200 -7.15 -4.37 -54.11
CA GLN E 200 -7.65 -5.74 -54.19
C GLN E 200 -7.92 -6.31 -52.80
N VAL E 201 -7.02 -6.08 -51.85
CA VAL E 201 -7.20 -6.61 -50.50
C VAL E 201 -8.43 -5.98 -49.86
N LYS E 202 -8.59 -4.66 -49.99
CA LYS E 202 -9.74 -4.00 -49.40
C LYS E 202 -11.04 -4.48 -50.03
N GLN E 203 -11.05 -4.66 -51.36
CA GLN E 203 -12.26 -5.10 -52.04
C GLN E 203 -12.61 -6.53 -51.63
N ILE E 204 -11.61 -7.41 -51.51
CA ILE E 204 -11.87 -8.79 -51.09
C ILE E 204 -12.41 -8.82 -49.67
N LEU E 205 -11.81 -8.06 -48.76
CA LEU E 205 -12.30 -8.05 -47.39
C LEU E 205 -13.71 -7.48 -47.32
N THR E 206 -14.00 -6.45 -48.13
CA THR E 206 -15.35 -5.90 -48.16
C THR E 206 -16.35 -6.94 -48.66
N ASN E 207 -15.98 -7.70 -49.69
CA ASN E 207 -16.85 -8.79 -50.15
C ASN E 207 -17.07 -9.81 -49.06
N ILE E 208 -16.01 -10.17 -48.33
CA ILE E 208 -16.12 -11.19 -47.28
C ILE E 208 -17.08 -10.73 -46.19
N ILE E 209 -16.92 -9.49 -45.74
CA ILE E 209 -17.77 -8.99 -44.66
C ILE E 209 -19.17 -8.66 -45.16
N GLN E 210 -19.35 -8.44 -46.46
CA GLN E 210 -20.68 -8.13 -46.98
C GLN E 210 -21.56 -9.36 -47.02
N SER E 211 -20.97 -10.52 -47.29
CA SER E 211 -21.73 -11.76 -47.47
C SER E 211 -22.05 -12.45 -46.15
N GLU E 212 -21.62 -11.90 -45.03
CA GLU E 212 -21.89 -12.48 -43.72
C GLU E 212 -23.20 -11.90 -43.19
N ASP E 213 -24.19 -12.78 -42.97
CA ASP E 213 -25.50 -12.34 -42.52
C ASP E 213 -25.52 -11.92 -41.06
N ARG E 214 -24.60 -12.43 -40.24
CA ARG E 214 -24.57 -12.12 -38.82
C ARG E 214 -23.85 -10.82 -38.51
N ILE E 215 -23.30 -10.15 -39.52
CA ILE E 215 -22.64 -8.87 -39.33
C ILE E 215 -23.65 -7.76 -39.55
N LEU E 216 -23.80 -6.88 -38.56
CA LEU E 216 -24.78 -5.81 -38.63
C LEU E 216 -24.38 -4.81 -39.70
N LYS E 217 -25.14 -4.76 -40.79
CA LYS E 217 -24.83 -3.85 -41.88
C LYS E 217 -25.18 -2.41 -41.55
N ASP E 218 -26.03 -2.18 -40.55
CA ASP E 218 -26.45 -0.84 -40.18
C ASP E 218 -25.43 -0.10 -39.34
N ARG E 219 -24.35 -0.76 -38.94
CA ARG E 219 -23.31 -0.15 -38.12
C ARG E 219 -22.03 -0.03 -38.93
N GLU E 220 -21.05 0.64 -38.34
CA GLU E 220 -19.79 0.89 -39.03
C GLU E 220 -19.08 -0.43 -39.35
N MET E 221 -18.49 -0.49 -40.54
CA MET E 221 -17.71 -1.64 -41.01
C MET E 221 -16.44 -1.10 -41.66
N THR E 222 -15.40 -0.92 -40.86
CA THR E 222 -14.16 -0.35 -41.37
C THR E 222 -13.24 -1.44 -41.90
N VAL E 223 -12.80 -1.29 -43.15
CA VAL E 223 -11.75 -2.11 -43.72
C VAL E 223 -10.70 -1.17 -44.29
N ARG E 224 -9.70 -0.83 -43.48
CA ARG E 224 -8.73 0.18 -43.86
C ARG E 224 -7.33 -0.28 -43.48
N LEU E 225 -6.35 0.24 -44.19
CA LEU E 225 -4.95 -0.01 -43.83
C LEU E 225 -4.65 0.65 -42.50
N ASN E 226 -4.11 -0.12 -41.56
CA ASN E 226 -3.90 0.35 -40.20
C ASN E 226 -2.49 0.86 -39.92
N GLU E 227 -1.47 0.08 -40.24
CA GLU E 227 -0.10 0.51 -39.98
C GLU E 227 0.85 -0.31 -40.84
N LEU E 228 1.99 0.29 -41.16
CA LEU E 228 3.02 -0.34 -41.98
C LEU E 228 3.96 -1.10 -41.04
N GLY E 229 3.73 -2.40 -40.91
CA GLY E 229 4.50 -3.22 -40.01
C GLY E 229 5.92 -3.43 -40.50
N ALA E 230 6.71 -4.09 -39.63
CA ALA E 230 8.11 -4.34 -39.95
C ALA E 230 8.23 -5.25 -41.17
N SER E 231 7.43 -6.30 -41.23
CA SER E 231 7.50 -7.27 -42.31
C SER E 231 6.18 -7.46 -43.05
N SER E 232 5.13 -6.74 -42.69
CA SER E 232 3.83 -6.99 -43.28
C SER E 232 3.00 -5.71 -43.29
N ILE E 233 2.13 -5.60 -44.28
CA ILE E 233 1.10 -4.57 -44.29
C ILE E 233 -0.09 -5.07 -43.48
N ASN E 234 -0.48 -4.32 -42.47
CA ASN E 234 -1.50 -4.74 -41.53
C ASN E 234 -2.80 -3.99 -41.81
N PHE E 235 -3.84 -4.74 -42.15
CA PHE E 235 -5.18 -4.19 -42.34
C PHE E 235 -6.02 -4.48 -41.10
N VAL E 236 -6.84 -3.51 -40.72
CA VAL E 236 -7.75 -3.65 -39.58
C VAL E 236 -9.17 -3.77 -40.11
N VAL E 237 -9.88 -4.79 -39.64
CA VAL E 237 -11.27 -5.04 -40.01
C VAL E 237 -12.09 -5.05 -38.73
N ARG E 238 -13.09 -4.17 -38.66
CA ARG E 238 -13.96 -4.07 -37.50
C ARG E 238 -15.40 -4.23 -37.94
N VAL E 239 -16.08 -5.21 -37.39
CA VAL E 239 -17.49 -5.46 -37.70
C VAL E 239 -18.22 -5.68 -36.38
N TRP E 240 -19.53 -5.44 -36.40
CA TRP E 240 -20.37 -5.58 -35.22
C TRP E 240 -21.32 -6.75 -35.41
N SER E 241 -21.56 -7.49 -34.32
CA SER E 241 -22.46 -8.63 -34.36
C SER E 241 -23.07 -8.82 -32.98
N ASN E 242 -24.16 -9.56 -32.94
CA ASN E 242 -24.81 -9.86 -31.66
C ASN E 242 -23.85 -10.64 -30.77
N SER E 243 -23.95 -10.39 -29.46
CA SER E 243 -23.00 -10.97 -28.51
C SER E 243 -23.01 -12.49 -28.58
N GLY E 244 -24.15 -13.10 -28.92
CA GLY E 244 -24.19 -14.55 -29.01
C GLY E 244 -23.43 -15.12 -30.19
N ASP E 245 -23.30 -14.33 -31.27
CA ASP E 245 -22.63 -14.78 -32.47
C ASP E 245 -21.21 -14.26 -32.61
N LEU E 246 -20.68 -13.59 -31.58
CA LEU E 246 -19.39 -12.92 -31.72
C LEU E 246 -18.28 -13.91 -32.08
N GLN E 247 -18.17 -15.00 -31.33
CA GLN E 247 -17.07 -15.93 -31.54
C GLN E 247 -17.19 -16.65 -32.89
N ASN E 248 -18.40 -17.12 -33.23
CA ASN E 248 -18.58 -17.86 -34.47
C ASN E 248 -18.28 -16.98 -35.67
N VAL E 249 -18.71 -15.73 -35.64
CA VAL E 249 -18.44 -14.82 -36.75
C VAL E 249 -16.94 -14.64 -36.93
N TYR E 250 -16.20 -14.51 -35.82
CA TYR E 250 -14.75 -14.35 -35.90
C TYR E 250 -14.12 -15.53 -36.64
N TRP E 251 -14.46 -16.75 -36.22
CA TRP E 251 -13.86 -17.93 -36.83
C TRP E 251 -14.24 -18.04 -38.31
N ASP E 252 -15.52 -17.84 -38.62
CA ASP E 252 -15.98 -17.97 -40.00
C ASP E 252 -15.31 -16.94 -40.90
N VAL E 253 -15.24 -15.69 -40.44
CA VAL E 253 -14.63 -14.63 -41.23
C VAL E 253 -13.14 -14.91 -41.42
N LEU E 254 -12.45 -15.37 -40.37
CA LEU E 254 -11.03 -15.66 -40.52
C LEU E 254 -10.79 -16.78 -41.52
N GLU E 255 -11.59 -17.85 -41.44
CA GLU E 255 -11.41 -18.97 -42.36
C GLU E 255 -11.71 -18.54 -43.80
N ARG E 256 -12.77 -17.74 -43.99
CA ARG E 256 -13.07 -17.26 -45.33
C ARG E 256 -11.96 -16.34 -45.85
N ILE E 257 -11.40 -15.51 -44.98
CA ILE E 257 -10.30 -14.63 -45.38
C ILE E 257 -9.12 -15.47 -45.86
N LYS E 258 -8.78 -16.51 -45.10
CA LYS E 258 -7.67 -17.37 -45.49
C LYS E 258 -7.95 -18.02 -46.84
N ARG E 259 -9.16 -18.54 -47.03
CA ARG E 259 -9.48 -19.22 -48.28
C ARG E 259 -9.42 -18.28 -49.48
N GLU E 260 -10.02 -17.08 -49.35
CA GLU E 260 -10.02 -16.15 -50.47
C GLU E 260 -8.62 -15.63 -50.76
N PHE E 261 -7.84 -15.33 -49.72
CA PHE E 261 -6.48 -14.84 -49.95
C PHE E 261 -5.62 -15.90 -50.61
N ASP E 262 -5.82 -17.17 -50.23
CA ASP E 262 -5.13 -18.25 -50.93
C ASP E 262 -5.54 -18.31 -52.39
N ALA E 263 -6.85 -18.19 -52.67
CA ALA E 263 -7.32 -18.28 -54.05
C ALA E 263 -6.91 -17.06 -54.86
N ALA E 264 -6.97 -15.87 -54.26
CA ALA E 264 -6.69 -14.65 -55.00
C ALA E 264 -5.21 -14.43 -55.26
N GLY E 265 -4.34 -15.25 -54.68
CA GLY E 265 -2.91 -15.07 -54.86
C GLY E 265 -2.26 -14.12 -53.89
N ILE E 266 -3.02 -13.50 -53.00
CA ILE E 266 -2.44 -12.63 -51.99
C ILE E 266 -1.75 -13.50 -50.94
N SER E 267 -0.49 -13.19 -50.65
CA SER E 267 0.35 -14.03 -49.81
C SER E 267 0.47 -13.43 -48.42
N PHE E 268 0.26 -14.27 -47.39
CA PHE E 268 0.56 -13.89 -46.03
C PHE E 268 2.07 -13.94 -45.84
N PRO E 269 2.72 -12.85 -45.48
CA PRO E 269 4.18 -12.82 -45.51
C PRO E 269 4.79 -13.42 -44.26
N TYR E 270 5.84 -14.22 -44.46
CA TYR E 270 6.65 -14.69 -43.35
C TYR E 270 7.54 -13.55 -42.86
N PRO E 271 8.08 -13.65 -41.64
CA PRO E 271 8.99 -12.61 -41.15
C PRO E 271 10.12 -12.33 -42.13
N GLN E 272 10.25 -11.07 -42.51
CA GLN E 272 11.22 -10.65 -43.53
C GLN E 272 12.56 -10.33 -42.90
N MET E 273 13.63 -10.61 -43.64
CA MET E 273 14.97 -10.15 -43.30
C MET E 273 15.75 -9.87 -44.57
N ASP E 274 16.60 -8.85 -44.51
CA ASP E 274 17.44 -8.44 -45.63
C ASP E 274 18.88 -8.70 -45.23
N VAL E 275 19.60 -9.48 -46.03
CA VAL E 275 20.95 -9.92 -45.69
C VAL E 275 21.94 -9.36 -46.71
N ASN E 276 23.01 -8.76 -46.22
CA ASN E 276 24.09 -8.25 -47.06
C ASN E 276 25.34 -9.08 -46.80
N PHE E 277 26.04 -9.45 -47.87
CA PHE E 277 27.14 -10.39 -47.74
C PHE E 277 28.49 -9.69 -47.77
N LYS E 278 29.40 -10.15 -46.91
CA LYS E 278 30.81 -9.84 -47.02
C LYS E 278 31.60 -11.11 -46.77
N ARG E 279 32.79 -11.19 -47.37
CA ARG E 279 33.67 -12.32 -47.21
C ARG E 279 34.82 -11.98 -46.27
N VAL E 280 35.05 -12.85 -45.30
CA VAL E 280 36.13 -12.66 -44.33
C VAL E 280 36.56 -14.01 -43.77
N MET F 1 -28.07 -24.94 47.50
CA MET F 1 -28.12 -24.32 48.82
C MET F 1 -29.48 -24.52 49.48
N GLU F 2 -29.70 -25.72 50.01
CA GLU F 2 -30.97 -26.13 50.59
C GLU F 2 -32.16 -25.68 49.75
N ASP F 3 -32.92 -24.71 50.24
CA ASP F 3 -34.11 -24.23 49.57
C ASP F 3 -33.93 -22.86 48.92
N LEU F 4 -32.70 -22.44 48.64
CA LEU F 4 -32.50 -21.17 47.97
C LEU F 4 -32.82 -21.25 46.49
N ASN F 5 -32.62 -22.40 45.88
CA ASN F 5 -32.86 -22.61 44.45
C ASN F 5 -34.12 -23.43 44.17
N VAL F 6 -35.19 -23.19 44.93
CA VAL F 6 -36.41 -23.99 44.84
C VAL F 6 -37.58 -23.02 44.66
N VAL F 7 -38.82 -23.52 44.74
CA VAL F 7 -40.02 -22.70 44.64
C VAL F 7 -39.97 -21.50 45.58
N ASP F 8 -39.14 -21.57 46.62
CA ASP F 8 -38.94 -20.45 47.53
C ASP F 8 -38.39 -19.21 46.83
N SER F 9 -37.74 -19.37 45.67
CA SER F 9 -37.27 -18.25 44.88
C SER F 9 -37.79 -18.25 43.45
N ILE F 10 -37.99 -19.43 42.85
CA ILE F 10 -38.54 -19.51 41.52
C ILE F 10 -40.06 -19.50 41.58
N ASN F 11 -40.68 -19.29 40.42
CA ASN F 11 -42.15 -19.25 40.29
C ASN F 11 -42.74 -18.13 41.14
N GLY F 12 -41.97 -17.06 41.32
CA GLY F 12 -42.45 -15.90 42.05
C GLY F 12 -42.61 -16.10 43.54
N ALA F 13 -42.15 -17.26 44.03
CA ALA F 13 -42.18 -17.60 45.46
C ALA F 13 -43.58 -17.50 46.06
N GLY F 14 -44.61 -17.57 45.22
CA GLY F 14 -45.97 -17.49 45.71
C GLY F 14 -46.43 -16.08 46.01
N SER F 15 -45.90 -15.49 47.08
CA SER F 15 -46.31 -14.15 47.49
C SER F 15 -45.28 -13.07 47.15
N TRP F 16 -44.05 -13.45 46.78
CA TRP F 16 -43.06 -12.46 46.40
C TRP F 16 -43.50 -11.69 45.16
N LEU F 17 -44.03 -12.40 44.16
CA LEU F 17 -44.58 -11.73 42.99
C LEU F 17 -45.78 -10.86 43.36
N VAL F 18 -46.61 -11.32 44.29
CA VAL F 18 -47.74 -10.53 44.74
C VAL F 18 -47.26 -9.23 45.37
N ALA F 19 -46.20 -9.30 46.19
CA ALA F 19 -45.66 -8.10 46.81
C ALA F 19 -45.00 -7.18 45.79
N ASN F 20 -44.36 -7.74 44.77
CA ASN F 20 -43.64 -6.97 43.77
C ASN F 20 -44.52 -6.56 42.58
N GLN F 21 -45.82 -6.89 42.63
CA GLN F 21 -46.73 -6.53 41.55
C GLN F 21 -46.70 -5.04 41.25
N ALA F 22 -46.55 -4.20 42.28
CA ALA F 22 -46.48 -2.76 42.05
C ALA F 22 -45.26 -2.39 41.22
N LEU F 23 -44.10 -2.95 41.56
CA LEU F 23 -42.88 -2.68 40.79
C LEU F 23 -43.00 -3.21 39.38
N LEU F 24 -43.61 -4.39 39.21
CA LEU F 24 -43.81 -4.94 37.87
C LEU F 24 -44.73 -4.04 37.04
N LEU F 25 -45.79 -3.51 37.65
CA LEU F 25 -46.67 -2.60 36.94
C LEU F 25 -45.92 -1.33 36.55
N SER F 26 -45.09 -0.80 37.45
CA SER F 26 -44.32 0.40 37.14
C SER F 26 -43.37 0.14 35.97
N TYR F 27 -42.69 -1.01 35.99
CA TYR F 27 -41.77 -1.35 34.91
C TYR F 27 -42.52 -1.52 33.58
N ALA F 28 -43.69 -2.16 33.63
CA ALA F 28 -44.48 -2.32 32.40
C ALA F 28 -44.91 -0.97 31.84
N VAL F 29 -45.33 -0.05 32.72
CA VAL F 29 -45.71 1.29 32.28
C VAL F 29 -44.50 1.99 31.66
N ASN F 30 -43.33 1.86 32.28
CA ASN F 30 -42.12 2.47 31.74
C ASN F 30 -41.79 1.91 30.36
N ILE F 31 -41.90 0.60 30.19
CA ILE F 31 -41.60 -0.02 28.90
C ILE F 31 -42.58 0.44 27.83
N VAL F 32 -43.86 0.50 28.18
CA VAL F 32 -44.87 0.96 27.21
C VAL F 32 -44.61 2.39 26.80
N ALA F 33 -44.29 3.26 27.78
CA ALA F 33 -43.98 4.65 27.45
C ALA F 33 -42.74 4.76 26.58
N ALA F 34 -41.72 3.93 26.86
CA ALA F 34 -40.51 3.95 26.06
C ALA F 34 -40.80 3.54 24.62
N LEU F 35 -41.63 2.49 24.44
CA LEU F 35 -41.97 2.07 23.09
C LEU F 35 -42.78 3.13 22.35
N ALA F 36 -43.69 3.80 23.05
CA ALA F 36 -44.43 4.89 22.43
C ALA F 36 -43.51 6.02 22.03
N ILE F 37 -42.52 6.33 22.88
CA ILE F 37 -41.54 7.36 22.55
C ILE F 37 -40.73 6.96 21.33
N ILE F 38 -40.37 5.68 21.22
CA ILE F 38 -39.63 5.19 20.05
C ILE F 38 -40.45 5.39 18.79
N ILE F 39 -41.74 5.02 18.85
CA ILE F 39 -42.59 5.15 17.67
C ILE F 39 -42.73 6.61 17.26
N VAL F 40 -42.99 7.48 18.24
CA VAL F 40 -43.14 8.91 17.95
C VAL F 40 -41.86 9.48 17.37
N GLY F 41 -40.72 9.12 17.94
CA GLY F 41 -39.45 9.60 17.42
C GLY F 41 -39.20 9.12 16.00
N LEU F 42 -39.54 7.87 15.71
CA LEU F 42 -39.34 7.35 14.36
C LEU F 42 -40.18 8.11 13.34
N ILE F 43 -41.47 8.30 13.65
CA ILE F 43 -42.35 8.97 12.68
C ILE F 43 -41.94 10.42 12.51
N ILE F 44 -41.61 11.10 13.61
CA ILE F 44 -41.20 12.50 13.50
C ILE F 44 -39.87 12.62 12.78
N ALA F 45 -38.96 11.65 12.95
CA ALA F 45 -37.70 11.67 12.23
C ALA F 45 -37.94 11.53 10.73
N ARG F 46 -38.83 10.61 10.35
CA ARG F 46 -39.15 10.47 8.92
C ARG F 46 -39.72 11.76 8.36
N MET F 47 -40.65 12.37 9.09
CA MET F 47 -41.28 13.60 8.61
C MET F 47 -40.25 14.73 8.47
N ILE F 48 -39.39 14.89 9.48
CA ILE F 48 -38.41 15.96 9.45
C ILE F 48 -37.39 15.74 8.34
N SER F 49 -36.97 14.48 8.14
CA SER F 49 -36.02 14.20 7.07
C SER F 49 -36.63 14.53 5.70
N ASN F 50 -37.88 14.11 5.47
CA ASN F 50 -38.52 14.44 4.21
C ASN F 50 -38.64 15.95 4.02
N ALA F 51 -39.04 16.66 5.09
CA ALA F 51 -39.22 18.10 4.99
C ALA F 51 -37.90 18.81 4.68
N VAL F 52 -36.83 18.45 5.40
CA VAL F 52 -35.56 19.14 5.18
C VAL F 52 -35.03 18.82 3.80
N ASN F 53 -35.20 17.57 3.34
CA ASN F 53 -34.78 17.21 1.99
C ASN F 53 -35.50 18.07 0.95
N ARG F 54 -36.83 18.18 1.09
CA ARG F 54 -37.60 18.97 0.12
C ARG F 54 -37.18 20.44 0.13
N LEU F 55 -37.05 21.03 1.33
CA LEU F 55 -36.71 22.44 1.42
C LEU F 55 -35.31 22.72 0.85
N MET F 56 -34.34 21.84 1.12
CA MET F 56 -33.00 22.13 0.62
C MET F 56 -32.90 21.83 -0.87
N ILE F 57 -33.69 20.87 -1.36
CA ILE F 57 -33.78 20.66 -2.81
C ILE F 57 -34.33 21.91 -3.49
N SER F 58 -35.30 22.57 -2.84
CA SER F 58 -35.78 23.85 -3.36
C SER F 58 -34.68 24.89 -3.42
N ARG F 59 -33.67 24.77 -2.56
CA ARG F 59 -32.56 25.73 -2.52
C ARG F 59 -31.39 25.29 -3.40
N LYS F 60 -31.69 24.95 -4.66
CA LYS F 60 -30.71 24.67 -5.70
C LYS F 60 -29.54 23.78 -5.28
N ILE F 61 -29.76 22.89 -4.32
CA ILE F 61 -28.74 21.95 -3.87
C ILE F 61 -28.91 20.64 -4.64
N ASP F 62 -27.78 19.96 -4.91
CA ASP F 62 -27.81 18.72 -5.66
C ASP F 62 -28.61 17.66 -4.91
N ALA F 63 -29.28 16.79 -5.67
CA ALA F 63 -30.15 15.78 -5.08
C ALA F 63 -29.38 14.77 -4.25
N THR F 64 -28.18 14.37 -4.71
CA THR F 64 -27.44 13.30 -4.04
C THR F 64 -27.04 13.72 -2.62
N VAL F 65 -26.39 14.89 -2.50
CA VAL F 65 -25.97 15.36 -1.19
C VAL F 65 -27.19 15.67 -0.32
N ALA F 66 -28.27 16.15 -0.94
CA ALA F 66 -29.50 16.40 -0.20
C ALA F 66 -30.02 15.12 0.44
N ASP F 67 -30.13 14.05 -0.34
CA ASP F 67 -30.58 12.77 0.20
C ASP F 67 -29.61 12.26 1.25
N PHE F 68 -28.31 12.43 1.01
CA PHE F 68 -27.30 11.95 1.97
C PHE F 68 -27.49 12.60 3.33
N LEU F 69 -27.52 13.93 3.37
CA LEU F 69 -27.60 14.57 4.69
C LEU F 69 -29.01 14.50 5.27
N SER F 70 -30.02 14.31 4.42
CA SER F 70 -31.35 14.03 4.94
C SER F 70 -31.38 12.69 5.66
N ALA F 71 -30.75 11.66 5.08
CA ALA F 71 -30.62 10.38 5.77
C ALA F 71 -29.79 10.54 7.04
N LEU F 72 -28.74 11.39 6.99
CA LEU F 72 -27.96 11.65 8.18
C LEU F 72 -28.82 12.27 9.29
N VAL F 73 -29.68 13.21 8.93
CA VAL F 73 -30.56 13.84 9.91
C VAL F 73 -31.56 12.81 10.46
N ARG F 74 -32.10 11.96 9.59
CA ARG F 74 -33.02 10.92 10.04
C ARG F 74 -32.34 10.00 11.06
N TYR F 75 -31.13 9.54 10.73
CA TYR F 75 -30.40 8.67 11.64
C TYR F 75 -30.07 9.39 12.94
N GLY F 76 -29.70 10.66 12.86
CA GLY F 76 -29.44 11.41 14.08
C GLY F 76 -30.67 11.50 14.97
N ILE F 77 -31.81 11.85 14.39
CA ILE F 77 -33.02 12.02 15.19
C ILE F 77 -33.45 10.69 15.81
N ILE F 78 -33.37 9.59 15.05
CA ILE F 78 -33.69 8.31 15.67
C ILE F 78 -32.67 7.96 16.73
N ALA F 79 -31.42 8.43 16.59
CA ALA F 79 -30.44 8.22 17.66
C ALA F 79 -30.85 8.95 18.93
N PHE F 80 -31.28 10.21 18.80
CA PHE F 80 -31.76 10.93 19.99
C PHE F 80 -32.98 10.23 20.58
N THR F 81 -33.85 9.69 19.73
CA THR F 81 -35.02 8.99 20.22
C THR F 81 -34.63 7.76 21.03
N LEU F 82 -33.66 6.99 20.53
CA LEU F 82 -33.17 5.83 21.29
C LEU F 82 -32.51 6.27 22.59
N ILE F 83 -31.74 7.36 22.57
CA ILE F 83 -31.15 7.86 23.81
C ILE F 83 -32.23 8.17 24.83
N ALA F 84 -33.27 8.91 24.42
CA ALA F 84 -34.32 9.28 25.35
C ALA F 84 -35.06 8.06 25.87
N ALA F 85 -35.41 7.13 24.99
CA ALA F 85 -36.16 5.95 25.40
C ALA F 85 -35.37 5.10 26.37
N LEU F 86 -34.12 4.78 26.02
CA LEU F 86 -33.30 3.94 26.89
C LEU F 86 -32.91 4.64 28.18
N GLY F 87 -32.83 5.98 28.17
CA GLY F 87 -32.66 6.69 29.43
C GLY F 87 -33.88 6.61 30.32
N ARG F 88 -35.07 6.71 29.72
CA ARG F 88 -36.29 6.55 30.52
C ARG F 88 -36.39 5.14 31.07
N VAL F 89 -35.93 4.15 30.30
CA VAL F 89 -35.79 2.80 30.83
C VAL F 89 -34.82 2.73 32.00
N GLY F 90 -33.82 3.61 32.03
CA GLY F 90 -32.87 3.64 33.11
C GLY F 90 -31.59 2.89 32.83
N VAL F 91 -30.96 3.19 31.70
CA VAL F 91 -29.72 2.55 31.29
C VAL F 91 -28.55 3.54 31.40
N GLN F 92 -28.80 4.71 32.00
CA GLN F 92 -27.87 5.76 32.34
C GLN F 92 -27.42 6.58 31.13
N THR F 93 -27.77 6.17 29.90
CA THR F 93 -27.53 6.89 28.65
C THR F 93 -26.05 6.92 28.29
N ALA F 94 -25.18 6.53 29.22
CA ALA F 94 -23.76 6.50 28.95
C ALA F 94 -23.36 5.22 28.23
N SER F 95 -23.75 4.07 28.78
CA SER F 95 -23.62 2.82 28.03
C SER F 95 -24.42 2.88 26.74
N VAL F 96 -25.56 3.59 26.74
CA VAL F 96 -26.37 3.72 25.54
C VAL F 96 -25.58 4.45 24.45
N ILE F 97 -25.01 5.60 24.79
CA ILE F 97 -24.28 6.37 23.79
C ILE F 97 -23.02 5.64 23.37
N ALA F 98 -22.37 4.91 24.30
CA ALA F 98 -21.18 4.15 23.94
C ALA F 98 -21.51 3.02 22.98
N VAL F 99 -22.61 2.30 23.24
CA VAL F 99 -23.00 1.20 22.37
C VAL F 99 -23.38 1.73 20.99
N LEU F 100 -24.14 2.83 20.94
CA LEU F 100 -24.49 3.40 19.65
C LEU F 100 -23.26 3.92 18.91
N GLY F 101 -22.29 4.48 19.64
CA GLY F 101 -21.07 4.89 19.00
C GLY F 101 -20.27 3.73 18.45
N ALA F 102 -20.22 2.62 19.18
CA ALA F 102 -19.55 1.42 18.69
C ALA F 102 -20.23 0.89 17.45
N ALA F 103 -21.57 0.87 17.45
CA ALA F 103 -22.30 0.42 16.27
C ALA F 103 -22.04 1.34 15.08
N GLY F 104 -22.03 2.65 15.31
CA GLY F 104 -21.73 3.58 14.23
C GLY F 104 -20.31 3.44 13.72
N LEU F 105 -19.37 3.15 14.61
CA LEU F 105 -17.99 2.92 14.19
C LEU F 105 -17.89 1.66 13.34
N ALA F 106 -18.61 0.60 13.72
CA ALA F 106 -18.63 -0.61 12.89
C ALA F 106 -19.25 -0.33 11.53
N VAL F 107 -20.34 0.42 11.51
CA VAL F 107 -20.98 0.77 10.24
C VAL F 107 -20.06 1.59 9.37
N GLY F 108 -19.32 2.53 9.97
CA GLY F 108 -18.37 3.33 9.21
C GLY F 108 -17.23 2.49 8.67
N LEU F 109 -16.70 1.58 9.49
CA LEU F 109 -15.65 0.69 9.00
C LEU F 109 -16.16 -0.19 7.86
N ALA F 110 -17.44 -0.55 7.90
CA ALA F 110 -18.04 -1.30 6.80
C ALA F 110 -18.10 -0.46 5.54
N LEU F 111 -18.72 0.72 5.64
CA LEU F 111 -18.91 1.58 4.47
C LEU F 111 -17.60 2.07 3.90
N GLN F 112 -16.89 2.91 4.67
CA GLN F 112 -15.62 3.53 4.29
C GLN F 112 -15.55 3.83 2.79
N GLY F 113 -15.11 2.86 2.01
CA GLY F 113 -14.95 3.03 0.58
C GLY F 113 -16.22 3.44 -0.13
N SER F 114 -17.35 2.81 0.23
CA SER F 114 -18.62 3.15 -0.41
C SER F 114 -19.01 4.60 -0.17
N LEU F 115 -18.88 5.08 1.07
CA LEU F 115 -19.16 6.48 1.34
C LEU F 115 -18.19 7.38 0.60
N SER F 116 -16.92 6.99 0.56
CA SER F 116 -15.95 7.70 -0.27
C SER F 116 -16.37 7.68 -1.73
N ASN F 117 -16.95 6.58 -2.19
CA ASN F 117 -17.46 6.53 -3.56
C ASN F 117 -18.58 7.55 -3.77
N LEU F 118 -19.46 7.71 -2.79
CA LEU F 118 -20.53 8.69 -2.92
C LEU F 118 -19.96 10.10 -2.96
N ALA F 119 -18.99 10.39 -2.10
CA ALA F 119 -18.37 11.72 -2.11
C ALA F 119 -17.68 11.98 -3.43
N ALA F 120 -16.97 10.98 -3.96
CA ALA F 120 -16.32 11.13 -5.25
C ALA F 120 -17.34 11.36 -6.35
N GLY F 121 -18.47 10.64 -6.31
CA GLY F 121 -19.50 10.86 -7.29
C GLY F 121 -20.05 12.27 -7.24
N VAL F 122 -20.22 12.81 -6.02
CA VAL F 122 -20.67 14.19 -5.88
C VAL F 122 -19.66 15.15 -6.50
N LEU F 123 -18.38 14.95 -6.20
CA LEU F 123 -17.35 15.83 -6.76
C LEU F 123 -17.32 15.77 -8.27
N LEU F 124 -17.39 14.56 -8.84
CA LEU F 124 -17.40 14.42 -10.29
C LEU F 124 -18.62 15.06 -10.91
N VAL F 125 -19.80 14.89 -10.31
CA VAL F 125 -21.00 15.43 -10.93
C VAL F 125 -21.02 16.95 -10.83
N MET F 126 -20.44 17.53 -9.78
CA MET F 126 -20.52 18.97 -9.66
C MET F 126 -19.40 19.69 -10.41
N PHE F 127 -18.22 19.06 -10.52
CA PHE F 127 -17.15 19.65 -11.32
C PHE F 127 -17.19 19.25 -12.79
N ARG F 128 -17.88 18.15 -13.11
CA ARG F 128 -17.99 17.55 -14.44
C ARG F 128 -16.72 17.68 -15.28
N PRO F 129 -15.60 17.07 -14.86
CA PRO F 129 -14.46 16.98 -15.77
C PRO F 129 -14.79 16.21 -17.03
N PHE F 130 -15.71 15.25 -16.95
CA PHE F 130 -16.26 14.59 -18.11
C PHE F 130 -17.77 14.53 -17.96
N ARG F 131 -18.45 14.17 -19.05
CA ARG F 131 -19.91 14.13 -19.04
C ARG F 131 -20.38 13.01 -19.96
N ALA F 132 -21.68 12.73 -19.88
CA ALA F 132 -22.26 11.63 -20.65
C ALA F 132 -22.03 11.85 -22.14
N GLY F 133 -21.62 10.77 -22.82
CA GLY F 133 -21.34 10.82 -24.23
C GLY F 133 -19.95 11.28 -24.59
N GLU F 134 -19.14 11.66 -23.59
CA GLU F 134 -17.81 12.18 -23.86
C GLU F 134 -16.78 11.06 -23.68
N TYR F 135 -15.96 10.87 -24.70
CA TYR F 135 -15.06 9.73 -24.78
C TYR F 135 -13.78 10.07 -24.01
N VAL F 136 -13.50 9.29 -22.96
CA VAL F 136 -12.41 9.61 -22.04
C VAL F 136 -11.69 8.33 -21.61
N ASP F 137 -10.61 8.52 -20.86
CA ASP F 137 -9.82 7.45 -20.27
C ASP F 137 -9.74 7.66 -18.77
N LEU F 138 -9.98 6.61 -18.00
CA LEU F 138 -9.97 6.71 -16.54
C LEU F 138 -8.94 5.79 -15.91
N GLY F 139 -7.74 5.74 -16.45
CA GLY F 139 -6.68 4.95 -15.84
C GLY F 139 -6.52 3.57 -16.42
N GLY F 140 -6.33 3.50 -17.73
CA GLY F 140 -6.12 2.25 -18.43
C GLY F 140 -7.32 1.72 -19.18
N VAL F 141 -8.51 2.25 -18.90
CA VAL F 141 -9.73 1.86 -19.60
C VAL F 141 -10.33 3.09 -20.26
N ALA F 142 -10.57 3.00 -21.55
CA ALA F 142 -11.08 4.12 -22.33
C ALA F 142 -12.41 3.74 -22.98
N GLY F 143 -13.28 4.73 -23.12
CA GLY F 143 -14.59 4.50 -23.69
C GLY F 143 -15.49 5.70 -23.51
N THR F 144 -16.68 5.57 -24.05
CA THR F 144 -17.69 6.63 -23.98
C THR F 144 -18.46 6.52 -22.67
N VAL F 145 -18.51 7.63 -21.93
CA VAL F 145 -19.24 7.63 -20.66
C VAL F 145 -20.73 7.63 -20.93
N LEU F 146 -21.44 6.70 -20.30
CA LEU F 146 -22.89 6.63 -20.41
C LEU F 146 -23.60 7.44 -19.33
N SER F 147 -23.28 7.19 -18.06
CA SER F 147 -23.90 7.93 -16.97
C SER F 147 -23.00 7.83 -15.75
N VAL F 148 -23.24 8.72 -14.78
CA VAL F 148 -22.48 8.75 -13.54
C VAL F 148 -23.48 8.55 -12.41
N GLN F 149 -23.53 7.35 -11.85
CA GLN F 149 -24.40 7.07 -10.74
C GLN F 149 -23.80 7.63 -9.44
N ILE F 150 -24.50 7.38 -8.34
CA ILE F 150 -24.05 7.87 -7.04
C ILE F 150 -22.77 7.18 -6.60
N PHE F 151 -22.66 5.88 -6.88
CA PHE F 151 -21.52 5.10 -6.39
C PHE F 151 -20.54 4.69 -7.48
N SER F 152 -21.00 4.53 -8.73
CA SER F 152 -20.14 4.02 -9.78
C SER F 152 -20.50 4.68 -11.10
N THR F 153 -19.57 4.62 -12.05
CA THR F 153 -19.75 5.20 -13.37
C THR F 153 -19.76 4.10 -14.42
N THR F 154 -20.77 4.13 -15.29
CA THR F 154 -20.89 3.18 -16.39
C THR F 154 -20.40 3.84 -17.67
N MET F 155 -19.62 3.10 -18.45
CA MET F 155 -19.02 3.63 -19.67
C MET F 155 -18.83 2.50 -20.67
N ARG F 156 -18.93 2.84 -21.95
CA ARG F 156 -18.89 1.88 -23.03
C ARG F 156 -17.60 2.03 -23.82
N THR F 157 -16.84 0.95 -23.93
CA THR F 157 -15.65 0.95 -24.76
C THR F 157 -16.05 0.94 -26.24
N ALA F 158 -15.10 1.31 -27.10
CA ALA F 158 -15.39 1.46 -28.52
C ALA F 158 -15.83 0.15 -29.16
N ASP F 159 -15.50 -0.99 -28.56
CA ASP F 159 -15.83 -2.29 -29.11
C ASP F 159 -17.12 -2.86 -28.57
N GLY F 160 -17.90 -2.08 -27.82
CA GLY F 160 -19.17 -2.53 -27.29
C GLY F 160 -19.13 -3.02 -25.86
N LYS F 161 -18.01 -2.81 -25.17
CA LYS F 161 -17.88 -3.26 -23.79
C LYS F 161 -18.78 -2.43 -22.88
N ILE F 162 -19.10 -2.99 -21.72
CA ILE F 162 -19.77 -2.26 -20.65
C ILE F 162 -18.85 -2.27 -19.44
N ILE F 163 -18.44 -1.09 -19.00
CA ILE F 163 -17.44 -0.95 -17.94
C ILE F 163 -18.10 -0.24 -16.77
N VAL F 164 -17.97 -0.80 -15.58
CA VAL F 164 -18.46 -0.19 -14.35
C VAL F 164 -17.25 0.06 -13.45
N ILE F 165 -17.04 1.32 -13.09
CA ILE F 165 -15.90 1.74 -12.29
C ILE F 165 -16.42 2.47 -11.06
N PRO F 166 -15.97 2.12 -9.87
CA PRO F 166 -16.36 2.89 -8.68
C PRO F 166 -15.88 4.34 -8.79
N ASN F 167 -16.72 5.26 -8.31
CA ASN F 167 -16.40 6.67 -8.42
C ASN F 167 -15.16 7.02 -7.61
N GLY F 168 -14.93 6.30 -6.51
CA GLY F 168 -13.81 6.63 -5.65
C GLY F 168 -12.46 6.50 -6.33
N LYS F 169 -12.30 5.43 -7.11
CA LYS F 169 -11.00 5.20 -7.75
C LYS F 169 -10.79 6.16 -8.91
N ILE F 170 -11.88 6.57 -9.56
CA ILE F 170 -11.80 7.47 -10.72
C ILE F 170 -11.14 8.78 -10.33
N ILE F 171 -11.62 9.40 -9.23
CA ILE F 171 -11.06 10.67 -8.79
C ILE F 171 -9.64 10.54 -8.26
N ALA F 172 -9.28 9.37 -7.72
CA ALA F 172 -7.94 9.18 -7.18
C ALA F 172 -6.89 9.17 -8.28
N GLY F 173 -7.17 8.56 -9.42
CA GLY F 173 -6.24 8.47 -10.52
C GLY F 173 -6.41 9.60 -11.52
N ASN F 174 -5.64 9.50 -12.60
CA ASN F 174 -5.72 10.49 -13.66
C ASN F 174 -7.06 10.39 -14.38
N ILE F 175 -7.51 11.52 -14.91
CA ILE F 175 -8.70 11.58 -15.73
C ILE F 175 -8.26 12.18 -17.07
N ILE F 176 -8.04 11.32 -18.06
CA ILE F 176 -7.60 11.75 -19.38
C ILE F 176 -8.83 11.89 -20.26
N ASN F 177 -9.07 13.10 -20.75
CA ASN F 177 -10.24 13.40 -21.54
C ASN F 177 -9.83 13.44 -23.00
N PHE F 178 -10.49 12.63 -23.82
CA PHE F 178 -10.07 12.50 -25.20
C PHE F 178 -10.77 13.46 -26.14
N SER F 179 -11.90 14.03 -25.73
CA SER F 179 -12.76 14.83 -26.59
C SER F 179 -13.00 16.24 -26.09
N ARG F 180 -12.28 16.71 -25.07
CA ARG F 180 -12.49 18.07 -24.61
C ARG F 180 -11.97 19.09 -25.62
N GLU F 181 -10.75 18.88 -26.11
CA GLU F 181 -10.20 19.77 -27.13
C GLU F 181 -10.83 19.46 -28.48
N PRO F 182 -11.35 20.46 -29.20
CA PRO F 182 -11.93 20.19 -30.52
C PRO F 182 -10.90 19.78 -31.57
N VAL F 183 -9.62 20.06 -31.34
CA VAL F 183 -8.57 19.75 -32.30
C VAL F 183 -7.51 18.90 -31.61
N ARG F 184 -7.02 17.89 -32.32
CA ARG F 184 -6.00 16.98 -31.78
C ARG F 184 -4.96 16.72 -32.86
N ARG F 185 -3.89 16.05 -32.45
CA ARG F 185 -2.72 15.83 -33.29
C ARG F 185 -2.49 14.36 -33.56
N ASN F 186 -2.23 14.04 -34.82
CA ASN F 186 -1.78 12.71 -35.22
C ASN F 186 -0.27 12.71 -35.33
N GLU F 187 0.33 11.53 -35.20
CA GLU F 187 1.77 11.36 -35.35
C GLU F 187 2.04 10.13 -36.20
N PHE F 188 2.85 10.29 -37.23
CA PHE F 188 3.24 9.21 -38.12
C PHE F 188 4.73 8.93 -37.98
N ILE F 189 5.07 7.65 -37.90
CA ILE F 189 6.46 7.22 -37.89
C ILE F 189 6.67 6.40 -39.16
N ILE F 190 7.51 6.89 -40.06
CA ILE F 190 7.72 6.28 -41.36
C ILE F 190 9.18 5.83 -41.44
N GLY F 191 9.38 4.54 -41.69
CA GLY F 191 10.72 3.99 -41.83
C GLY F 191 11.07 3.83 -43.29
N VAL F 192 12.23 4.39 -43.67
CA VAL F 192 12.70 4.36 -45.05
C VAL F 192 14.13 3.84 -45.06
N ALA F 193 14.56 3.39 -46.23
CA ALA F 193 15.90 2.85 -46.39
C ALA F 193 16.94 3.95 -46.20
N TYR F 194 18.14 3.54 -45.78
CA TYR F 194 19.18 4.51 -45.47
C TYR F 194 19.66 5.25 -46.70
N ASP F 195 19.59 4.63 -47.88
CA ASP F 195 20.01 5.27 -49.11
C ASP F 195 18.95 6.17 -49.70
N SER F 196 17.77 6.25 -49.10
CA SER F 196 16.71 7.10 -49.63
C SER F 196 17.10 8.56 -49.53
N ASP F 197 16.69 9.33 -50.54
CA ASP F 197 16.97 10.76 -50.58
C ASP F 197 16.10 11.47 -49.54
N ILE F 198 16.73 12.11 -48.56
CA ILE F 198 15.99 12.76 -47.49
C ILE F 198 15.11 13.87 -48.03
N ASP F 199 15.65 14.68 -48.95
CA ASP F 199 14.88 15.80 -49.49
C ASP F 199 13.65 15.30 -50.24
N GLN F 200 13.80 14.24 -51.02
CA GLN F 200 12.65 13.70 -51.75
C GLN F 200 11.57 13.20 -50.81
N VAL F 201 11.96 12.48 -49.76
CA VAL F 201 10.98 11.97 -48.80
C VAL F 201 10.26 13.12 -48.11
N LYS F 202 11.03 14.13 -47.68
CA LYS F 202 10.44 15.26 -46.99
C LYS F 202 9.48 16.01 -47.90
N GLN F 203 9.86 16.21 -49.16
CA GLN F 203 9.00 16.94 -50.09
C GLN F 203 7.74 16.15 -50.40
N ILE F 204 7.85 14.83 -50.55
CA ILE F 204 6.67 14.00 -50.82
C ILE F 204 5.71 14.04 -49.65
N LEU F 205 6.24 13.91 -48.42
CA LEU F 205 5.37 13.97 -47.25
C LEU F 205 4.73 15.35 -47.12
N THR F 206 5.49 16.41 -47.43
CA THR F 206 4.93 17.75 -47.39
C THR F 206 3.80 17.91 -48.38
N ASN F 207 3.96 17.39 -49.60
CA ASN F 207 2.87 17.43 -50.57
C ASN F 207 1.65 16.64 -50.07
N ILE F 208 1.89 15.47 -49.47
CA ILE F 208 0.79 14.63 -49.00
C ILE F 208 -0.01 15.36 -47.94
N ILE F 209 0.67 15.97 -46.97
CA ILE F 209 -0.05 16.72 -45.95
C ILE F 209 -0.60 18.04 -46.47
N GLN F 210 -0.06 18.55 -47.58
CA GLN F 210 -0.61 19.75 -48.19
C GLN F 210 -1.94 19.47 -48.86
N SER F 211 -2.07 18.30 -49.48
CA SER F 211 -3.25 17.96 -50.26
C SER F 211 -4.41 17.46 -49.41
N GLU F 212 -4.28 17.49 -48.09
CA GLU F 212 -5.36 17.05 -47.21
C GLU F 212 -6.11 18.27 -46.69
N ASP F 213 -7.42 18.31 -46.95
CA ASP F 213 -8.23 19.43 -46.52
C ASP F 213 -8.56 19.40 -45.04
N ARG F 214 -8.60 18.23 -44.43
CA ARG F 214 -8.98 18.10 -43.02
C ARG F 214 -7.83 18.39 -42.07
N ILE F 215 -6.64 18.64 -42.59
CA ILE F 215 -5.49 18.99 -41.76
C ILE F 215 -5.45 20.50 -41.60
N LEU F 216 -5.39 20.96 -40.35
CA LEU F 216 -5.39 22.39 -40.06
C LEU F 216 -4.08 23.01 -40.54
N LYS F 217 -4.16 23.87 -41.55
CA LYS F 217 -2.96 24.50 -42.09
C LYS F 217 -2.43 25.60 -41.19
N ASP F 218 -3.26 26.13 -40.29
CA ASP F 218 -2.85 27.23 -39.42
C ASP F 218 -2.04 26.78 -38.22
N ARG F 219 -1.89 25.47 -38.01
CA ARG F 219 -1.14 24.95 -36.89
C ARG F 219 0.13 24.28 -37.39
N GLU F 220 0.99 23.90 -36.45
CA GLU F 220 2.29 23.33 -36.81
C GLU F 220 2.10 22.00 -37.53
N MET F 221 2.87 21.84 -38.62
CA MET F 221 2.87 20.61 -39.43
C MET F 221 4.34 20.24 -39.66
N THR F 222 4.90 19.46 -38.74
CA THR F 222 6.31 19.11 -38.82
C THR F 222 6.51 17.84 -39.63
N VAL F 223 7.40 17.91 -40.61
CA VAL F 223 7.87 16.72 -41.33
C VAL F 223 9.39 16.74 -41.30
N ARG F 224 9.97 16.07 -40.30
CA ARG F 224 11.40 16.14 -40.07
C ARG F 224 11.93 14.75 -39.77
N LEU F 225 13.22 14.56 -40.06
CA LEU F 225 13.89 13.33 -39.68
C LEU F 225 13.97 13.25 -38.16
N ASN F 226 13.52 12.13 -37.60
CA ASN F 226 13.41 11.99 -36.16
C ASN F 226 14.58 11.28 -35.50
N GLU F 227 14.96 10.10 -35.99
CA GLU F 227 16.07 9.36 -35.40
C GLU F 227 16.56 8.33 -36.40
N LEU F 228 17.82 7.92 -36.23
CA LEU F 228 18.46 6.94 -37.11
C LEU F 228 18.28 5.57 -36.48
N GLY F 229 17.30 4.82 -36.99
CA GLY F 229 16.98 3.52 -36.45
C GLY F 229 18.02 2.47 -36.80
N ALA F 230 17.83 1.29 -36.23
CA ALA F 230 18.77 0.19 -36.46
C ALA F 230 18.79 -0.23 -37.92
N SER F 231 17.61 -0.34 -38.54
CA SER F 231 17.51 -0.77 -39.93
C SER F 231 16.79 0.22 -40.83
N SER F 232 16.26 1.32 -40.29
CA SER F 232 15.47 2.22 -41.10
C SER F 232 15.62 3.65 -40.57
N ILE F 233 15.61 4.59 -41.49
CA ILE F 233 15.52 6.01 -41.14
C ILE F 233 14.07 6.34 -40.83
N ASN F 234 13.82 6.88 -39.64
CA ASN F 234 12.46 7.13 -39.18
C ASN F 234 12.15 8.61 -39.29
N PHE F 235 11.11 8.94 -40.06
CA PHE F 235 10.61 10.30 -40.17
C PHE F 235 9.38 10.46 -39.28
N VAL F 236 9.25 11.62 -38.66
CA VAL F 236 8.12 11.95 -37.81
C VAL F 236 7.27 12.98 -38.54
N VAL F 237 5.96 12.70 -38.63
CA VAL F 237 5.00 13.61 -39.24
C VAL F 237 3.93 13.90 -38.22
N ARG F 238 3.73 15.18 -37.91
CA ARG F 238 2.73 15.60 -36.95
C ARG F 238 1.80 16.63 -37.59
N VAL F 239 0.51 16.33 -37.60
CA VAL F 239 -0.49 17.22 -38.16
C VAL F 239 -1.65 17.31 -37.19
N TRP F 240 -2.40 18.40 -37.27
CA TRP F 240 -3.54 18.64 -36.40
C TRP F 240 -4.83 18.60 -37.20
N SER F 241 -5.87 18.05 -36.58
CA SER F 241 -7.18 17.95 -37.23
C SER F 241 -8.26 17.94 -36.16
N ASN F 242 -9.49 18.20 -36.58
CA ASN F 242 -10.61 18.16 -35.67
C ASN F 242 -10.77 16.76 -35.10
N SER F 243 -11.22 16.70 -33.84
CA SER F 243 -11.28 15.42 -33.14
C SER F 243 -12.18 14.42 -33.87
N GLY F 244 -13.22 14.90 -34.56
CA GLY F 244 -14.09 14.00 -35.29
C GLY F 244 -13.43 13.36 -36.49
N ASP F 245 -12.45 14.04 -37.08
CA ASP F 245 -11.77 13.54 -38.28
C ASP F 245 -10.42 12.92 -37.98
N LEU F 246 -10.07 12.73 -36.71
CA LEU F 246 -8.73 12.28 -36.37
C LEU F 246 -8.40 10.93 -37.00
N GLN F 247 -9.28 9.95 -36.81
CA GLN F 247 -8.98 8.59 -37.26
C GLN F 247 -8.97 8.50 -38.78
N ASN F 248 -9.95 9.11 -39.44
CA ASN F 248 -10.04 9.03 -40.90
C ASN F 248 -8.82 9.66 -41.56
N VAL F 249 -8.37 10.80 -41.04
CA VAL F 249 -7.19 11.47 -41.59
C VAL F 249 -5.97 10.55 -41.47
N TYR F 250 -5.83 9.87 -40.33
CA TYR F 250 -4.70 8.97 -40.14
C TYR F 250 -4.67 7.90 -41.22
N TRP F 251 -5.81 7.21 -41.42
CA TRP F 251 -5.86 6.14 -42.41
C TRP F 251 -5.62 6.66 -43.82
N ASP F 252 -6.25 7.79 -44.17
CA ASP F 252 -6.10 8.33 -45.52
C ASP F 252 -4.65 8.73 -45.78
N VAL F 253 -4.03 9.42 -44.83
CA VAL F 253 -2.65 9.87 -44.99
C VAL F 253 -1.71 8.67 -45.08
N LEU F 254 -1.94 7.65 -44.25
CA LEU F 254 -1.07 6.48 -44.30
C LEU F 254 -1.20 5.76 -45.64
N GLU F 255 -2.43 5.58 -46.13
CA GLU F 255 -2.61 4.90 -47.42
C GLU F 255 -1.96 5.69 -48.54
N ARG F 256 -2.13 7.01 -48.54
CA ARG F 256 -1.45 7.81 -49.55
C ARG F 256 0.06 7.67 -49.43
N ILE F 257 0.62 7.91 -48.25
CA ILE F 257 2.06 7.76 -48.03
C ILE F 257 2.54 6.45 -48.66
N LYS F 258 1.82 5.36 -48.42
CA LYS F 258 2.18 4.09 -49.05
C LYS F 258 2.15 4.20 -50.56
N ARG F 259 1.09 4.79 -51.12
CA ARG F 259 0.93 4.82 -52.58
C ARG F 259 2.02 5.62 -53.26
N GLU F 260 2.23 6.88 -52.82
CA GLU F 260 3.28 7.68 -53.45
C GLU F 260 4.68 7.20 -53.11
N PHE F 261 4.87 6.53 -51.97
CA PHE F 261 6.20 5.96 -51.71
C PHE F 261 6.47 4.79 -52.64
N ASP F 262 5.46 3.98 -52.94
CA ASP F 262 5.62 2.93 -53.94
C ASP F 262 5.87 3.52 -55.32
N ALA F 263 5.12 4.58 -55.66
CA ALA F 263 5.26 5.17 -56.99
C ALA F 263 6.63 5.82 -57.19
N ALA F 264 7.14 6.51 -56.16
CA ALA F 264 8.38 7.25 -56.31
C ALA F 264 9.62 6.38 -56.20
N GLY F 265 9.46 5.09 -55.89
CA GLY F 265 10.60 4.21 -55.76
C GLY F 265 11.23 4.18 -54.39
N ILE F 266 10.73 4.96 -53.44
CA ILE F 266 11.24 4.91 -52.08
C ILE F 266 10.77 3.62 -51.43
N SER F 267 11.70 2.89 -50.84
CA SER F 267 11.45 1.53 -50.36
C SER F 267 11.33 1.51 -48.85
N PHE F 268 10.27 0.87 -48.36
CA PHE F 268 10.15 0.58 -46.94
C PHE F 268 11.05 -0.60 -46.64
N PRO F 269 12.04 -0.46 -45.77
CA PRO F 269 13.02 -1.53 -45.59
C PRO F 269 12.55 -2.61 -44.62
N TYR F 270 12.76 -3.86 -45.02
CA TYR F 270 12.62 -4.96 -44.09
C TYR F 270 13.77 -4.90 -43.09
N PRO F 271 13.63 -5.58 -41.94
CA PRO F 271 14.73 -5.60 -40.97
C PRO F 271 16.05 -6.01 -41.62
N GLN F 272 16.96 -5.04 -41.75
CA GLN F 272 18.24 -5.27 -42.38
C GLN F 272 19.13 -6.07 -41.44
N MET F 273 19.98 -6.91 -42.00
CA MET F 273 20.84 -7.74 -41.17
C MET F 273 22.14 -7.95 -41.95
N ASP F 274 23.26 -8.01 -41.23
CA ASP F 274 24.58 -8.06 -41.85
C ASP F 274 25.25 -9.38 -41.50
N VAL F 275 25.75 -10.09 -42.51
CA VAL F 275 26.30 -11.43 -42.35
C VAL F 275 27.73 -11.47 -42.87
N ASN F 276 28.62 -12.08 -42.11
CA ASN F 276 30.00 -12.32 -42.52
C ASN F 276 30.27 -13.82 -42.57
N PHE F 277 30.92 -14.27 -43.65
CA PHE F 277 31.26 -15.68 -43.80
C PHE F 277 32.61 -16.04 -43.19
N LYS F 278 32.62 -17.16 -42.48
CA LYS F 278 33.85 -17.88 -42.17
C LYS F 278 33.55 -19.37 -42.29
N ARG F 279 34.52 -20.10 -42.83
CA ARG F 279 34.36 -21.53 -43.06
C ARG F 279 35.03 -22.34 -41.97
N VAL F 280 34.30 -23.31 -41.44
CA VAL F 280 34.80 -24.16 -40.37
C VAL F 280 34.09 -25.52 -40.41
N MET G 1 -53.15 -7.09 27.82
CA MET G 1 -53.40 -6.97 29.25
C MET G 1 -54.73 -6.28 29.52
N GLU G 2 -55.81 -7.06 29.46
CA GLU G 2 -57.17 -6.56 29.62
C GLU G 2 -57.41 -5.25 28.88
N ASP G 3 -57.58 -4.16 29.62
CA ASP G 3 -57.87 -2.86 29.05
C ASP G 3 -56.68 -1.91 29.06
N LEU G 4 -55.48 -2.40 29.33
CA LEU G 4 -54.31 -1.53 29.35
C LEU G 4 -53.91 -1.08 27.95
N ASN G 5 -54.15 -1.92 26.94
CA ASN G 5 -53.77 -1.63 25.56
C ASN G 5 -54.93 -1.11 24.72
N VAL G 6 -55.96 -0.54 25.34
CA VAL G 6 -57.17 -0.12 24.64
C VAL G 6 -57.42 1.34 25.02
N VAL G 7 -58.59 1.87 24.63
CA VAL G 7 -58.95 3.28 24.75
C VAL G 7 -58.57 3.87 26.11
N ASP G 8 -58.46 3.03 27.14
CA ASP G 8 -57.94 3.49 28.42
C ASP G 8 -56.53 4.08 28.31
N SER G 9 -55.79 3.74 27.27
CA SER G 9 -54.47 4.33 27.01
C SER G 9 -54.39 5.08 25.70
N ILE G 10 -55.04 4.60 24.64
CA ILE G 10 -54.98 5.29 23.35
C ILE G 10 -56.06 6.35 23.27
N ASN G 11 -55.93 7.23 22.26
CA ASN G 11 -56.88 8.32 22.01
C ASN G 11 -56.95 9.27 23.20
N GLY G 12 -55.84 9.37 23.93
CA GLY G 12 -55.74 10.29 25.06
C GLY G 12 -56.58 9.89 26.25
N ALA G 13 -57.17 8.69 26.21
CA ALA G 13 -57.99 8.13 27.29
C ALA G 13 -59.14 9.06 27.67
N GLY G 14 -59.57 9.93 26.77
CA GLY G 14 -60.65 10.85 27.06
C GLY G 14 -60.22 12.05 27.88
N SER G 15 -59.89 11.83 29.15
CA SER G 15 -59.51 12.91 30.04
C SER G 15 -58.02 12.95 30.37
N TRP G 16 -57.29 11.87 30.09
CA TRP G 16 -55.86 11.85 30.36
C TRP G 16 -55.13 12.91 29.54
N LEU G 17 -55.48 13.03 28.25
CA LEU G 17 -54.87 14.07 27.42
C LEU G 17 -55.26 15.46 27.91
N VAL G 18 -56.53 15.63 28.31
CA VAL G 18 -57.00 16.94 28.77
C VAL G 18 -56.27 17.34 30.05
N ALA G 19 -56.08 16.40 30.97
CA ALA G 19 -55.40 16.71 32.22
C ALA G 19 -53.94 17.09 31.99
N ASN G 20 -53.36 16.67 30.87
CA ASN G 20 -51.98 16.98 30.54
C ASN G 20 -51.87 18.10 29.51
N GLN G 21 -52.91 18.94 29.37
CA GLN G 21 -52.89 19.99 28.36
C GLN G 21 -51.78 21.00 28.61
N ALA G 22 -51.57 21.37 29.88
CA ALA G 22 -50.53 22.34 30.21
C ALA G 22 -49.14 21.83 29.86
N LEU G 23 -48.89 20.54 30.13
CA LEU G 23 -47.59 19.97 29.80
C LEU G 23 -47.38 19.93 28.29
N LEU G 24 -48.43 19.60 27.53
CA LEU G 24 -48.33 19.63 26.07
C LEU G 24 -48.06 21.04 25.57
N LEU G 25 -48.71 22.04 26.17
CA LEU G 25 -48.46 23.43 25.79
C LEU G 25 -47.01 23.82 26.08
N SER G 26 -46.49 23.38 27.23
CA SER G 26 -45.09 23.67 27.56
C SER G 26 -44.15 23.02 26.56
N TYR G 27 -44.42 21.78 26.18
CA TYR G 27 -43.59 21.12 25.18
C TYR G 27 -43.66 21.84 23.84
N ALA G 28 -44.86 22.29 23.44
CA ALA G 28 -45.00 23.01 22.18
C ALA G 28 -44.22 24.33 22.22
N VAL G 29 -44.27 25.04 23.35
CA VAL G 29 -43.51 26.28 23.50
C VAL G 29 -42.02 25.99 23.40
N ASN G 30 -41.56 24.91 24.04
CA ASN G 30 -40.14 24.56 23.96
C ASN G 30 -39.72 24.26 22.54
N ILE G 31 -40.56 23.51 21.80
CA ILE G 31 -40.22 23.18 20.41
C ILE G 31 -40.18 24.44 19.55
N VAL G 32 -41.15 25.34 19.74
CA VAL G 32 -41.17 26.58 18.97
C VAL G 32 -39.93 27.41 19.27
N ALA G 33 -39.55 27.50 20.54
CA ALA G 33 -38.34 28.23 20.90
C ALA G 33 -37.10 27.60 20.28
N ALA G 34 -37.03 26.27 20.27
CA ALA G 34 -35.89 25.59 19.67
C ALA G 34 -35.80 25.87 18.18
N LEU G 35 -36.94 25.83 17.49
CA LEU G 35 -36.95 26.11 16.04
C LEU G 35 -36.54 27.56 15.77
N ALA G 36 -37.03 28.51 16.58
CA ALA G 36 -36.63 29.89 16.42
C ALA G 36 -35.13 30.05 16.65
N ILE G 37 -34.59 29.35 17.64
CA ILE G 37 -33.14 29.38 17.89
C ILE G 37 -32.39 28.84 16.69
N ILE G 38 -32.89 27.76 16.09
CA ILE G 38 -32.25 27.20 14.90
C ILE G 38 -32.22 28.22 13.77
N ILE G 39 -33.34 28.88 13.53
CA ILE G 39 -33.42 29.85 12.43
C ILE G 39 -32.46 31.01 12.68
N VAL G 40 -32.49 31.55 13.90
CA VAL G 40 -31.63 32.67 14.24
C VAL G 40 -30.16 32.28 14.12
N GLY G 41 -29.82 31.08 14.59
CA GLY G 41 -28.45 30.62 14.50
C GLY G 41 -27.99 30.45 13.06
N LEU G 42 -28.85 29.90 12.20
CA LEU G 42 -28.49 29.77 10.79
C LEU G 42 -28.25 31.13 10.15
N ILE G 43 -29.14 32.09 10.43
CA ILE G 43 -29.00 33.41 9.82
C ILE G 43 -27.72 34.09 10.30
N ILE G 44 -27.48 34.05 11.61
CA ILE G 44 -26.29 34.71 12.15
C ILE G 44 -25.02 34.00 11.69
N ALA G 45 -25.07 32.67 11.53
CA ALA G 45 -23.92 31.93 11.04
C ALA G 45 -23.59 32.34 9.62
N ARG G 46 -24.60 32.45 8.76
CA ARG G 46 -24.35 32.87 7.38
C ARG G 46 -23.77 34.28 7.36
N MET G 47 -24.34 35.19 8.15
CA MET G 47 -23.86 36.57 8.18
C MET G 47 -22.41 36.64 8.65
N ILE G 48 -22.09 35.94 9.75
CA ILE G 48 -20.76 36.03 10.32
C ILE G 48 -19.74 35.35 9.40
N SER G 49 -20.15 34.27 8.72
CA SER G 49 -19.26 33.62 7.77
C SER G 49 -18.94 34.54 6.60
N ASN G 50 -19.95 35.23 6.06
CA ASN G 50 -19.69 36.18 5.00
C ASN G 50 -18.78 37.30 5.48
N ALA G 51 -19.03 37.82 6.69
CA ALA G 51 -18.21 38.91 7.21
C ALA G 51 -16.75 38.48 7.40
N VAL G 52 -16.53 37.30 7.98
CA VAL G 52 -15.17 36.86 8.23
C VAL G 52 -14.46 36.53 6.93
N ASN G 53 -15.18 35.98 5.95
CA ASN G 53 -14.58 35.73 4.64
C ASN G 53 -14.14 37.04 4.00
N ARG G 54 -15.00 38.07 4.07
CA ARG G 54 -14.64 39.37 3.51
C ARG G 54 -13.43 39.95 4.23
N LEU G 55 -13.40 39.85 5.56
CA LEU G 55 -12.29 40.40 6.33
C LEU G 55 -10.98 39.70 5.98
N MET G 56 -11.00 38.36 5.91
CA MET G 56 -9.78 37.63 5.57
C MET G 56 -9.33 37.94 4.15
N ILE G 57 -10.27 38.05 3.22
CA ILE G 57 -9.91 38.41 1.84
C ILE G 57 -9.26 39.78 1.81
N SER G 58 -9.80 40.73 2.59
CA SER G 58 -9.19 42.05 2.68
C SER G 58 -7.79 41.98 3.30
N ARG G 59 -7.58 41.06 4.23
CA ARG G 59 -6.27 40.94 4.89
C ARG G 59 -5.33 40.01 4.11
N LYS G 60 -5.18 40.27 2.81
CA LYS G 60 -4.24 39.60 1.91
C LYS G 60 -4.16 38.08 2.08
N ILE G 61 -5.27 37.46 2.44
CA ILE G 61 -5.34 36.00 2.54
C ILE G 61 -5.87 35.44 1.22
N ASP G 62 -5.37 34.28 0.83
CA ASP G 62 -5.79 33.66 -0.43
C ASP G 62 -7.29 33.33 -0.38
N ALA G 63 -7.93 33.43 -1.55
CA ALA G 63 -9.37 33.25 -1.62
C ALA G 63 -9.80 31.84 -1.20
N THR G 64 -9.07 30.82 -1.63
CA THR G 64 -9.48 29.44 -1.35
C THR G 64 -9.42 29.15 0.15
N VAL G 65 -8.32 29.49 0.79
CA VAL G 65 -8.18 29.23 2.23
C VAL G 65 -9.14 30.09 3.02
N ALA G 66 -9.36 31.34 2.58
CA ALA G 66 -10.34 32.19 3.24
C ALA G 66 -11.72 31.59 3.18
N ASP G 67 -12.12 31.08 2.01
CA ASP G 67 -13.41 30.41 1.88
C ASP G 67 -13.47 29.17 2.76
N PHE G 68 -12.36 28.43 2.86
CA PHE G 68 -12.33 27.22 3.67
C PHE G 68 -12.58 27.54 5.14
N LEU G 69 -11.88 28.55 5.67
CA LEU G 69 -12.11 28.94 7.07
C LEU G 69 -13.49 29.57 7.26
N SER G 70 -14.00 30.28 6.26
CA SER G 70 -15.36 30.81 6.38
C SER G 70 -16.38 29.68 6.49
N ALA G 71 -16.23 28.65 5.66
CA ALA G 71 -17.13 27.50 5.74
C ALA G 71 -16.96 26.77 7.06
N LEU G 72 -15.72 26.65 7.55
CA LEU G 72 -15.51 26.02 8.85
C LEU G 72 -16.19 26.80 9.95
N VAL G 73 -16.10 28.12 9.92
CA VAL G 73 -16.74 28.95 10.94
C VAL G 73 -18.25 28.80 10.86
N ARG G 74 -18.81 28.80 9.65
CA ARG G 74 -20.25 28.63 9.49
C ARG G 74 -20.72 27.30 10.03
N TYR G 75 -20.00 26.22 9.69
CA TYR G 75 -20.36 24.90 10.20
C TYR G 75 -20.24 24.83 11.71
N GLY G 76 -19.20 25.44 12.28
CA GLY G 76 -19.08 25.47 13.72
C GLY G 76 -20.24 26.19 14.38
N ILE G 77 -20.60 27.37 13.86
CA ILE G 77 -21.67 28.15 14.48
C ILE G 77 -23.00 27.41 14.36
N ILE G 78 -23.27 26.78 13.22
CA ILE G 78 -24.52 26.02 13.13
C ILE G 78 -24.47 24.82 14.06
N ALA G 79 -23.28 24.25 14.30
CA ALA G 79 -23.16 23.17 15.28
C ALA G 79 -23.51 23.67 16.68
N PHE G 80 -23.00 24.85 17.07
CA PHE G 80 -23.36 25.39 18.37
C PHE G 80 -24.85 25.68 18.44
N THR G 81 -25.43 26.14 17.34
CA THR G 81 -26.87 26.42 17.30
C THR G 81 -27.67 25.14 17.52
N LEU G 82 -27.27 24.05 16.86
CA LEU G 82 -27.93 22.77 17.07
C LEU G 82 -27.77 22.28 18.49
N ILE G 83 -26.58 22.46 19.07
CA ILE G 83 -26.36 22.08 20.46
C ILE G 83 -27.32 22.83 21.37
N ALA G 84 -27.43 24.15 21.19
CA ALA G 84 -28.31 24.94 22.02
C ALA G 84 -29.77 24.55 21.83
N ALA G 85 -30.18 24.31 20.59
CA ALA G 85 -31.57 23.95 20.32
C ALA G 85 -31.93 22.63 20.97
N LEU G 86 -31.07 21.62 20.82
CA LEU G 86 -31.37 20.32 21.42
C LEU G 86 -31.19 20.33 22.93
N GLY G 87 -30.40 21.25 23.47
CA GLY G 87 -30.41 21.47 24.90
C GLY G 87 -31.70 22.08 25.39
N ARG G 88 -32.26 23.02 24.61
CA ARG G 88 -33.58 23.55 24.93
C ARG G 88 -34.64 22.45 24.87
N VAL G 89 -34.53 21.56 23.88
CA VAL G 89 -35.38 20.36 23.84
C VAL G 89 -35.13 19.47 25.04
N GLY G 90 -33.90 19.43 25.55
CA GLY G 90 -33.59 18.64 26.72
C GLY G 90 -33.07 17.25 26.42
N VAL G 91 -32.01 17.17 25.61
CA VAL G 91 -31.45 15.89 25.20
C VAL G 91 -30.06 15.70 25.83
N GLN G 92 -29.83 16.29 26.99
CA GLN G 92 -28.70 16.10 27.88
C GLN G 92 -27.41 16.76 27.35
N THR G 93 -27.41 17.28 26.11
CA THR G 93 -26.31 18.07 25.58
C THR G 93 -25.04 17.24 25.39
N ALA G 94 -25.08 15.97 25.83
CA ALA G 94 -23.93 15.08 25.68
C ALA G 94 -24.15 14.07 24.57
N SER G 95 -25.30 13.39 24.57
CA SER G 95 -25.65 12.56 23.43
C SER G 95 -25.73 13.39 22.16
N VAL G 96 -26.11 14.66 22.27
CA VAL G 96 -26.17 15.53 21.10
C VAL G 96 -24.79 15.72 20.52
N ILE G 97 -23.81 16.09 21.36
CA ILE G 97 -22.48 16.34 20.85
C ILE G 97 -21.86 15.03 20.36
N ALA G 98 -22.22 13.91 20.97
CA ALA G 98 -21.73 12.62 20.48
C ALA G 98 -22.28 12.31 19.10
N VAL G 99 -23.57 12.59 18.87
CA VAL G 99 -24.18 12.33 17.57
C VAL G 99 -23.54 13.22 16.50
N LEU G 100 -23.38 14.52 16.80
CA LEU G 100 -22.72 15.40 15.83
C LEU G 100 -21.27 15.00 15.61
N GLY G 101 -20.59 14.51 16.65
CA GLY G 101 -19.23 14.03 16.45
C GLY G 101 -19.16 12.81 15.54
N ALA G 102 -20.10 11.88 15.71
CA ALA G 102 -20.16 10.72 14.82
C ALA G 102 -20.45 11.14 13.39
N ALA G 103 -21.38 12.09 13.21
CA ALA G 103 -21.69 12.58 11.88
C ALA G 103 -20.47 13.26 11.24
N GLY G 104 -19.76 14.08 12.02
CA GLY G 104 -18.57 14.73 11.50
C GLY G 104 -17.47 13.74 11.17
N LEU G 105 -17.35 12.68 11.98
CA LEU G 105 -16.36 11.63 11.69
C LEU G 105 -16.71 10.91 10.39
N ALA G 106 -17.99 10.61 10.17
CA ALA G 106 -18.41 10.00 8.91
C ALA G 106 -18.12 10.93 7.73
N VAL G 107 -18.43 12.23 7.89
CA VAL G 107 -18.17 13.19 6.82
C VAL G 107 -16.68 13.29 6.53
N GLY G 108 -15.85 13.23 7.58
CA GLY G 108 -14.42 13.26 7.37
C GLY G 108 -13.91 12.04 6.65
N LEU G 109 -14.40 10.86 7.04
CA LEU G 109 -14.03 9.64 6.33
C LEU G 109 -14.47 9.71 4.87
N ALA G 110 -15.59 10.35 4.60
CA ALA G 110 -16.05 10.54 3.23
C ALA G 110 -15.11 11.44 2.45
N LEU G 111 -14.88 12.65 2.95
CA LEU G 111 -14.04 13.63 2.26
C LEU G 111 -12.60 13.15 2.15
N GLN G 112 -11.90 13.07 3.28
CA GLN G 112 -10.50 12.66 3.38
C GLN G 112 -9.69 13.05 2.15
N GLY G 113 -9.82 12.27 1.07
CA GLY G 113 -9.09 12.51 -0.15
C GLY G 113 -9.37 13.87 -0.77
N SER G 114 -10.65 14.28 -0.80
CA SER G 114 -10.98 15.58 -1.37
C SER G 114 -10.37 16.71 -0.55
N LEU G 115 -10.45 16.63 0.77
CA LEU G 115 -9.86 17.67 1.60
C LEU G 115 -8.34 17.71 1.45
N SER G 116 -7.72 16.54 1.35
CA SER G 116 -6.28 16.49 1.09
C SER G 116 -5.94 17.12 -0.26
N ASN G 117 -6.78 16.87 -1.27
CA ASN G 117 -6.58 17.49 -2.57
C ASN G 117 -6.69 19.01 -2.48
N LEU G 118 -7.65 19.50 -1.70
CA LEU G 118 -7.80 20.94 -1.51
C LEU G 118 -6.55 21.54 -0.86
N ALA G 119 -6.05 20.88 0.19
CA ALA G 119 -4.85 21.37 0.84
C ALA G 119 -3.66 21.36 -0.10
N ALA G 120 -3.53 20.29 -0.89
CA ALA G 120 -2.44 20.21 -1.85
C ALA G 120 -2.56 21.31 -2.90
N GLY G 121 -3.79 21.61 -3.34
CA GLY G 121 -3.97 22.70 -4.28
C GLY G 121 -3.58 24.04 -3.70
N VAL G 122 -3.92 24.27 -2.43
CA VAL G 122 -3.50 25.50 -1.76
C VAL G 122 -1.98 25.61 -1.73
N LEU G 123 -1.33 24.50 -1.36
CA LEU G 123 0.14 24.51 -1.33
C LEU G 123 0.72 24.76 -2.71
N LEU G 124 0.15 24.12 -3.73
CA LEU G 124 0.64 24.28 -5.10
C LEU G 124 0.49 25.73 -5.57
N VAL G 125 -0.63 26.36 -5.23
CA VAL G 125 -0.81 27.75 -5.60
C VAL G 125 0.19 28.64 -4.87
N MET G 126 0.37 28.42 -3.57
CA MET G 126 1.17 29.36 -2.78
C MET G 126 2.67 29.22 -3.00
N PHE G 127 3.17 28.00 -3.27
CA PHE G 127 4.57 27.83 -3.65
C PHE G 127 4.81 27.93 -5.16
N ARG G 128 3.76 27.77 -5.98
CA ARG G 128 3.80 27.73 -7.44
C ARG G 128 5.06 27.08 -7.99
N PRO G 129 5.29 25.79 -7.74
CA PRO G 129 6.40 25.12 -8.42
C PRO G 129 6.24 25.11 -9.93
N PHE G 130 5.00 25.10 -10.41
CA PHE G 130 4.71 25.34 -11.82
C PHE G 130 3.56 26.34 -11.91
N ARG G 131 3.34 26.85 -13.12
CA ARG G 131 2.31 27.86 -13.32
C ARG G 131 1.68 27.66 -14.69
N ALA G 132 0.54 28.30 -14.89
CA ALA G 132 -0.22 28.15 -16.12
C ALA G 132 0.61 28.54 -17.33
N GLY G 133 0.56 27.71 -18.38
CA GLY G 133 1.29 27.93 -19.59
C GLY G 133 2.68 27.35 -19.60
N GLU G 134 3.13 26.79 -18.47
CA GLU G 134 4.47 26.22 -18.39
C GLU G 134 4.41 24.71 -18.55
N TYR G 135 5.30 24.17 -19.38
CA TYR G 135 5.27 22.76 -19.76
C TYR G 135 6.04 21.97 -18.72
N VAL G 136 5.34 21.06 -18.03
CA VAL G 136 5.94 20.25 -16.97
C VAL G 136 5.43 18.82 -17.08
N ASP G 137 6.07 17.94 -16.31
CA ASP G 137 5.68 16.54 -16.18
C ASP G 137 5.34 16.28 -14.72
N LEU G 138 4.25 15.56 -14.48
CA LEU G 138 3.80 15.33 -13.12
C LEU G 138 3.63 13.84 -12.81
N GLY G 139 4.63 13.03 -13.13
CA GLY G 139 4.59 11.63 -12.77
C GLY G 139 4.13 10.72 -13.90
N GLY G 140 4.73 10.88 -15.08
CA GLY G 140 4.42 10.05 -16.22
C GLY G 140 3.54 10.71 -17.26
N VAL G 141 2.87 11.79 -16.91
CA VAL G 141 2.03 12.54 -17.84
C VAL G 141 2.57 13.96 -17.94
N ALA G 142 2.93 14.37 -19.16
CA ALA G 142 3.57 15.65 -19.39
C ALA G 142 2.74 16.48 -20.36
N GLY G 143 2.79 17.79 -20.16
CA GLY G 143 2.05 18.71 -21.02
C GLY G 143 2.07 20.11 -20.44
N THR G 144 1.39 21.00 -21.15
CA THR G 144 1.31 22.40 -20.75
C THR G 144 0.21 22.58 -19.73
N VAL G 145 0.54 23.24 -18.61
CA VAL G 145 -0.45 23.46 -17.56
C VAL G 145 -1.41 24.55 -18.00
N LEU G 146 -2.72 24.25 -17.90
CA LEU G 146 -3.75 25.22 -18.23
C LEU G 146 -4.20 26.03 -17.02
N SER G 147 -4.60 25.37 -15.94
CA SER G 147 -5.02 26.06 -14.73
C SER G 147 -4.95 25.07 -13.57
N VAL G 148 -4.95 25.62 -12.36
CA VAL G 148 -4.92 24.82 -11.14
C VAL G 148 -6.18 25.15 -10.35
N GLN G 149 -7.16 24.27 -10.41
CA GLN G 149 -8.39 24.48 -9.65
C GLN G 149 -8.16 24.13 -8.18
N ILE G 150 -9.22 24.29 -7.39
CA ILE G 150 -9.11 24.05 -5.95
C ILE G 150 -8.90 22.58 -5.65
N PHE G 151 -9.49 21.69 -6.43
CA PHE G 151 -9.41 20.26 -6.16
C PHE G 151 -8.51 19.50 -7.13
N SER G 152 -8.32 19.99 -8.34
CA SER G 152 -7.54 19.27 -9.33
C SER G 152 -6.93 20.26 -10.32
N THR G 153 -5.94 19.77 -11.06
CA THR G 153 -5.25 20.57 -12.06
C THR G 153 -5.54 20.01 -13.45
N THR G 154 -5.58 20.90 -14.44
CA THR G 154 -5.84 20.54 -15.83
C THR G 154 -4.57 20.76 -16.64
N MET G 155 -4.30 19.85 -17.57
CA MET G 155 -3.09 19.89 -18.38
C MET G 155 -3.42 19.47 -19.81
N ARG G 156 -2.79 20.16 -20.76
CA ARG G 156 -2.88 19.81 -22.17
C ARG G 156 -1.57 19.18 -22.61
N THR G 157 -1.63 17.92 -23.04
CA THR G 157 -0.45 17.26 -23.56
C THR G 157 -0.13 17.83 -24.95
N ALA G 158 1.13 17.67 -25.37
CA ALA G 158 1.61 18.33 -26.59
C ALA G 158 0.80 17.92 -27.81
N ASP G 159 0.13 16.77 -27.76
CA ASP G 159 -0.68 16.30 -28.87
C ASP G 159 -2.11 16.83 -28.81
N GLY G 160 -2.41 17.74 -27.88
CA GLY G 160 -3.73 18.28 -27.73
C GLY G 160 -4.59 17.54 -26.73
N LYS G 161 -4.00 16.68 -25.91
CA LYS G 161 -4.76 15.83 -25.02
C LYS G 161 -5.31 16.68 -23.87
N ILE G 162 -6.30 16.15 -23.16
CA ILE G 162 -6.79 16.79 -21.94
C ILE G 162 -6.65 15.83 -20.78
N ILE G 163 -5.92 16.25 -19.76
CA ILE G 163 -5.67 15.43 -18.57
C ILE G 163 -6.05 16.26 -17.34
N VAL G 164 -6.82 15.66 -16.44
CA VAL G 164 -7.15 16.25 -15.15
C VAL G 164 -6.60 15.34 -14.08
N ILE G 165 -5.80 15.90 -13.18
CA ILE G 165 -5.12 15.15 -12.13
C ILE G 165 -5.51 15.75 -10.79
N PRO G 166 -5.89 14.95 -9.79
CA PRO G 166 -6.15 15.51 -8.46
C PRO G 166 -4.90 16.14 -7.88
N ASN G 167 -5.09 17.24 -7.15
CA ASN G 167 -3.97 18.00 -6.61
C ASN G 167 -3.19 17.17 -5.59
N GLY G 168 -3.88 16.30 -4.85
CA GLY G 168 -3.19 15.51 -3.84
C GLY G 168 -2.12 14.61 -4.44
N LYS G 169 -2.41 14.03 -5.61
CA LYS G 169 -1.44 13.17 -6.28
C LYS G 169 -0.24 13.98 -6.76
N ILE G 170 -0.48 15.23 -7.15
CA ILE G 170 0.56 16.09 -7.70
C ILE G 170 1.68 16.29 -6.68
N ILE G 171 1.32 16.65 -5.46
CA ILE G 171 2.31 16.93 -4.42
C ILE G 171 2.95 15.66 -3.88
N ALA G 172 2.25 14.52 -3.95
CA ALA G 172 2.82 13.28 -3.46
C ALA G 172 3.98 12.79 -4.30
N GLY G 173 3.87 12.91 -5.63
CA GLY G 173 4.91 12.47 -6.52
C GLY G 173 5.84 13.61 -6.92
N ASN G 174 6.76 13.28 -7.83
CA ASN G 174 7.70 14.27 -8.33
C ASN G 174 6.99 15.28 -9.22
N ILE G 175 7.51 16.50 -9.22
CA ILE G 175 7.05 17.57 -10.10
C ILE G 175 8.19 17.83 -11.07
N ILE G 176 8.09 17.32 -12.28
CA ILE G 176 9.16 17.36 -13.26
C ILE G 176 8.91 18.57 -14.15
N ASN G 177 9.79 19.56 -14.09
CA ASN G 177 9.59 20.84 -14.78
C ASN G 177 10.49 20.86 -16.01
N PHE G 178 9.89 21.17 -17.17
CA PHE G 178 10.65 21.23 -18.41
C PHE G 178 11.05 22.64 -18.78
N SER G 179 10.33 23.66 -18.32
CA SER G 179 10.49 25.02 -18.81
C SER G 179 10.98 26.01 -17.77
N ARG G 180 11.60 25.56 -16.69
CA ARG G 180 12.11 26.50 -15.69
C ARG G 180 13.44 27.08 -16.12
N GLU G 181 14.43 26.24 -16.38
CA GLU G 181 15.72 26.73 -16.87
C GLU G 181 15.56 27.24 -18.29
N PRO G 182 16.13 28.40 -18.62
CA PRO G 182 16.08 28.88 -20.00
C PRO G 182 16.92 28.07 -20.96
N VAL G 183 17.87 27.28 -20.46
CA VAL G 183 18.78 26.51 -21.30
C VAL G 183 18.72 25.05 -20.89
N ARG G 184 18.73 24.16 -21.87
CA ARG G 184 18.68 22.73 -21.63
C ARG G 184 19.67 22.03 -22.55
N ARG G 185 19.86 20.74 -22.32
CA ARG G 185 20.88 19.96 -23.00
C ARG G 185 20.26 18.88 -23.88
N ASN G 186 20.78 18.76 -25.09
CA ASN G 186 20.45 17.65 -25.99
C ASN G 186 21.52 16.58 -25.89
N GLU G 187 21.15 15.36 -26.27
CA GLU G 187 22.07 14.23 -26.25
C GLU G 187 21.84 13.38 -27.49
N PHE G 188 22.88 13.22 -28.29
CA PHE G 188 22.84 12.40 -29.50
C PHE G 188 23.66 11.13 -29.29
N ILE G 189 23.11 10.02 -29.74
CA ILE G 189 23.82 8.74 -29.73
C ILE G 189 23.98 8.32 -31.18
N ILE G 190 25.21 8.27 -31.66
CA ILE G 190 25.50 7.98 -33.06
C ILE G 190 26.27 6.67 -33.13
N GLY G 191 25.73 5.72 -33.90
CA GLY G 191 26.38 4.44 -34.09
C GLY G 191 27.08 4.40 -35.43
N VAL G 192 28.36 4.04 -35.39
CA VAL G 192 29.20 3.99 -36.58
C VAL G 192 29.88 2.63 -36.65
N ALA G 193 30.38 2.30 -37.83
CA ALA G 193 31.05 1.03 -38.04
C ALA G 193 32.35 0.97 -37.24
N TYR G 194 32.77 -0.25 -36.91
CA TYR G 194 33.95 -0.43 -36.06
C TYR G 194 35.22 0.03 -36.76
N ASP G 195 35.28 -0.06 -38.08
CA ASP G 195 36.47 0.36 -38.81
C ASP G 195 36.52 1.86 -39.09
N SER G 196 35.51 2.60 -38.66
CA SER G 196 35.49 4.04 -38.89
C SER G 196 36.63 4.73 -38.12
N ASP G 197 37.17 5.78 -38.73
CA ASP G 197 38.25 6.55 -38.12
C ASP G 197 37.67 7.40 -37.00
N ILE G 198 38.09 7.13 -35.76
CA ILE G 198 37.54 7.84 -34.61
C ILE G 198 37.84 9.33 -34.70
N ASP G 199 39.08 9.68 -35.06
CA ASP G 199 39.45 11.08 -35.14
C ASP G 199 38.62 11.80 -36.19
N GLN G 200 38.40 11.17 -37.34
CA GLN G 200 37.59 11.79 -38.39
C GLN G 200 36.16 12.01 -37.92
N VAL G 201 35.58 11.02 -37.24
CA VAL G 201 34.20 11.15 -36.76
C VAL G 201 34.10 12.29 -35.74
N LYS G 202 35.05 12.34 -34.80
CA LYS G 202 35.01 13.40 -33.79
C LYS G 202 35.19 14.77 -34.43
N GLN G 203 36.10 14.88 -35.41
CA GLN G 203 36.32 16.16 -36.07
C GLN G 203 35.08 16.59 -36.84
N ILE G 204 34.42 15.66 -37.52
CA ILE G 204 33.22 16.00 -38.28
C ILE G 204 32.11 16.45 -37.34
N LEU G 205 31.92 15.73 -36.22
CA LEU G 205 30.88 16.13 -35.27
C LEU G 205 31.19 17.50 -34.67
N THR G 206 32.46 17.76 -34.36
CA THR G 206 32.84 19.07 -33.84
C THR G 206 32.56 20.17 -34.86
N ASN G 207 32.90 19.93 -36.13
CA ASN G 207 32.61 20.91 -37.16
C ASN G 207 31.11 21.15 -37.27
N ILE G 208 30.31 20.10 -37.16
CA ILE G 208 28.86 20.25 -37.25
C ILE G 208 28.34 21.11 -36.10
N ILE G 209 28.81 20.84 -34.88
CA ILE G 209 28.28 21.58 -33.74
C ILE G 209 28.83 23.00 -33.65
N GLN G 210 29.99 23.27 -34.26
CA GLN G 210 30.49 24.65 -34.28
C GLN G 210 29.63 25.53 -35.16
N SER G 211 29.14 25.00 -36.28
CA SER G 211 28.42 25.78 -37.27
C SER G 211 26.97 26.06 -36.87
N GLU G 212 26.51 25.50 -35.76
CA GLU G 212 25.15 25.73 -35.29
C GLU G 212 25.15 26.95 -34.36
N ASP G 213 24.43 28.00 -34.76
CA ASP G 213 24.42 29.23 -34.00
C ASP G 213 23.59 29.13 -32.73
N ARG G 214 22.62 28.22 -32.67
CA ARG G 214 21.75 28.11 -31.51
C ARG G 214 22.35 27.25 -30.41
N ILE G 215 23.54 26.70 -30.61
CA ILE G 215 24.21 25.92 -29.58
C ILE G 215 25.12 26.84 -28.78
N LEU G 216 24.93 26.86 -27.46
CA LEU G 216 25.68 27.74 -26.59
C LEU G 216 27.14 27.30 -26.55
N LYS G 217 28.01 28.11 -27.14
CA LYS G 217 29.44 27.79 -27.16
C LYS G 217 30.10 28.04 -25.81
N ASP G 218 29.49 28.83 -24.94
CA ASP G 218 30.06 29.13 -23.64
C ASP G 218 29.89 28.00 -22.64
N ARG G 219 29.09 26.99 -22.97
CA ARG G 219 28.88 25.83 -22.12
C ARG G 219 29.58 24.62 -22.72
N GLU G 220 29.60 23.53 -21.96
CA GLU G 220 30.30 22.34 -22.40
C GLU G 220 29.65 21.76 -23.65
N MET G 221 30.49 21.30 -24.58
CA MET G 221 30.06 20.68 -25.82
C MET G 221 30.83 19.37 -25.95
N THR G 222 30.26 18.30 -25.40
CA THR G 222 30.96 17.03 -25.32
C THR G 222 30.75 16.23 -26.60
N VAL G 223 31.84 15.87 -27.25
CA VAL G 223 31.82 14.94 -28.38
C VAL G 223 32.89 13.88 -28.15
N ARG G 224 32.50 12.76 -27.55
CA ARG G 224 33.45 11.74 -27.17
C ARG G 224 32.85 10.37 -27.45
N LEU G 225 33.74 9.38 -27.62
CA LEU G 225 33.30 8.00 -27.74
C LEU G 225 32.71 7.53 -26.42
N ASN G 226 31.51 6.96 -26.46
CA ASN G 226 30.78 6.60 -25.25
C ASN G 226 30.94 5.15 -24.84
N GLU G 227 30.67 4.20 -25.73
CA GLU G 227 30.78 2.79 -25.39
C GLU G 227 30.87 1.97 -26.66
N LEU G 228 31.50 0.79 -26.53
CA LEU G 228 31.69 -0.13 -27.65
C LEU G 228 30.48 -1.06 -27.69
N GLY G 229 29.55 -0.77 -28.59
CA GLY G 229 28.33 -1.53 -28.69
C GLY G 229 28.55 -2.89 -29.33
N ALA G 230 27.46 -3.67 -29.37
CA ALA G 230 27.53 -5.02 -29.92
C ALA G 230 27.88 -4.99 -31.40
N SER G 231 27.25 -4.10 -32.16
CA SER G 231 27.48 -4.00 -33.59
C SER G 231 27.94 -2.63 -34.06
N SER G 232 28.04 -1.65 -33.18
CA SER G 232 28.37 -0.29 -33.60
C SER G 232 29.13 0.43 -32.51
N ILE G 233 30.05 1.29 -32.92
CA ILE G 233 30.69 2.22 -32.01
C ILE G 233 29.75 3.39 -31.77
N ASN G 234 29.47 3.68 -30.50
CA ASN G 234 28.49 4.70 -30.14
C ASN G 234 29.21 5.94 -29.63
N PHE G 235 29.02 7.05 -30.34
CA PHE G 235 29.51 8.34 -29.90
C PHE G 235 28.38 9.11 -29.23
N VAL G 236 28.71 9.83 -28.17
CA VAL G 236 27.75 10.66 -27.45
C VAL G 236 28.08 12.13 -27.74
N VAL G 237 27.06 12.89 -28.14
CA VAL G 237 27.19 14.30 -28.40
C VAL G 237 26.22 15.04 -27.48
N ARG G 238 26.75 15.96 -26.68
CA ARG G 238 25.94 16.73 -25.75
C ARG G 238 26.17 18.21 -26.01
N VAL G 239 25.09 18.93 -26.29
CA VAL G 239 25.16 20.36 -26.54
C VAL G 239 24.05 21.03 -25.76
N TRP G 240 24.22 22.31 -25.47
CA TRP G 240 23.24 23.09 -24.72
C TRP G 240 22.65 24.18 -25.60
N SER G 241 21.34 24.38 -25.45
CA SER G 241 20.64 25.39 -26.23
C SER G 241 19.45 25.90 -25.42
N ASN G 242 18.93 27.05 -25.85
CA ASN G 242 17.76 27.61 -25.19
C ASN G 242 16.58 26.66 -25.32
N SER G 243 15.74 26.64 -24.29
CA SER G 243 14.65 25.67 -24.23
C SER G 243 13.71 25.77 -25.42
N GLY G 244 13.56 26.98 -25.98
CA GLY G 244 12.68 27.13 -27.12
C GLY G 244 13.21 26.52 -28.41
N ASP G 245 14.53 26.40 -28.53
CA ASP G 245 15.16 25.91 -29.74
C ASP G 245 15.62 24.45 -29.63
N LEU G 246 15.27 23.76 -28.55
CA LEU G 246 15.84 22.45 -28.29
C LEU G 246 15.49 21.45 -29.41
N GLN G 247 14.21 21.32 -29.72
CA GLN G 247 13.79 20.32 -30.70
C GLN G 247 14.30 20.66 -32.10
N ASN G 248 14.24 21.94 -32.48
CA ASN G 248 14.72 22.33 -33.80
C ASN G 248 16.21 22.07 -33.93
N VAL G 249 16.99 22.39 -32.89
CA VAL G 249 18.42 22.12 -32.91
C VAL G 249 18.66 20.62 -33.03
N TYR G 250 17.90 19.81 -32.27
CA TYR G 250 18.05 18.37 -32.36
C TYR G 250 17.85 17.88 -33.79
N TRP G 251 16.73 18.30 -34.40
CA TRP G 251 16.41 17.83 -35.74
C TRP G 251 17.46 18.29 -36.76
N ASP G 252 17.85 19.56 -36.70
CA ASP G 252 18.81 20.09 -37.66
C ASP G 252 20.16 19.40 -37.51
N VAL G 253 20.63 19.22 -36.28
CA VAL G 253 21.91 18.57 -36.06
C VAL G 253 21.87 17.13 -36.52
N LEU G 254 20.78 16.42 -36.26
CA LEU G 254 20.68 15.03 -36.71
C LEU G 254 20.71 14.95 -38.23
N GLU G 255 19.94 15.81 -38.91
CA GLU G 255 19.91 15.77 -40.37
C GLU G 255 21.28 16.09 -40.95
N ARG G 256 21.96 17.10 -40.39
CA ARG G 256 23.30 17.38 -40.86
C ARG G 256 24.23 16.20 -40.63
N ILE G 257 24.29 15.70 -39.39
CA ILE G 257 25.12 14.54 -39.08
C ILE G 257 24.94 13.46 -40.13
N LYS G 258 23.69 13.17 -40.49
CA LYS G 258 23.43 12.21 -41.55
C LYS G 258 24.06 12.65 -42.87
N ARG G 259 23.89 13.92 -43.24
CA ARG G 259 24.36 14.37 -44.55
C ARG G 259 25.88 14.30 -44.67
N GLU G 260 26.60 14.90 -43.71
CA GLU G 260 28.07 14.84 -43.79
C GLU G 260 28.61 13.44 -43.52
N PHE G 261 27.91 12.59 -42.76
CA PHE G 261 28.37 11.22 -42.62
C PHE G 261 28.24 10.47 -43.93
N ASP G 262 27.16 10.69 -44.67
CA ASP G 262 27.04 10.11 -46.01
C ASP G 262 28.11 10.66 -46.94
N ALA G 263 28.37 11.97 -46.87
CA ALA G 263 29.34 12.58 -47.77
C ALA G 263 30.76 12.08 -47.50
N ALA G 264 31.12 11.93 -46.22
CA ALA G 264 32.48 11.56 -45.87
C ALA G 264 32.75 10.07 -46.00
N GLY G 265 31.75 9.27 -46.31
CA GLY G 265 31.94 7.83 -46.45
C GLY G 265 31.81 7.04 -45.16
N ILE G 266 31.54 7.70 -44.04
CA ILE G 266 31.31 6.99 -42.79
C ILE G 266 29.95 6.32 -42.84
N SER G 267 29.93 5.03 -42.53
CA SER G 267 28.75 4.19 -42.73
C SER G 267 28.07 3.91 -41.39
N PHE G 268 26.75 4.11 -41.36
CA PHE G 268 25.94 3.68 -40.23
C PHE G 268 25.73 2.18 -40.36
N PRO G 269 26.14 1.38 -39.38
CA PRO G 269 26.13 -0.07 -39.57
C PRO G 269 24.78 -0.69 -39.24
N TYR G 270 24.37 -1.63 -40.09
CA TYR G 270 23.25 -2.48 -39.78
C TYR G 270 23.64 -3.48 -38.69
N PRO G 271 22.67 -4.08 -38.02
CA PRO G 271 23.01 -5.13 -37.03
C PRO G 271 23.93 -6.18 -37.60
N GLN G 272 25.14 -6.25 -37.06
CA GLN G 272 26.17 -7.14 -37.57
C GLN G 272 26.01 -8.53 -36.98
N MET G 273 26.35 -9.54 -37.78
CA MET G 273 26.22 -10.93 -37.37
C MET G 273 27.39 -11.71 -37.96
N ASP G 274 27.94 -12.62 -37.17
CA ASP G 274 29.07 -13.45 -37.58
C ASP G 274 28.58 -14.87 -37.71
N VAL G 275 28.75 -15.45 -38.89
CA VAL G 275 28.21 -16.77 -39.21
C VAL G 275 29.36 -17.71 -39.54
N ASN G 276 29.38 -18.88 -38.90
CA ASN G 276 30.33 -19.94 -39.19
C ASN G 276 29.59 -21.12 -39.78
N PHE G 277 30.08 -21.63 -40.91
CA PHE G 277 29.37 -22.66 -41.64
C PHE G 277 29.92 -24.05 -41.32
N LYS G 278 29.01 -25.01 -41.21
CA LYS G 278 29.37 -26.42 -41.11
C LYS G 278 28.34 -27.23 -41.87
N ARG G 279 28.81 -28.31 -42.49
CA ARG G 279 27.97 -29.15 -43.32
C ARG G 279 27.54 -30.39 -42.54
N VAL G 280 26.24 -30.68 -42.59
CA VAL G 280 25.68 -31.83 -41.90
C VAL G 280 24.50 -32.39 -42.67
#